data_9EKB
#
_entry.id   9EKB
#
_cell.length_a   1.00
_cell.length_b   1.00
_cell.length_c   1.00
_cell.angle_alpha   90.00
_cell.angle_beta   90.00
_cell.angle_gamma   90.00
#
_symmetry.space_group_name_H-M   'P 1'
#
loop_
_entity.id
_entity.type
_entity.pdbx_description
1 polymer 'DNA polymerase delta catalytic subunit'
2 polymer 'DNA polymerase delta subunit 2'
3 polymer 'DNA polymerase delta subunit 3'
4 polymer 'DNA polymerase delta subunit 4'
5 non-polymer 'ZINC ION'
6 non-polymer 'IRON/SULFUR CLUSTER'
#
loop_
_entity_poly.entity_id
_entity_poly.type
_entity_poly.pdbx_seq_one_letter_code
_entity_poly.pdbx_strand_id
1 'polypeptide(L)'
;MDGKRRPGPGPGVPPKRARGGLWDDDDAPRPSQFEEDLALMEEMEAEHRLQEQEEEELQSVLEGVADGQVPPSAIDPRWL
RPTPPALDPQTEPLIFQQLEIDHYVGPAQPVPGGPPPSRGSVPVLRAFGVTDEGFSVCCHIHGFAPYFYTPAPPGFGPEH
MGDLQRELNLAISRDSRGGRELTGPAVLAVELCSRESMFGYHGHGPSPFLRITVALPRLVAPARRLLEQGIRVAGLGTPS
FAPYEANVDFEIRFMVDTDIVGCNWLELPAGKYALRLKEKATQCQLEADVLWSDVVSHPPEGPWQRIAPLRVLSFDIECA
GRKGIFPEPERDPVIQICSLGLRWGEPEPFLRLALTLRPCAPILGAKVQSYEKEEDLLQAWSTFIRIMDPDVITGYNIQN
FDLPYLISRAQTLKVQTFPFLGRVAGLCSNIRDSSFQSKQTGRRDTKVVSMVGRVQMDMLQVLLREYKLRSYTLNAVSFH
FLGEQKEDVQHSIITDLQNGNDQTRRRLAVYCLKDAYLPLRLLERLMVLVNAVEMARVTGVPLSYLLSRGQQVKVVSQLL
RQAMHEGLLMPVVKSEGGEDYTGATVIEPLKGYYDVPIATLDFSSLYPSIMMAHNLCYTTLLRPGTAQKLGLTEDQFIRT
PTGDEFVKTSVRKGLLPQILENLLSARKRAKAELAKETDPLRRQVLDGRQLALKVSANSVYGFTGAQVGKLPCLEISQSV
TGFGRQMIEKTKQLVESKYTVENGYSTSAKVVYGDTDSVMCRFGVSSVAEAMALGREAADWVSGHFPSPIRLEFEKVYFP
YLLISKKRYAGLLFSSRPDAHDRMDCKGLEAVRRDNCPLVANLVTASLRRLLIDRDPEGAVAHAQDVISDLLCNRIDISQ
LVITKELTRAASDYAGKQAHVELAERMRKRDPGSAPSLGDRVPYVIISAAKGVAAYMKSEDPLFVLEHSLPIDTQYYLEQ
QLAKPLLRIFEPILGEGRAEAVLLRGDHTRCKTVLTGKVGGLLAFAKRRNCCIGCRTVLSHQGAVCEFCQPRESELYQKE
VSHLNALEERFSRLWTQCQRCQGSLHEDVICTSRDCPIFYMRKKVRKDLEDQEQLLRRFGPPGPEAW
;
A
2 'polypeptide(L)'
;MFSEQAAQRAHTLLSPPSANNATFARVPVATYTNSSQPFRLGERSFSRQYAHIYATRLIQMRPFLENRAQQHWGSGVGVK
KLCELQPEEKCCVVGTLFKAMPLQPSILREVSEEHNLLPQPPRSKYIHPDDELVLEDELQRIKLKGTIDVSKLVTGTVLA
VFGSVRDDGKFLVEDYCFADLAPQKPAPPLDTDRFVLLVSGLGLGGGGGESLLGTQLLVDVVTGQLGDEGEQCSAAHVSR
VILAGNLLSHSTQSRDSINKAKYLTKKTQAASVEAVKMLDEILLQLSASVPVDVMPGEFDPTNYTLPQQPLHPCMFPLAT
AYSTLQLVTNPYQATIDGVRFLGTSGQNVSDIFRYSSMEDHLEILEWTLRVRHISPTAPDTLGCYPFYKTDPFIFPECPH
VYFCGNTPSFGSKIIRGPEDQTVLLVTVPDFSATQTACLVNLRSLACQPISFSGFGAEDDDLGGLGLGP
;
B
3 'polypeptide(L)'
;MADQLYLENIDEFVTDQNKIVTYKWLSYTLGVHVNQAKQMLYDYVERKRKENSGAQLHVTYLVSGSLIQNGHSCHKVAVV
REDKLEAVKSKLAVTASIHVYSIQKAMLKDSGPLFNTDYDILKSNLQNCSKFSAIQCAAAVPRAPAESSSSSKKFEQSHL
HMSSETQANNELTTNGHGPPASKQVSQQPKGIMGMFASKAAAKTQETNKETKTEAKEVTNASAAGNKAPGKGNMMSNFFG
KAAMNKFKVNLDSEQAVKEEKIVEQPTVSVTEPKLATPAGLKKSSKKAEPVKVLQKEKKRGKRVALSDDETKETENMRKK
RRRIKLPESDSSEDEVFPDSPGAYEAESPSPPPPPSPPLEPVPKTEPEPPSVKSSSGENKRKRKRVLKSKTYLDGEGCIV
TEKVYESESCTDSEEELNMKTSSVHRPPAMTVKKEPREERKGPKKGTAALGKANRQVSITGFFQRK
;
C
4 'polypeptide(L)'
;MGRKRLITDSYPVVKRREGPAGHSKGELAPELGEEPQPRDEEEAELELLRQFDLAWQYGPCTGITRLQRWCRAKQMGLEP
PPEVWQVLKTHPGDPRFQCSLWHLYPLEHHHHHH
;
D
#
loop_
_chem_comp.id
_chem_comp.type
_chem_comp.name
_chem_comp.formula
SF4 non-polymer 'IRON/SULFUR CLUSTER' 'Fe4 S4'
ZN non-polymer 'ZINC ION' 'Zn 2'
#
# COMPACT_ATOMS: atom_id res chain seq x y z
N ALA A 39 -12.30 19.89 34.23
CA ALA A 39 -13.52 19.56 34.94
C ALA A 39 -14.18 18.32 34.33
N LEU A 40 -13.52 17.72 33.34
CA LEU A 40 -14.06 16.53 32.70
C LEU A 40 -14.01 15.31 33.62
N MET A 41 -12.98 15.23 34.48
CA MET A 41 -12.83 14.04 35.31
C MET A 41 -13.98 13.89 36.29
N GLU A 42 -14.41 14.99 36.92
CA GLU A 42 -15.48 14.92 37.90
C GLU A 42 -16.80 14.51 37.25
N GLU A 43 -17.12 15.09 36.08
CA GLU A 43 -18.36 14.72 35.41
C GLU A 43 -18.30 13.29 34.88
N MET A 44 -17.11 12.83 34.45
CA MET A 44 -16.97 11.44 34.06
C MET A 44 -17.22 10.51 35.23
N GLU A 45 -16.67 10.85 36.41
CA GLU A 45 -16.92 10.04 37.59
C GLU A 45 -18.40 10.02 37.96
N ALA A 46 -19.06 11.17 37.88
CA ALA A 46 -20.49 11.22 38.18
C ALA A 46 -21.30 10.38 37.19
N GLU A 47 -20.95 10.47 35.90
CA GLU A 47 -21.66 9.69 34.89
C GLU A 47 -21.45 8.20 35.10
N HIS A 48 -20.22 7.80 35.43
CA HIS A 48 -19.96 6.37 35.70
C HIS A 48 -20.70 5.90 36.94
N ARG A 49 -20.77 6.73 37.98
CA ARG A 49 -21.53 6.37 39.17
C ARG A 49 -23.01 6.21 38.84
N LEU A 50 -23.56 7.12 38.05
CA LEU A 50 -24.95 7.00 37.63
C LEU A 50 -25.17 5.74 36.81
N GLN A 51 -24.23 5.42 35.90
CA GLN A 51 -24.34 4.20 35.12
C GLN A 51 -24.32 2.96 36.00
N GLU A 52 -23.43 2.93 36.99
CA GLU A 52 -23.38 1.80 37.91
C GLU A 52 -24.68 1.67 38.70
N GLN A 53 -25.22 2.80 39.18
CA GLN A 53 -26.46 2.75 39.94
C GLN A 53 -27.61 2.26 39.07
N GLU A 54 -27.68 2.71 37.82
CA GLU A 54 -28.70 2.21 36.91
C GLU A 54 -28.53 0.73 36.65
N GLU A 55 -27.29 0.28 36.48
CA GLU A 55 -27.03 -1.14 36.21
C GLU A 55 -27.46 -2.00 37.39
N GLU A 56 -27.22 -1.52 38.61
CA GLU A 56 -27.63 -2.28 39.80
C GLU A 56 -29.15 -2.47 39.83
N GLU A 57 -29.90 -1.44 39.48
CA GLU A 57 -31.36 -1.53 39.51
C GLU A 57 -31.86 -2.44 38.40
N LEU A 58 -32.77 -3.35 38.75
CA LEU A 58 -33.43 -4.26 37.83
C LEU A 58 -32.44 -5.18 37.12
N GLN A 59 -31.23 -5.34 37.64
CA GLN A 59 -30.32 -6.36 37.12
C GLN A 59 -30.77 -7.76 37.51
N SER A 60 -31.68 -7.88 38.46
CA SER A 60 -32.21 -9.18 38.87
C SER A 60 -33.07 -9.74 37.75
N VAL A 61 -32.53 -10.71 37.02
CA VAL A 61 -33.26 -11.31 35.90
C VAL A 61 -34.10 -12.43 36.48
N LEU A 62 -35.25 -12.05 37.02
CA LEU A 62 -36.25 -13.00 37.49
C LEU A 62 -37.60 -12.63 36.88
N GLU A 63 -37.77 -11.34 36.61
CA GLU A 63 -38.91 -10.84 35.85
C GLU A 63 -38.55 -10.54 34.40
N GLY A 64 -37.26 -10.48 34.07
CA GLY A 64 -36.86 -10.28 32.69
C GLY A 64 -37.23 -11.46 31.79
N VAL A 65 -37.27 -12.66 32.35
CA VAL A 65 -37.65 -13.84 31.57
C VAL A 65 -39.14 -13.75 31.24
N ALA A 66 -39.45 -13.69 29.95
CA ALA A 66 -40.82 -13.55 29.50
C ALA A 66 -41.27 -14.60 28.50
N ASP A 67 -40.35 -15.37 27.90
CA ASP A 67 -40.71 -16.39 26.93
C ASP A 67 -41.59 -17.47 27.55
N ALA A 74 -30.83 -29.11 8.16
CA ALA A 74 -30.42 -27.78 7.77
C ALA A 74 -29.34 -27.24 8.72
N ILE A 75 -28.73 -28.13 9.48
CA ILE A 75 -27.70 -27.79 10.46
C ILE A 75 -26.47 -28.63 10.17
N ASP A 76 -25.39 -27.98 9.76
CA ASP A 76 -24.16 -28.69 9.45
C ASP A 76 -23.53 -29.23 10.74
N PRO A 77 -23.02 -30.47 10.72
CA PRO A 77 -22.38 -31.02 11.92
C PRO A 77 -21.14 -30.28 12.37
N ARG A 78 -20.50 -29.49 11.49
CA ARG A 78 -19.28 -28.78 11.88
C ARG A 78 -19.54 -27.77 12.98
N TRP A 79 -20.75 -27.19 13.02
CA TRP A 79 -21.02 -26.12 13.96
C TRP A 79 -20.99 -26.60 15.41
N LEU A 80 -21.52 -27.80 15.66
CA LEU A 80 -21.71 -28.27 17.03
C LEU A 80 -20.40 -28.27 17.81
N ARG A 81 -20.48 -27.85 19.06
CA ARG A 81 -19.36 -28.04 19.98
C ARG A 81 -19.17 -29.53 20.24
N PRO A 82 -17.94 -29.96 20.55
CA PRO A 82 -17.68 -31.39 20.71
C PRO A 82 -18.55 -32.00 21.79
N THR A 83 -18.96 -33.25 21.55
CA THR A 83 -19.91 -33.92 22.42
C THR A 83 -19.29 -34.21 23.78
N PRO A 84 -19.95 -33.83 24.88
CA PRO A 84 -19.38 -34.14 26.20
C PRO A 84 -19.38 -35.64 26.46
N PRO A 85 -18.41 -36.13 27.23
CA PRO A 85 -18.38 -37.58 27.53
C PRO A 85 -19.17 -37.92 28.77
N ALA A 86 -19.17 -39.20 29.15
CA ALA A 86 -19.82 -39.62 30.37
C ALA A 86 -18.98 -39.17 31.58
N LEU A 87 -19.54 -38.28 32.38
CA LEU A 87 -18.85 -37.71 33.53
C LEU A 87 -19.58 -38.10 34.81
N ASP A 88 -18.83 -38.60 35.79
CA ASP A 88 -19.38 -38.97 37.08
C ASP A 88 -18.91 -37.96 38.12
N PRO A 89 -19.80 -37.16 38.72
CA PRO A 89 -19.37 -36.13 39.66
C PRO A 89 -18.98 -36.64 41.04
N GLN A 90 -18.80 -37.94 41.22
CA GLN A 90 -18.39 -38.50 42.51
C GLN A 90 -16.95 -38.98 42.54
N THR A 91 -16.25 -39.00 41.40
CA THR A 91 -14.86 -39.42 41.39
C THR A 91 -13.92 -38.40 40.76
N GLU A 92 -14.36 -37.70 39.72
CA GLU A 92 -13.45 -36.79 39.05
C GLU A 92 -13.85 -35.34 39.27
N PRO A 93 -12.89 -34.42 39.29
CA PRO A 93 -13.20 -33.01 39.48
C PRO A 93 -13.57 -32.35 38.16
N LEU A 94 -13.81 -31.04 38.21
CA LEU A 94 -14.09 -30.24 37.02
C LEU A 94 -13.07 -29.12 36.94
N ILE A 95 -12.47 -28.94 35.77
CA ILE A 95 -11.39 -27.98 35.57
C ILE A 95 -11.72 -27.13 34.36
N PHE A 96 -11.76 -25.82 34.53
CA PHE A 96 -12.06 -24.97 33.38
C PHE A 96 -11.52 -23.56 33.60
N GLN A 97 -11.38 -22.84 32.50
CA GLN A 97 -10.93 -21.45 32.51
C GLN A 97 -12.15 -20.55 32.36
N GLN A 98 -12.33 -19.64 33.31
CA GLN A 98 -13.48 -18.75 33.33
C GLN A 98 -13.13 -17.42 32.67
N LEU A 99 -14.06 -16.87 31.89
CA LEU A 99 -13.83 -15.63 31.16
C LEU A 99 -14.52 -14.44 31.83
N GLU A 100 -15.83 -14.53 32.05
CA GLU A 100 -16.59 -13.42 32.60
C GLU A 100 -17.41 -13.89 33.80
N ILE A 101 -17.55 -13.02 34.79
CA ILE A 101 -18.32 -13.30 36.00
C ILE A 101 -19.32 -12.18 36.20
N ASP A 102 -20.57 -12.54 36.51
CA ASP A 102 -21.59 -11.57 36.87
C ASP A 102 -22.52 -12.22 37.88
N HIS A 103 -23.49 -11.45 38.36
CA HIS A 103 -24.40 -11.92 39.39
C HIS A 103 -25.85 -11.64 39.01
N TYR A 104 -26.74 -12.51 39.48
CA TYR A 104 -28.17 -12.30 39.32
C TYR A 104 -28.85 -12.66 40.64
N VAL A 105 -30.01 -12.08 40.87
CA VAL A 105 -30.77 -12.29 42.10
C VAL A 105 -31.90 -13.28 41.81
N GLY A 106 -32.07 -14.25 42.69
CA GLY A 106 -33.11 -15.24 42.54
C GLY A 106 -33.27 -16.09 43.78
N PRO A 107 -34.27 -16.96 43.80
CA PRO A 107 -34.48 -17.81 44.96
C PRO A 107 -33.34 -18.78 45.17
N ALA A 108 -33.14 -19.18 46.42
CA ALA A 108 -32.04 -20.08 46.76
C ALA A 108 -32.31 -21.48 46.22
N GLN A 109 -31.25 -22.29 46.21
CA GLN A 109 -31.27 -23.63 45.66
C GLN A 109 -30.68 -24.60 46.67
N PRO A 110 -31.05 -25.88 46.61
CA PRO A 110 -30.48 -26.89 47.53
C PRO A 110 -29.13 -27.42 47.09
N VAL A 111 -28.08 -26.64 47.36
CA VAL A 111 -26.72 -27.08 47.07
C VAL A 111 -26.31 -28.13 48.10
N PRO A 112 -25.84 -29.31 47.69
CA PRO A 112 -25.48 -30.34 48.66
C PRO A 112 -24.41 -29.87 49.62
N GLY A 113 -24.58 -30.22 50.90
CA GLY A 113 -23.63 -29.81 51.92
C GLY A 113 -23.46 -28.31 52.02
N GLY A 114 -24.55 -27.55 51.88
CA GLY A 114 -24.48 -26.11 51.88
C GLY A 114 -25.73 -25.44 52.41
N PRO A 115 -26.19 -24.41 51.72
CA PRO A 115 -27.33 -23.64 52.21
C PRO A 115 -28.59 -24.48 52.18
N PRO A 116 -29.55 -24.19 53.06
CA PRO A 116 -30.82 -24.92 53.05
C PRO A 116 -31.64 -24.57 51.81
N PRO A 117 -32.54 -25.46 51.38
CA PRO A 117 -33.35 -25.16 50.19
C PRO A 117 -34.42 -24.11 50.47
N SER A 118 -34.02 -22.84 50.48
CA SER A 118 -34.92 -21.73 50.71
C SER A 118 -35.21 -21.01 49.39
N ARG A 119 -35.95 -19.91 49.49
CA ARG A 119 -36.32 -19.11 48.32
C ARG A 119 -36.01 -17.64 48.49
N GLY A 120 -35.23 -17.28 49.51
CA GLY A 120 -34.96 -15.88 49.76
C GLY A 120 -34.13 -15.24 48.67
N SER A 121 -34.24 -13.90 48.59
CA SER A 121 -33.56 -13.13 47.56
C SER A 121 -32.07 -13.04 47.94
N VAL A 122 -31.36 -14.13 47.67
CA VAL A 122 -29.93 -14.18 47.94
C VAL A 122 -29.17 -14.08 46.63
N PRO A 123 -28.01 -13.42 46.60
CA PRO A 123 -27.26 -13.31 45.35
C PRO A 123 -26.74 -14.65 44.89
N VAL A 124 -26.64 -14.80 43.58
CA VAL A 124 -26.07 -15.99 42.95
C VAL A 124 -25.06 -15.53 41.91
N LEU A 125 -23.85 -16.06 41.98
CA LEU A 125 -22.80 -15.72 41.02
C LEU A 125 -22.76 -16.74 39.90
N ARG A 126 -22.43 -16.27 38.70
CA ARG A 126 -22.32 -17.12 37.54
C ARG A 126 -20.94 -16.96 36.91
N ALA A 127 -20.36 -18.07 36.47
CA ALA A 127 -19.05 -18.07 35.83
C ALA A 127 -19.14 -18.87 34.55
N PHE A 128 -18.91 -18.20 33.42
CA PHE A 128 -18.92 -18.85 32.12
C PHE A 128 -17.49 -19.06 31.65
N GLY A 129 -17.24 -20.21 31.04
CA GLY A 129 -15.88 -20.50 30.63
C GLY A 129 -15.79 -21.70 29.73
N VAL A 130 -14.55 -22.11 29.48
CA VAL A 130 -14.23 -23.16 28.53
C VAL A 130 -13.43 -24.25 29.25
N THR A 131 -13.76 -25.50 28.97
CA THR A 131 -13.02 -26.63 29.49
C THR A 131 -11.80 -26.89 28.60
N ASP A 132 -11.08 -27.97 28.90
CA ASP A 132 -9.90 -28.29 28.10
C ASP A 132 -10.29 -28.81 26.72
N GLU A 133 -11.30 -29.68 26.65
CA GLU A 133 -11.70 -30.27 25.38
C GLU A 133 -12.56 -29.34 24.52
N GLY A 134 -13.06 -28.24 25.08
CA GLY A 134 -13.84 -27.29 24.32
C GLY A 134 -15.28 -27.15 24.76
N PHE A 135 -15.74 -27.90 25.75
CA PHE A 135 -17.11 -27.79 26.20
C PHE A 135 -17.32 -26.46 26.92
N SER A 136 -18.38 -25.74 26.56
CA SER A 136 -18.74 -24.56 27.33
C SER A 136 -19.24 -24.98 28.70
N VAL A 137 -18.81 -24.28 29.74
CA VAL A 137 -19.16 -24.62 31.11
C VAL A 137 -19.72 -23.38 31.79
N CYS A 138 -20.92 -23.51 32.34
CA CYS A 138 -21.56 -22.45 33.12
C CYS A 138 -21.71 -22.94 34.55
N CYS A 139 -21.18 -22.17 35.50
CA CYS A 139 -21.14 -22.57 36.90
C CYS A 139 -21.92 -21.58 37.74
N HIS A 140 -22.68 -22.12 38.69
CA HIS A 140 -23.47 -21.33 39.64
C HIS A 140 -22.84 -21.45 41.02
N ILE A 141 -22.65 -20.31 41.68
CA ILE A 141 -22.04 -20.23 42.99
C ILE A 141 -23.02 -19.52 43.92
N HIS A 142 -23.27 -20.12 45.09
CA HIS A 142 -24.30 -19.65 46.00
C HIS A 142 -23.67 -19.17 47.30
N GLY A 143 -24.51 -18.54 48.14
CA GLY A 143 -24.15 -18.22 49.50
C GLY A 143 -23.05 -17.20 49.69
N PHE A 144 -23.04 -16.13 48.89
CA PHE A 144 -22.12 -15.02 49.10
C PHE A 144 -22.92 -13.72 49.14
N ALA A 145 -22.64 -12.89 50.13
CA ALA A 145 -23.38 -11.65 50.32
C ALA A 145 -22.41 -10.50 50.54
N PRO A 146 -22.76 -9.30 50.08
CA PRO A 146 -21.87 -8.15 50.25
C PRO A 146 -21.81 -7.70 51.70
N TYR A 147 -20.72 -7.02 52.04
CA TYR A 147 -20.49 -6.53 53.38
C TYR A 147 -19.55 -5.34 53.33
N PHE A 148 -19.62 -4.51 54.36
CA PHE A 148 -18.69 -3.39 54.48
C PHE A 148 -18.38 -3.16 55.96
N TYR A 149 -17.63 -2.11 56.25
CA TYR A 149 -17.09 -1.87 57.58
C TYR A 149 -17.46 -0.48 58.08
N THR A 150 -17.49 -0.35 59.40
CA THR A 150 -17.67 0.92 60.09
C THR A 150 -16.75 0.97 61.29
N PRO A 151 -16.32 2.16 61.70
CA PRO A 151 -15.49 2.28 62.91
C PRO A 151 -16.32 2.10 64.17
N ALA A 152 -15.65 1.71 65.24
CA ALA A 152 -16.32 1.50 66.52
C ALA A 152 -16.46 2.82 67.26
N PRO A 153 -17.67 3.28 67.56
CA PRO A 153 -17.83 4.51 68.34
C PRO A 153 -17.37 4.31 69.76
N PRO A 154 -17.03 5.38 70.47
CA PRO A 154 -16.57 5.23 71.86
C PRO A 154 -17.64 4.61 72.74
N GLY A 155 -17.20 3.76 73.67
CA GLY A 155 -18.08 3.12 74.61
C GLY A 155 -18.90 1.98 74.05
N PHE A 156 -18.63 1.55 72.83
CA PHE A 156 -19.42 0.49 72.21
C PHE A 156 -19.11 -0.86 72.85
N GLY A 157 -20.14 -1.67 73.03
CA GLY A 157 -19.99 -3.00 73.59
C GLY A 157 -20.75 -4.03 72.80
N PRO A 158 -20.40 -5.31 72.99
CA PRO A 158 -21.07 -6.37 72.23
C PRO A 158 -22.57 -6.44 72.48
N GLU A 159 -23.03 -6.12 73.70
CA GLU A 159 -24.44 -6.25 74.03
C GLU A 159 -25.32 -5.37 73.14
N HIS A 160 -24.80 -4.22 72.71
CA HIS A 160 -25.57 -3.35 71.82
C HIS A 160 -25.65 -3.88 70.41
N MET A 161 -24.69 -4.72 69.99
CA MET A 161 -24.57 -5.14 68.60
C MET A 161 -25.90 -5.58 68.02
N GLY A 162 -26.49 -6.63 68.59
CA GLY A 162 -27.75 -7.12 68.07
C GLY A 162 -28.82 -6.05 68.05
N ASP A 163 -28.91 -5.26 69.11
CA ASP A 163 -29.86 -4.16 69.14
C ASP A 163 -29.66 -3.25 67.94
N LEU A 164 -28.40 -2.86 67.69
CA LEU A 164 -28.10 -2.05 66.51
C LEU A 164 -28.65 -2.71 65.26
N GLN A 165 -28.40 -4.02 65.11
CA GLN A 165 -28.93 -4.75 63.96
C GLN A 165 -30.42 -4.52 63.82
N ARG A 166 -31.16 -4.71 64.92
CA ARG A 166 -32.61 -4.50 64.89
C ARG A 166 -32.92 -3.11 64.36
N GLU A 167 -32.26 -2.09 64.88
CA GLU A 167 -32.52 -0.72 64.44
C GLU A 167 -32.24 -0.58 62.96
N LEU A 168 -31.13 -1.16 62.49
CA LEU A 168 -30.86 -1.12 61.06
C LEU A 168 -31.91 -1.89 60.28
N ASN A 169 -32.36 -3.03 60.83
CA ASN A 169 -33.47 -3.74 60.22
C ASN A 169 -34.72 -2.87 60.20
N LEU A 170 -34.87 -2.00 61.19
CA LEU A 170 -35.99 -1.07 61.18
C LEU A 170 -35.81 0.01 60.12
N ALA A 171 -34.56 0.37 59.81
CA ALA A 171 -34.28 1.52 58.95
C ALA A 171 -34.87 1.35 57.55
N ILE A 172 -34.36 0.37 56.80
CA ILE A 172 -34.78 0.20 55.41
C ILE A 172 -36.28 -0.08 55.34
N SER A 173 -36.80 -0.85 56.29
CA SER A 173 -38.23 -1.09 56.34
C SER A 173 -38.99 0.22 56.58
N ARG A 174 -38.50 1.04 57.51
CA ARG A 174 -39.16 2.33 57.76
C ARG A 174 -38.88 3.32 56.65
N ASP A 175 -37.65 3.34 56.14
CA ASP A 175 -37.26 4.29 55.10
C ASP A 175 -37.82 3.82 53.75
N SER A 176 -38.80 4.55 53.23
CA SER A 176 -39.38 4.21 51.94
C SER A 176 -38.37 4.32 50.81
N ARG A 177 -37.30 5.09 51.00
CA ARG A 177 -36.26 5.19 49.99
C ARG A 177 -35.58 3.84 49.77
N GLY A 178 -35.27 3.54 48.52
CA GLY A 178 -34.70 2.27 48.16
C GLY A 178 -35.55 1.50 47.18
N GLY A 179 -36.57 2.16 46.64
CA GLY A 179 -37.49 1.55 45.70
C GLY A 179 -38.66 0.82 46.33
N ARG A 180 -38.73 0.75 47.66
CA ARG A 180 -39.80 0.06 48.38
C ARG A 180 -39.91 -1.40 47.93
N GLU A 181 -38.76 -2.04 47.74
CA GLU A 181 -38.69 -3.44 47.32
C GLU A 181 -37.89 -4.21 48.38
N LEU A 182 -38.61 -4.88 49.28
CA LEU A 182 -37.98 -5.65 50.34
C LEU A 182 -38.83 -6.87 50.62
N THR A 183 -38.19 -7.95 51.07
CA THR A 183 -38.87 -9.20 51.39
C THR A 183 -38.79 -9.55 52.86
N GLY A 184 -37.58 -9.65 53.41
CA GLY A 184 -37.40 -10.02 54.79
C GLY A 184 -36.41 -9.13 55.52
N PRO A 185 -35.41 -9.74 56.14
CA PRO A 185 -34.41 -8.95 56.86
C PRO A 185 -33.56 -8.11 55.92
N ALA A 186 -33.05 -7.00 56.44
CA ALA A 186 -32.20 -6.11 55.68
C ALA A 186 -30.72 -6.26 55.98
N VAL A 187 -30.38 -6.72 57.19
CA VAL A 187 -28.99 -6.95 57.58
C VAL A 187 -28.87 -8.41 57.99
N LEU A 188 -28.02 -9.15 57.29
CA LEU A 188 -27.84 -10.56 57.63
C LEU A 188 -27.01 -10.74 58.89
N ALA A 189 -25.92 -9.97 59.03
CA ALA A 189 -25.03 -10.20 60.16
C ALA A 189 -24.30 -8.92 60.55
N VAL A 190 -23.97 -8.83 61.84
CA VAL A 190 -23.12 -7.78 62.39
C VAL A 190 -22.05 -8.47 63.22
N GLU A 191 -20.78 -8.20 62.89
CA GLU A 191 -19.65 -8.84 63.56
C GLU A 191 -18.66 -7.79 64.01
N LEU A 192 -17.84 -8.16 64.99
CA LEU A 192 -16.81 -7.28 65.51
C LEU A 192 -15.44 -7.87 65.20
N CYS A 193 -14.58 -7.08 64.56
CA CYS A 193 -13.23 -7.51 64.20
C CYS A 193 -12.23 -6.44 64.63
N SER A 194 -10.96 -6.68 64.36
CA SER A 194 -9.88 -5.77 64.73
C SER A 194 -9.15 -5.34 63.46
N ARG A 195 -9.26 -4.05 63.11
CA ARG A 195 -8.66 -3.52 61.90
C ARG A 195 -8.06 -2.16 62.19
N GLU A 196 -7.19 -1.71 61.30
CA GLU A 196 -6.59 -0.37 61.39
C GLU A 196 -6.66 0.29 60.02
N SER A 197 -6.97 1.59 60.02
CA SER A 197 -7.07 2.33 58.78
C SER A 197 -5.73 2.44 58.09
N MET A 198 -5.76 2.49 56.75
CA MET A 198 -4.54 2.61 55.97
C MET A 198 -4.10 4.05 55.76
N PHE A 199 -4.92 5.03 56.14
CA PHE A 199 -4.61 6.43 55.87
C PHE A 199 -3.89 7.01 57.08
N GLY A 200 -2.64 7.43 56.86
CA GLY A 200 -1.85 8.03 57.92
C GLY A 200 -1.20 7.00 58.82
N TYR A 201 -0.39 7.50 59.74
CA TYR A 201 0.32 6.68 60.72
C TYR A 201 -0.13 7.11 62.11
N HIS A 202 -1.01 6.32 62.73
CA HIS A 202 -1.48 6.62 64.07
C HIS A 202 -0.60 5.98 65.14
N GLY A 203 -0.12 4.76 64.91
CA GLY A 203 0.77 4.11 65.83
C GLY A 203 0.14 3.59 67.09
N HIS A 204 -1.19 3.61 67.19
CA HIS A 204 -1.90 3.14 68.36
C HIS A 204 -2.36 1.69 68.23
N GLY A 205 -1.99 1.03 67.14
CA GLY A 205 -2.32 -0.37 66.94
C GLY A 205 -3.70 -0.56 66.34
N PRO A 206 -4.07 -1.83 66.14
CA PRO A 206 -5.41 -2.12 65.60
C PRO A 206 -6.51 -1.69 66.57
N SER A 207 -7.65 -1.35 66.00
CA SER A 207 -8.81 -0.87 66.75
C SER A 207 -10.03 -1.67 66.36
N PRO A 208 -11.05 -1.72 67.23
CA PRO A 208 -12.27 -2.47 66.90
C PRO A 208 -13.01 -1.84 65.71
N PHE A 209 -13.58 -2.72 64.89
CA PHE A 209 -14.39 -2.32 63.75
C PHE A 209 -15.60 -3.23 63.66
N LEU A 210 -16.67 -2.72 63.05
CA LEU A 210 -17.91 -3.46 62.87
C LEU A 210 -18.06 -3.83 61.41
N ARG A 211 -18.19 -5.12 61.13
CA ARG A 211 -18.44 -5.60 59.78
C ARG A 211 -19.92 -5.92 59.64
N ILE A 212 -20.58 -5.27 58.68
CA ILE A 212 -22.01 -5.41 58.47
C ILE A 212 -22.21 -6.10 57.13
N THR A 213 -22.94 -7.21 57.15
CA THR A 213 -23.23 -8.02 55.96
C THR A 213 -24.73 -7.97 55.70
N VAL A 214 -25.10 -7.51 54.50
CA VAL A 214 -26.49 -7.36 54.11
C VAL A 214 -26.82 -8.37 53.02
N ALA A 215 -28.11 -8.65 52.86
CA ALA A 215 -28.55 -9.74 51.99
C ALA A 215 -28.33 -9.39 50.51
N LEU A 216 -28.77 -8.21 50.08
CA LEU A 216 -28.75 -7.91 48.67
C LEU A 216 -27.62 -6.93 48.33
N PRO A 217 -27.08 -7.00 47.10
CA PRO A 217 -26.04 -6.04 46.70
C PRO A 217 -26.55 -4.62 46.63
N ARG A 218 -27.69 -4.42 45.96
CA ARG A 218 -28.22 -3.08 45.75
C ARG A 218 -28.62 -2.40 47.06
N LEU A 219 -28.75 -3.14 48.16
CA LEU A 219 -29.05 -2.54 49.44
C LEU A 219 -27.81 -1.96 50.13
N VAL A 220 -26.63 -2.17 49.57
CA VAL A 220 -25.41 -1.61 50.17
C VAL A 220 -25.45 -0.08 50.12
N ALA A 221 -25.83 0.47 48.97
CA ALA A 221 -25.82 1.93 48.82
C ALA A 221 -26.75 2.65 49.78
N PRO A 222 -28.02 2.26 49.93
CA PRO A 222 -28.90 3.04 50.83
C PRO A 222 -28.45 3.02 52.28
N ALA A 223 -28.28 1.84 52.87
CA ALA A 223 -27.98 1.74 54.29
C ALA A 223 -26.70 2.51 54.63
N ARG A 224 -25.67 2.38 53.80
CA ARG A 224 -24.43 3.12 53.99
C ARG A 224 -24.71 4.61 54.18
N ARG A 225 -25.55 5.18 53.32
CA ARG A 225 -25.88 6.60 53.45
C ARG A 225 -26.50 6.90 54.80
N LEU A 226 -27.41 6.03 55.27
CA LEU A 226 -28.01 6.24 56.57
C LEU A 226 -26.97 6.24 57.68
N LEU A 227 -25.90 5.46 57.52
CA LEU A 227 -24.86 5.44 58.53
C LEU A 227 -24.12 6.76 58.65
N GLU A 228 -24.17 7.60 57.62
CA GLU A 228 -23.61 8.94 57.75
C GLU A 228 -24.52 9.86 58.55
N GLN A 229 -25.81 9.57 58.58
CA GLN A 229 -26.77 10.44 59.28
C GLN A 229 -26.87 10.13 60.77
N GLY A 230 -26.20 9.10 61.25
CA GLY A 230 -26.34 8.73 62.65
C GLY A 230 -27.60 7.94 62.90
N ILE A 231 -27.53 6.93 63.76
CA ILE A 231 -28.67 6.06 64.04
C ILE A 231 -28.96 6.11 65.53
N ARG A 232 -30.24 6.30 65.87
CA ARG A 232 -30.66 6.38 67.27
C ARG A 232 -30.61 5.01 67.91
N VAL A 233 -29.64 4.81 68.80
CA VAL A 233 -29.48 3.57 69.55
C VAL A 233 -29.59 3.91 71.03
N ALA A 234 -30.43 3.17 71.75
CA ALA A 234 -30.64 3.44 73.16
C ALA A 234 -29.34 3.28 73.94
N GLY A 235 -29.06 4.23 74.81
CA GLY A 235 -27.84 4.26 75.59
C GLY A 235 -26.67 4.90 74.87
N LEU A 236 -26.49 4.59 73.59
CA LEU A 236 -25.42 5.16 72.79
C LEU A 236 -25.79 6.49 72.16
N GLY A 237 -27.04 6.92 72.29
CA GLY A 237 -27.44 8.22 71.75
C GLY A 237 -27.78 8.10 70.29
N THR A 238 -27.17 8.97 69.47
CA THR A 238 -27.33 8.93 68.02
C THR A 238 -25.95 9.02 67.38
N PRO A 239 -25.15 7.97 67.48
CA PRO A 239 -23.80 8.00 66.90
C PRO A 239 -23.85 7.89 65.38
N SER A 240 -22.70 8.16 64.77
CA SER A 240 -22.53 8.10 63.33
C SER A 240 -21.43 7.11 62.99
N PHE A 241 -21.51 6.54 61.79
CA PHE A 241 -20.54 5.55 61.32
C PHE A 241 -20.00 5.98 59.97
N ALA A 242 -18.68 6.06 59.87
CA ALA A 242 -18.03 6.43 58.62
C ALA A 242 -17.97 5.23 57.69
N PRO A 243 -18.42 5.35 56.45
CA PRO A 243 -18.35 4.20 55.53
C PRO A 243 -16.92 3.81 55.21
N TYR A 244 -16.73 2.51 54.98
CA TYR A 244 -15.43 1.96 54.60
C TYR A 244 -15.66 0.90 53.53
N GLU A 245 -15.05 1.10 52.35
CA GLU A 245 -15.15 0.16 51.25
C GLU A 245 -16.60 -0.10 50.87
N ALA A 246 -17.42 0.96 50.89
CA ALA A 246 -18.84 0.85 50.58
C ALA A 246 -19.14 1.07 49.11
N ASN A 247 -18.12 1.27 48.28
CA ASN A 247 -18.30 1.50 46.85
C ASN A 247 -17.47 0.53 46.03
N VAL A 248 -17.51 -0.75 46.40
CA VAL A 248 -16.76 -1.81 45.73
C VAL A 248 -17.77 -2.79 45.14
N ASP A 249 -17.59 -3.13 43.87
CA ASP A 249 -18.53 -4.01 43.18
C ASP A 249 -18.55 -5.39 43.83
N PHE A 250 -19.70 -6.06 43.73
CA PHE A 250 -19.86 -7.37 44.34
C PHE A 250 -18.91 -8.39 43.71
N GLU A 251 -18.77 -8.36 42.38
CA GLU A 251 -17.88 -9.31 41.70
C GLU A 251 -16.44 -9.11 42.14
N ILE A 252 -15.99 -7.85 42.23
CA ILE A 252 -14.63 -7.58 42.67
C ILE A 252 -14.44 -8.03 44.11
N ARG A 253 -15.45 -7.84 44.95
CA ARG A 253 -15.35 -8.29 46.34
C ARG A 253 -15.21 -9.80 46.42
N PHE A 254 -15.98 -10.53 45.60
CA PHE A 254 -15.82 -11.98 45.58
C PHE A 254 -14.44 -12.39 45.07
N MET A 255 -13.96 -11.72 44.03
CA MET A 255 -12.65 -12.08 43.48
C MET A 255 -11.54 -11.84 44.50
N VAL A 256 -11.65 -10.77 45.28
CA VAL A 256 -10.66 -10.51 46.32
C VAL A 256 -10.78 -11.53 47.45
N ASP A 257 -12.00 -11.84 47.87
CA ASP A 257 -12.19 -12.70 49.03
C ASP A 257 -11.76 -14.14 48.75
N THR A 258 -12.12 -14.69 47.59
CA THR A 258 -11.80 -16.06 47.25
C THR A 258 -10.52 -16.20 46.43
N ASP A 259 -9.82 -15.09 46.18
CA ASP A 259 -8.53 -15.10 45.50
C ASP A 259 -8.64 -15.73 44.11
N ILE A 260 -9.43 -15.09 43.25
CA ILE A 260 -9.60 -15.52 41.87
C ILE A 260 -9.28 -14.32 40.98
N VAL A 261 -8.32 -14.50 40.07
CA VAL A 261 -7.93 -13.46 39.14
C VAL A 261 -8.62 -13.72 37.81
N GLY A 262 -8.79 -12.66 37.02
CA GLY A 262 -9.51 -12.79 35.76
C GLY A 262 -8.78 -13.69 34.79
N CYS A 263 -9.55 -14.54 34.10
CA CYS A 263 -9.04 -15.48 33.10
C CYS A 263 -8.02 -16.44 33.71
N ASN A 264 -8.31 -16.93 34.91
CA ASN A 264 -7.49 -17.95 35.56
C ASN A 264 -8.28 -19.23 35.73
N TRP A 265 -7.55 -20.32 35.96
CA TRP A 265 -8.15 -21.65 35.96
C TRP A 265 -8.79 -21.97 37.30
N LEU A 266 -9.94 -22.62 37.25
CA LEU A 266 -10.70 -23.00 38.43
C LEU A 266 -10.89 -24.51 38.43
N GLU A 267 -10.89 -25.08 39.63
CA GLU A 267 -11.12 -26.49 39.86
C GLU A 267 -12.21 -26.65 40.91
N LEU A 268 -13.25 -27.40 40.56
CA LEU A 268 -14.28 -27.82 41.50
C LEU A 268 -14.00 -29.26 41.89
N PRO A 269 -13.72 -29.54 43.16
CA PRO A 269 -13.29 -30.89 43.55
C PRO A 269 -14.42 -31.89 43.43
N ALA A 270 -14.04 -33.16 43.24
CA ALA A 270 -15.02 -34.22 43.16
C ALA A 270 -15.75 -34.39 44.49
N GLY A 271 -17.06 -34.58 44.41
CA GLY A 271 -17.87 -34.79 45.58
C GLY A 271 -18.26 -33.53 46.33
N LYS A 272 -17.82 -32.37 45.88
CA LYS A 272 -18.10 -31.10 46.55
C LYS A 272 -19.16 -30.27 45.84
N TYR A 273 -19.72 -30.76 44.72
CA TYR A 273 -20.64 -29.98 43.92
C TYR A 273 -21.80 -30.87 43.48
N ALA A 274 -22.70 -30.29 42.69
CA ALA A 274 -23.81 -31.01 42.11
C ALA A 274 -23.95 -30.66 40.64
N LEU A 275 -24.43 -31.62 39.86
CA LEU A 275 -24.58 -31.44 38.41
C LEU A 275 -26.06 -31.44 38.07
N ARG A 276 -26.50 -30.41 37.36
CA ARG A 276 -27.90 -30.28 36.97
C ARG A 276 -28.20 -31.19 35.78
N LEU A 277 -29.25 -31.99 35.91
CA LEU A 277 -29.67 -32.88 34.85
C LEU A 277 -30.94 -32.41 34.13
N LYS A 278 -31.76 -31.60 34.78
CA LYS A 278 -32.97 -31.04 34.18
C LYS A 278 -33.07 -29.57 34.53
N GLU A 279 -33.81 -28.84 33.68
CA GLU A 279 -34.08 -27.42 33.90
C GLU A 279 -32.80 -26.60 33.95
N LYS A 280 -32.06 -26.64 32.85
CA LYS A 280 -30.87 -25.81 32.70
C LYS A 280 -31.29 -24.40 32.31
N ALA A 281 -31.05 -23.43 33.19
CA ALA A 281 -31.43 -22.06 32.89
C ALA A 281 -30.62 -21.47 31.75
N THR A 282 -29.42 -22.00 31.49
CA THR A 282 -28.54 -21.50 30.45
C THR A 282 -28.45 -22.51 29.30
N GLN A 283 -27.80 -22.08 28.22
CA GLN A 283 -27.65 -22.88 27.02
C GLN A 283 -26.35 -23.67 26.97
N CYS A 284 -25.57 -23.65 28.05
CA CYS A 284 -24.28 -24.32 28.03
C CYS A 284 -24.45 -25.82 28.31
N GLN A 285 -23.40 -26.57 27.98
CA GLN A 285 -23.47 -28.03 28.05
C GLN A 285 -23.36 -28.56 29.47
N LEU A 286 -22.62 -27.90 30.35
CA LEU A 286 -22.45 -28.33 31.72
C LEU A 286 -22.84 -27.22 32.67
N GLU A 287 -23.77 -27.51 33.59
CA GLU A 287 -24.14 -26.60 34.65
C GLU A 287 -23.84 -27.27 35.98
N ALA A 288 -23.03 -26.60 36.81
CA ALA A 288 -22.64 -27.14 38.10
C ALA A 288 -22.99 -26.15 39.20
N ASP A 289 -23.45 -26.67 40.33
CA ASP A 289 -23.75 -25.86 41.51
C ASP A 289 -22.76 -26.21 42.61
N VAL A 290 -22.09 -25.20 43.13
CA VAL A 290 -21.04 -25.40 44.13
C VAL A 290 -20.99 -24.20 45.05
N LEU A 291 -20.73 -24.46 46.33
CA LEU A 291 -20.59 -23.39 47.32
C LEU A 291 -19.32 -22.60 47.06
N TRP A 292 -19.28 -21.38 47.62
CA TRP A 292 -18.17 -20.46 47.34
C TRP A 292 -16.91 -20.77 48.13
N SER A 293 -16.98 -21.64 49.14
CA SER A 293 -15.82 -21.95 49.95
C SER A 293 -15.05 -23.18 49.45
N ASP A 294 -15.50 -23.81 48.36
CA ASP A 294 -14.83 -24.98 47.83
C ASP A 294 -14.22 -24.77 46.45
N VAL A 295 -14.59 -23.68 45.76
CA VAL A 295 -14.01 -23.40 44.45
C VAL A 295 -12.52 -23.12 44.62
N VAL A 296 -11.68 -23.95 44.03
CA VAL A 296 -10.24 -23.81 44.15
C VAL A 296 -9.72 -23.06 42.93
N SER A 297 -8.88 -22.06 43.15
CA SER A 297 -8.32 -21.26 42.07
C SER A 297 -6.84 -21.57 41.91
N HIS A 298 -6.41 -21.76 40.66
CA HIS A 298 -5.01 -22.02 40.40
C HIS A 298 -4.37 -20.80 39.78
N PRO A 299 -3.37 -20.19 40.42
CA PRO A 299 -2.75 -19.00 39.85
C PRO A 299 -2.04 -19.33 38.54
N PRO A 300 -2.01 -18.40 37.59
CA PRO A 300 -1.35 -18.65 36.30
C PRO A 300 0.17 -18.47 36.36
N GLU A 301 0.85 -19.44 36.96
CA GLU A 301 2.31 -19.44 37.04
C GLU A 301 2.81 -20.84 36.69
N GLY A 302 3.28 -21.01 35.46
CA GLY A 302 3.85 -22.25 35.02
C GLY A 302 2.90 -23.07 34.16
N PRO A 303 2.71 -24.34 34.53
CA PRO A 303 1.90 -25.23 33.69
C PRO A 303 0.46 -24.80 33.55
N TRP A 304 -0.06 -23.96 34.46
CA TRP A 304 -1.40 -23.43 34.36
C TRP A 304 -1.44 -22.08 33.66
N GLN A 305 -0.49 -21.79 32.77
CA GLN A 305 -0.49 -20.56 32.00
C GLN A 305 -1.06 -20.74 30.60
N ARG A 306 -1.56 -21.93 30.27
CA ARG A 306 -2.08 -22.15 28.93
C ARG A 306 -3.45 -21.48 28.76
N ILE A 307 -3.86 -21.36 27.50
CA ILE A 307 -5.12 -20.73 27.13
C ILE A 307 -6.02 -21.77 26.47
N ALA A 308 -7.25 -21.89 26.95
CA ALA A 308 -8.19 -22.85 26.41
C ALA A 308 -8.54 -22.50 24.97
N PRO A 309 -9.02 -23.48 24.18
CA PRO A 309 -9.39 -23.19 22.79
C PRO A 309 -10.67 -22.37 22.69
N LEU A 310 -10.54 -21.06 22.83
CA LEU A 310 -11.68 -20.15 22.70
C LEU A 310 -12.19 -20.13 21.27
N ARG A 311 -13.42 -19.67 21.11
CA ARG A 311 -14.04 -19.47 19.80
C ARG A 311 -14.26 -17.99 19.57
N VAL A 312 -13.78 -17.48 18.44
CA VAL A 312 -13.90 -16.08 18.09
C VAL A 312 -14.70 -15.99 16.79
N LEU A 313 -15.74 -15.16 16.79
CA LEU A 313 -16.59 -14.98 15.62
C LEU A 313 -16.53 -13.52 15.19
N SER A 314 -16.07 -13.29 13.97
CA SER A 314 -16.09 -11.96 13.37
C SER A 314 -17.24 -11.89 12.38
N PHE A 315 -18.12 -10.91 12.55
CA PHE A 315 -19.33 -10.86 11.75
C PHE A 315 -19.56 -9.46 11.20
N ASP A 316 -20.24 -9.40 10.06
CA ASP A 316 -20.51 -8.12 9.39
C ASP A 316 -21.79 -8.24 8.57
N ILE A 317 -22.36 -7.08 8.23
CA ILE A 317 -23.61 -7.01 7.48
C ILE A 317 -23.45 -6.06 6.30
N GLU A 318 -24.37 -6.19 5.35
CA GLU A 318 -24.45 -5.33 4.18
C GLU A 318 -25.92 -5.10 3.85
N CYS A 319 -26.29 -3.84 3.68
CA CYS A 319 -27.67 -3.42 3.49
C CYS A 319 -27.82 -2.62 2.21
N ALA A 320 -29.04 -2.61 1.67
CA ALA A 320 -29.35 -1.91 0.42
C ALA A 320 -30.30 -0.76 0.74
N GLY A 321 -29.74 0.40 1.06
CA GLY A 321 -30.53 1.56 1.37
C GLY A 321 -30.96 2.35 0.15
N ARG A 322 -31.77 3.38 0.40
CA ARG A 322 -32.24 4.24 -0.67
C ARG A 322 -31.10 5.13 -1.19
N LYS A 323 -31.33 5.71 -2.36
CA LYS A 323 -30.30 6.53 -3.00
C LYS A 323 -30.14 7.85 -2.28
N GLY A 324 -28.91 8.15 -1.88
CA GLY A 324 -28.57 9.44 -1.30
C GLY A 324 -28.96 9.64 0.13
N ILE A 325 -29.51 8.62 0.79
CA ILE A 325 -29.95 8.72 2.17
C ILE A 325 -29.23 7.65 2.99
N PHE A 326 -28.74 8.04 4.16
CA PHE A 326 -28.06 7.09 5.02
C PHE A 326 -29.02 5.96 5.40
N PRO A 327 -28.54 4.71 5.47
CA PRO A 327 -29.44 3.60 5.75
C PRO A 327 -30.18 3.77 7.08
N GLU A 328 -31.44 3.38 7.08
CA GLU A 328 -32.30 3.46 8.25
C GLU A 328 -32.94 2.10 8.52
N PRO A 329 -33.23 1.79 9.79
CA PRO A 329 -33.74 0.45 10.10
C PRO A 329 -35.21 0.25 9.75
N GLU A 330 -35.99 1.31 9.58
CA GLU A 330 -37.42 1.13 9.36
C GLU A 330 -37.71 0.57 7.98
N ARG A 331 -37.07 1.11 6.95
CA ARG A 331 -37.44 0.80 5.58
C ARG A 331 -36.35 0.10 4.77
N ASP A 332 -35.08 0.30 5.10
CA ASP A 332 -34.01 -0.29 4.32
C ASP A 332 -33.75 -1.72 4.77
N PRO A 333 -33.89 -2.71 3.90
CA PRO A 333 -33.68 -4.11 4.30
C PRO A 333 -32.21 -4.46 4.44
N VAL A 334 -31.96 -5.61 5.07
CA VAL A 334 -30.63 -6.17 5.20
C VAL A 334 -30.52 -7.32 4.20
N ILE A 335 -29.52 -7.28 3.34
CA ILE A 335 -29.40 -8.25 2.26
C ILE A 335 -28.34 -9.31 2.54
N GLN A 336 -27.17 -8.93 3.06
CA GLN A 336 -26.11 -9.91 3.24
C GLN A 336 -25.60 -9.89 4.68
N ILE A 337 -25.30 -11.07 5.21
CA ILE A 337 -24.68 -11.21 6.51
C ILE A 337 -23.55 -12.22 6.38
N CYS A 338 -22.34 -11.82 6.74
CA CYS A 338 -21.17 -12.67 6.61
C CYS A 338 -20.54 -12.93 7.98
N SER A 339 -20.01 -14.13 8.15
CA SER A 339 -19.47 -14.55 9.44
C SER A 339 -18.25 -15.44 9.22
N LEU A 340 -17.28 -15.31 10.12
CA LEU A 340 -16.11 -16.17 10.12
C LEU A 340 -15.81 -16.59 11.56
N GLY A 341 -15.80 -17.89 11.81
CA GLY A 341 -15.53 -18.44 13.13
C GLY A 341 -14.18 -19.13 13.15
N LEU A 342 -13.46 -18.95 14.25
CA LEU A 342 -12.08 -19.40 14.39
C LEU A 342 -11.85 -19.92 15.80
N ARG A 343 -11.29 -21.14 15.90
CA ARG A 343 -10.81 -21.64 17.18
C ARG A 343 -9.48 -20.98 17.50
N TRP A 344 -9.34 -20.48 18.72
CA TRP A 344 -8.12 -19.77 19.07
C TRP A 344 -6.95 -20.74 19.16
N GLY A 345 -5.84 -20.39 18.50
CA GLY A 345 -4.68 -21.25 18.43
C GLY A 345 -4.36 -21.67 17.01
N GLU A 346 -5.39 -21.99 16.24
CA GLU A 346 -5.19 -22.36 14.85
C GLU A 346 -4.80 -21.14 14.02
N PRO A 347 -4.04 -21.32 12.95
CA PRO A 347 -3.66 -20.19 12.11
C PRO A 347 -4.70 -19.82 11.05
N GLU A 348 -5.75 -20.60 10.89
CA GLU A 348 -6.74 -20.34 9.86
C GLU A 348 -8.15 -20.42 10.43
N PRO A 349 -9.08 -19.62 9.90
CA PRO A 349 -10.47 -19.75 10.33
C PRO A 349 -11.03 -21.12 10.02
N PHE A 350 -11.80 -21.67 10.96
CA PHE A 350 -12.36 -23.00 10.79
C PHE A 350 -13.78 -22.98 10.25
N LEU A 351 -14.40 -21.81 10.09
CA LEU A 351 -15.74 -21.75 9.54
C LEU A 351 -15.94 -20.43 8.78
N ARG A 352 -16.31 -20.52 7.52
CA ARG A 352 -16.73 -19.37 6.74
C ARG A 352 -18.21 -19.50 6.42
N LEU A 353 -18.94 -18.39 6.42
CA LEU A 353 -20.36 -18.44 6.09
C LEU A 353 -20.80 -17.10 5.53
N ALA A 354 -21.70 -17.14 4.56
CA ALA A 354 -22.23 -15.92 3.95
C ALA A 354 -23.69 -16.17 3.58
N LEU A 355 -24.62 -15.57 4.31
CA LEU A 355 -26.04 -15.72 4.06
C LEU A 355 -26.53 -14.50 3.30
N THR A 356 -27.07 -14.72 2.10
CA THR A 356 -27.50 -13.63 1.23
C THR A 356 -28.95 -13.82 0.83
N LEU A 357 -29.66 -12.70 0.73
CA LEU A 357 -31.01 -12.70 0.17
C LEU A 357 -30.95 -12.96 -1.33
N ARG A 358 -31.99 -13.63 -1.85
CA ARG A 358 -32.11 -14.05 -3.25
C ARG A 358 -31.06 -15.10 -3.59
N PRO A 359 -31.29 -15.89 -4.64
CA PRO A 359 -30.30 -16.91 -5.02
C PRO A 359 -28.94 -16.29 -5.35
N CYS A 360 -27.89 -17.03 -4.98
CA CYS A 360 -26.52 -16.57 -5.17
C CYS A 360 -25.69 -17.67 -5.81
N ALA A 361 -24.64 -17.27 -6.53
CA ALA A 361 -23.75 -18.22 -7.19
C ALA A 361 -22.84 -18.89 -6.17
N PRO A 362 -22.44 -20.14 -6.43
CA PRO A 362 -21.61 -20.86 -5.46
C PRO A 362 -20.22 -20.24 -5.32
N ILE A 363 -19.63 -20.43 -4.14
CA ILE A 363 -18.31 -19.93 -3.81
C ILE A 363 -17.42 -21.10 -3.43
N LEU A 364 -16.19 -21.10 -3.93
CA LEU A 364 -15.21 -22.13 -3.59
C LEU A 364 -14.46 -21.71 -2.33
N GLY A 365 -14.50 -22.58 -1.32
CA GLY A 365 -13.86 -22.30 -0.05
C GLY A 365 -14.77 -21.81 1.06
N ALA A 366 -16.08 -21.79 0.84
CA ALA A 366 -17.04 -21.34 1.85
C ALA A 366 -18.38 -22.00 1.57
N LYS A 367 -19.42 -21.52 2.23
CA LYS A 367 -20.77 -22.02 2.03
C LYS A 367 -21.72 -20.84 1.85
N VAL A 368 -22.65 -20.98 0.91
CA VAL A 368 -23.59 -19.92 0.57
C VAL A 368 -25.01 -20.48 0.66
N GLN A 369 -25.88 -19.76 1.37
CA GLN A 369 -27.28 -20.11 1.48
C GLN A 369 -28.13 -18.98 0.93
N SER A 370 -29.25 -19.34 0.30
CA SER A 370 -30.15 -18.38 -0.32
C SER A 370 -31.52 -18.47 0.35
N TYR A 371 -31.95 -17.36 0.93
CA TYR A 371 -33.25 -17.27 1.60
C TYR A 371 -34.14 -16.32 0.83
N GLU A 372 -35.39 -16.73 0.61
CA GLU A 372 -36.31 -15.91 -0.17
C GLU A 372 -36.73 -14.66 0.59
N LYS A 373 -37.12 -14.81 1.86
CA LYS A 373 -37.69 -13.73 2.64
C LYS A 373 -36.77 -13.38 3.80
N GLU A 374 -36.68 -12.07 4.09
CA GLU A 374 -35.67 -11.58 5.03
C GLU A 374 -35.90 -12.09 6.44
N GLU A 375 -37.15 -12.35 6.82
CA GLU A 375 -37.43 -12.87 8.14
C GLU A 375 -36.75 -14.21 8.37
N ASP A 376 -36.82 -15.09 7.37
CA ASP A 376 -36.12 -16.36 7.47
C ASP A 376 -34.62 -16.17 7.57
N LEU A 377 -34.08 -15.18 6.84
CA LEU A 377 -32.66 -14.90 6.93
C LEU A 377 -32.26 -14.51 8.35
N LEU A 378 -33.01 -13.59 8.96
CA LEU A 378 -32.67 -13.16 10.32
C LEU A 378 -32.80 -14.30 11.31
N GLN A 379 -33.88 -15.09 11.22
CA GLN A 379 -34.04 -16.18 12.18
C GLN A 379 -32.97 -17.25 11.98
N ALA A 380 -32.57 -17.50 10.73
CA ALA A 380 -31.51 -18.46 10.48
C ALA A 380 -30.18 -17.98 11.07
N TRP A 381 -29.89 -16.67 10.94
CA TRP A 381 -28.66 -16.17 11.55
C TRP A 381 -28.71 -16.27 13.07
N SER A 382 -29.88 -16.01 13.67
CA SER A 382 -29.99 -16.17 15.12
C SER A 382 -29.77 -17.62 15.54
N THR A 383 -30.35 -18.57 14.80
CA THR A 383 -30.14 -19.98 15.12
C THR A 383 -28.68 -20.37 14.96
N PHE A 384 -28.01 -19.85 13.94
CA PHE A 384 -26.59 -20.11 13.78
C PHE A 384 -25.78 -19.58 14.94
N ILE A 385 -26.09 -18.37 15.40
CA ILE A 385 -25.36 -17.80 16.53
C ILE A 385 -25.62 -18.62 17.80
N ARG A 386 -26.83 -19.14 17.95
CA ARG A 386 -27.11 -19.96 19.13
C ARG A 386 -26.36 -21.29 19.08
N ILE A 387 -26.35 -21.94 17.92
CA ILE A 387 -25.78 -23.29 17.82
C ILE A 387 -24.26 -23.25 17.87
N MET A 388 -23.64 -22.33 17.11
CA MET A 388 -22.18 -22.23 17.16
C MET A 388 -21.70 -21.84 18.55
N ASP A 389 -22.39 -20.88 19.17
CA ASP A 389 -22.14 -20.44 20.54
C ASP A 389 -20.72 -19.92 20.72
N PRO A 390 -20.35 -18.83 20.05
CA PRO A 390 -19.01 -18.29 20.20
C PRO A 390 -18.84 -17.61 21.55
N ASP A 391 -17.59 -17.56 22.00
CA ASP A 391 -17.26 -16.95 23.29
C ASP A 391 -16.63 -15.57 23.15
N VAL A 392 -16.19 -15.18 21.97
CA VAL A 392 -15.77 -13.80 21.71
C VAL A 392 -16.40 -13.36 20.40
N ILE A 393 -17.02 -12.17 20.39
CA ILE A 393 -17.68 -11.64 19.22
C ILE A 393 -17.00 -10.34 18.82
N THR A 394 -16.72 -10.18 17.53
CA THR A 394 -16.02 -9.01 17.06
C THR A 394 -16.39 -8.72 15.60
N GLY A 395 -15.80 -7.65 15.07
CA GLY A 395 -16.06 -7.17 13.74
C GLY A 395 -15.40 -5.81 13.56
N TYR A 396 -16.15 -4.83 13.07
CA TYR A 396 -15.67 -3.46 13.06
C TYR A 396 -16.85 -2.52 13.21
N ASN A 397 -16.83 -1.70 14.25
CA ASN A 397 -17.92 -0.77 14.56
C ASN A 397 -19.25 -1.51 14.71
N ILE A 398 -19.20 -2.68 15.34
CA ILE A 398 -20.42 -3.47 15.53
C ILE A 398 -21.20 -3.04 16.76
N GLN A 399 -20.57 -2.32 17.69
CA GLN A 399 -21.28 -1.87 18.88
C GLN A 399 -22.20 -0.70 18.60
N ASN A 400 -21.92 0.07 17.54
CA ASN A 400 -22.66 1.30 17.26
C ASN A 400 -23.59 1.19 16.06
N PHE A 401 -23.31 0.33 15.10
CA PHE A 401 -24.08 0.34 13.86
C PHE A 401 -24.66 -1.02 13.49
N ASP A 402 -23.99 -2.11 13.85
CA ASP A 402 -24.43 -3.42 13.37
C ASP A 402 -25.55 -3.99 14.23
N LEU A 403 -25.27 -4.26 15.50
CA LEU A 403 -26.25 -4.91 16.37
C LEU A 403 -27.50 -4.05 16.58
N PRO A 404 -27.41 -2.75 16.88
CA PRO A 404 -28.65 -1.98 17.00
C PRO A 404 -29.48 -1.99 15.73
N TYR A 405 -28.83 -1.92 14.57
CA TYR A 405 -29.57 -1.96 13.32
C TYR A 405 -30.27 -3.30 13.13
N LEU A 406 -29.56 -4.39 13.41
CA LEU A 406 -30.18 -5.71 13.26
C LEU A 406 -31.35 -5.88 14.22
N ILE A 407 -31.21 -5.44 15.46
CA ILE A 407 -32.28 -5.63 16.44
C ILE A 407 -33.48 -4.75 16.07
N SER A 408 -33.23 -3.51 15.63
CA SER A 408 -34.33 -2.65 15.20
C SER A 408 -35.07 -3.24 14.01
N ARG A 409 -34.32 -3.76 13.03
CA ARG A 409 -34.95 -4.39 11.88
C ARG A 409 -35.76 -5.61 12.29
N ALA A 410 -35.23 -6.41 13.22
CA ALA A 410 -35.97 -7.57 13.69
C ALA A 410 -37.26 -7.16 14.39
N GLN A 411 -37.21 -6.10 15.19
CA GLN A 411 -38.43 -5.60 15.83
C GLN A 411 -39.43 -5.12 14.78
N THR A 412 -38.95 -4.41 13.76
CA THR A 412 -39.87 -3.87 12.75
C THR A 412 -40.52 -4.97 11.93
N LEU A 413 -39.76 -6.00 11.55
CA LEU A 413 -40.30 -7.09 10.74
C LEU A 413 -41.12 -8.07 11.55
N LYS A 414 -41.20 -7.91 12.86
CA LYS A 414 -42.01 -8.76 13.75
C LYS A 414 -41.50 -10.20 13.75
N VAL A 415 -40.18 -10.35 13.88
CA VAL A 415 -39.54 -11.63 14.11
C VAL A 415 -39.24 -11.69 15.61
N GLN A 416 -40.05 -12.43 16.35
CA GLN A 416 -40.00 -12.35 17.81
C GLN A 416 -38.79 -13.07 18.41
N THR A 417 -38.29 -14.11 17.76
CA THR A 417 -37.27 -14.95 18.37
C THR A 417 -35.84 -14.54 18.03
N PHE A 418 -35.66 -13.48 17.24
CA PHE A 418 -34.30 -13.02 16.94
C PHE A 418 -33.55 -12.50 18.17
N PRO A 419 -34.12 -11.65 19.03
CA PRO A 419 -33.31 -10.99 20.06
C PRO A 419 -32.63 -11.95 21.04
N PHE A 420 -33.08 -13.20 21.14
CA PHE A 420 -32.50 -14.10 22.14
C PHE A 420 -31.11 -14.54 21.73
N LEU A 421 -30.10 -13.73 22.06
CA LEU A 421 -28.71 -14.03 21.71
C LEU A 421 -27.86 -14.46 22.90
N GLY A 422 -28.22 -14.06 24.12
CA GLY A 422 -27.41 -14.40 25.27
C GLY A 422 -27.51 -15.87 25.63
N ARG A 423 -26.55 -16.30 26.44
CA ARG A 423 -26.54 -17.68 26.92
C ARG A 423 -27.64 -17.96 27.94
N VAL A 424 -28.31 -16.94 28.44
CA VAL A 424 -29.40 -17.12 29.38
C VAL A 424 -30.70 -17.21 28.59
N ALA A 425 -31.45 -18.29 28.82
CA ALA A 425 -32.72 -18.46 28.11
C ALA A 425 -33.73 -17.42 28.55
N GLY A 426 -34.46 -16.87 27.58
CA GLY A 426 -35.48 -15.89 27.88
C GLY A 426 -34.97 -14.51 28.25
N LEU A 427 -33.77 -14.15 27.81
CA LEU A 427 -33.19 -12.83 28.09
C LEU A 427 -33.18 -12.03 26.79
N CYS A 428 -34.18 -11.16 26.64
CA CYS A 428 -34.23 -10.28 25.48
C CYS A 428 -33.07 -9.29 25.52
N SER A 429 -32.38 -9.13 24.40
CA SER A 429 -31.31 -8.14 24.32
C SER A 429 -31.89 -6.74 24.42
N ASN A 430 -31.21 -5.89 25.20
CA ASN A 430 -31.67 -4.54 25.47
C ASN A 430 -30.63 -3.55 24.97
N ILE A 431 -31.07 -2.58 24.18
CA ILE A 431 -30.20 -1.54 23.66
C ILE A 431 -30.22 -0.36 24.63
N ARG A 432 -29.05 0.10 25.03
CA ARG A 432 -28.91 1.26 25.90
C ARG A 432 -28.05 2.30 25.20
N ASP A 433 -28.09 3.53 25.70
CA ASP A 433 -27.28 4.62 25.17
C ASP A 433 -26.29 5.07 26.23
N SER A 434 -25.06 5.36 25.81
CA SER A 434 -24.04 5.83 26.73
C SER A 434 -23.02 6.64 25.93
N SER A 435 -22.06 7.23 26.65
CA SER A 435 -21.06 8.06 26.01
C SER A 435 -19.77 8.00 26.80
N PHE A 436 -18.66 8.26 26.10
CA PHE A 436 -17.35 8.39 26.73
C PHE A 436 -16.65 9.58 26.11
N GLN A 437 -16.22 10.52 26.95
CA GLN A 437 -15.66 11.78 26.48
C GLN A 437 -14.35 12.07 27.18
N SER A 438 -13.37 12.53 26.42
CA SER A 438 -12.08 12.97 26.95
C SER A 438 -11.47 13.97 25.99
N LYS A 439 -10.69 14.90 26.54
CA LYS A 439 -10.11 15.98 25.75
C LYS A 439 -9.06 15.50 24.76
N GLN A 440 -8.59 14.26 24.88
CA GLN A 440 -7.59 13.72 23.98
C GLN A 440 -8.17 12.78 22.93
N THR A 441 -9.04 11.85 23.33
CA THR A 441 -9.64 10.90 22.41
C THR A 441 -10.98 11.38 21.85
N GLY A 442 -11.43 12.58 22.20
CA GLY A 442 -12.68 13.10 21.68
C GLY A 442 -13.89 12.62 22.46
N ARG A 443 -15.05 12.77 21.84
CA ARG A 443 -16.32 12.39 22.43
C ARG A 443 -16.96 11.31 21.57
N ARG A 444 -17.48 10.27 22.21
CA ARG A 444 -18.16 9.18 21.53
C ARG A 444 -19.51 8.95 22.18
N ASP A 445 -20.56 8.95 21.38
CA ASP A 445 -21.93 8.69 21.85
C ASP A 445 -22.40 7.40 21.18
N THR A 446 -22.38 6.31 21.92
CA THR A 446 -22.58 4.98 21.35
C THR A 446 -23.68 4.23 22.07
N LYS A 447 -24.37 3.38 21.31
CA LYS A 447 -25.27 2.40 21.91
C LYS A 447 -24.47 1.21 22.42
N VAL A 448 -25.04 0.54 23.41
CA VAL A 448 -24.46 -0.66 24.00
C VAL A 448 -25.51 -1.75 24.03
N VAL A 449 -25.15 -2.95 23.58
CA VAL A 449 -26.04 -4.09 23.53
C VAL A 449 -25.63 -5.06 24.62
N SER A 450 -26.62 -5.53 25.38
CA SER A 450 -26.36 -6.45 26.49
C SER A 450 -26.47 -7.88 26.01
N MET A 451 -25.37 -8.63 26.10
CA MET A 451 -25.33 -10.05 25.74
C MET A 451 -24.64 -10.78 26.90
N VAL A 452 -25.43 -11.47 27.71
CA VAL A 452 -24.89 -12.14 28.89
C VAL A 452 -24.28 -13.46 28.48
N GLY A 453 -23.01 -13.66 28.79
CA GLY A 453 -22.30 -14.89 28.48
C GLY A 453 -21.27 -14.77 27.38
N ARG A 454 -21.22 -13.65 26.67
CA ARG A 454 -20.27 -13.45 25.59
C ARG A 454 -19.54 -12.14 25.80
N VAL A 455 -18.31 -12.09 25.29
CA VAL A 455 -17.45 -10.91 25.40
C VAL A 455 -17.35 -10.28 24.01
N GLN A 456 -17.68 -9.00 23.92
CA GLN A 456 -17.60 -8.25 22.68
C GLN A 456 -16.32 -7.45 22.65
N MET A 457 -15.60 -7.52 21.53
CA MET A 457 -14.39 -6.72 21.34
C MET A 457 -14.51 -6.02 19.98
N ASP A 458 -15.15 -4.86 19.98
CA ASP A 458 -15.24 -4.05 18.77
C ASP A 458 -13.90 -3.37 18.54
N MET A 459 -13.28 -3.66 17.39
CA MET A 459 -11.92 -3.20 17.14
C MET A 459 -11.82 -1.67 17.14
N LEU A 460 -12.91 -0.99 16.77
CA LEU A 460 -12.89 0.47 16.77
C LEU A 460 -12.66 1.02 18.18
N GLN A 461 -13.35 0.44 19.17
CA GLN A 461 -13.18 0.89 20.55
C GLN A 461 -11.75 0.65 21.03
N VAL A 462 -11.20 -0.52 20.72
CA VAL A 462 -9.83 -0.83 21.14
C VAL A 462 -8.84 0.14 20.50
N LEU A 463 -9.00 0.42 19.20
CA LEU A 463 -8.11 1.36 18.54
C LEU A 463 -8.25 2.76 19.12
N LEU A 464 -9.47 3.17 19.44
CA LEU A 464 -9.68 4.50 20.03
C LEU A 464 -9.01 4.60 21.39
N ARG A 465 -9.13 3.55 22.21
CA ARG A 465 -8.63 3.62 23.58
C ARG A 465 -7.18 3.18 23.74
N GLU A 466 -6.53 2.71 22.67
CA GLU A 466 -5.15 2.29 22.77
C GLU A 466 -4.24 2.89 21.69
N TYR A 467 -4.76 3.74 20.82
CA TYR A 467 -3.94 4.32 19.75
C TYR A 467 -4.44 5.72 19.42
N LYS A 468 -3.58 6.48 18.75
CA LYS A 468 -3.93 7.80 18.24
C LYS A 468 -3.54 7.86 16.77
N LEU A 469 -4.54 8.06 15.91
CA LEU A 469 -4.32 8.08 14.46
C LEU A 469 -5.05 9.28 13.86
N ARG A 470 -4.59 9.68 12.68
CA ARG A 470 -5.24 10.78 11.98
C ARG A 470 -6.67 10.41 11.59
N SER A 471 -6.86 9.21 11.05
CA SER A 471 -8.16 8.75 10.61
C SER A 471 -8.41 7.35 11.17
N TYR A 472 -9.61 7.13 11.69
CA TYR A 472 -9.99 5.84 12.26
C TYR A 472 -10.85 5.02 11.32
N THR A 473 -10.98 5.43 10.07
CA THR A 473 -11.76 4.66 9.11
C THR A 473 -11.06 3.34 8.81
N LEU A 474 -11.85 2.35 8.39
CA LEU A 474 -11.33 1.01 8.19
C LEU A 474 -10.25 0.99 7.10
N ASN A 475 -10.46 1.74 6.01
CA ASN A 475 -9.49 1.75 4.92
C ASN A 475 -8.15 2.30 5.38
N ALA A 476 -8.18 3.43 6.10
CA ALA A 476 -6.93 4.04 6.57
C ALA A 476 -6.22 3.13 7.56
N VAL A 477 -6.97 2.50 8.47
CA VAL A 477 -6.37 1.59 9.44
C VAL A 477 -5.71 0.42 8.73
N SER A 478 -6.41 -0.17 7.76
CA SER A 478 -5.84 -1.29 7.02
C SER A 478 -4.56 -0.87 6.29
N PHE A 479 -4.59 0.30 5.64
CA PHE A 479 -3.40 0.74 4.92
C PHE A 479 -2.24 1.01 5.87
N HIS A 480 -2.52 1.58 7.04
CA HIS A 480 -1.45 1.92 7.97
C HIS A 480 -0.86 0.68 8.61
N PHE A 481 -1.69 -0.31 8.95
CA PHE A 481 -1.20 -1.45 9.73
C PHE A 481 -0.69 -2.59 8.85
N LEU A 482 -1.35 -2.86 7.72
CA LEU A 482 -0.96 -3.98 6.88
C LEU A 482 -0.40 -3.56 5.53
N GLY A 483 -0.45 -2.28 5.18
CA GLY A 483 0.08 -1.81 3.93
C GLY A 483 -0.82 -2.00 2.73
N GLU A 484 -2.01 -2.56 2.92
CA GLU A 484 -2.97 -2.78 1.84
C GLU A 484 -4.10 -1.77 1.96
N GLN A 485 -4.37 -1.05 0.87
CA GLN A 485 -5.48 -0.12 0.81
C GLN A 485 -6.66 -0.84 0.17
N LYS A 486 -7.77 -0.93 0.89
CA LYS A 486 -8.90 -1.72 0.43
C LYS A 486 -9.81 -0.89 -0.47
N GLU A 487 -10.69 -1.60 -1.17
CA GLU A 487 -11.59 -0.98 -2.13
C GLU A 487 -12.82 -0.41 -1.43
N ASP A 488 -13.29 0.73 -1.90
CA ASP A 488 -14.49 1.39 -1.38
C ASP A 488 -15.57 1.40 -2.45
N VAL A 489 -16.82 1.23 -2.03
CA VAL A 489 -17.96 1.16 -2.93
C VAL A 489 -19.07 2.07 -2.40
N GLN A 490 -19.67 2.84 -3.31
CA GLN A 490 -20.82 3.65 -2.93
C GLN A 490 -22.03 2.76 -2.66
N HIS A 491 -23.01 3.32 -1.95
CA HIS A 491 -24.22 2.57 -1.65
C HIS A 491 -25.15 2.42 -2.84
N SER A 492 -25.18 3.42 -3.73
CA SER A 492 -26.00 3.31 -4.94
C SER A 492 -25.51 2.16 -5.83
N ILE A 493 -24.19 1.99 -5.91
CA ILE A 493 -23.65 0.89 -6.70
C ILE A 493 -24.06 -0.45 -6.09
N ILE A 494 -24.03 -0.56 -4.77
CA ILE A 494 -24.47 -1.79 -4.11
C ILE A 494 -25.94 -2.05 -4.38
N THR A 495 -26.76 -1.01 -4.30
CA THR A 495 -28.18 -1.16 -4.60
C THR A 495 -28.40 -1.64 -6.03
N ASP A 496 -27.64 -1.10 -6.97
CA ASP A 496 -27.74 -1.57 -8.36
C ASP A 496 -27.31 -3.03 -8.48
N LEU A 497 -26.23 -3.41 -7.80
CA LEU A 497 -25.77 -4.80 -7.86
C LEU A 497 -26.80 -5.74 -7.24
N GLN A 498 -27.59 -5.25 -6.29
CA GLN A 498 -28.60 -6.10 -5.65
C GLN A 498 -29.64 -6.58 -6.65
N ASN A 499 -30.04 -5.72 -7.58
CA ASN A 499 -31.05 -6.07 -8.57
C ASN A 499 -30.47 -6.77 -9.79
N GLY A 500 -29.17 -7.04 -9.81
CA GLY A 500 -28.54 -7.69 -10.94
C GLY A 500 -28.83 -9.17 -11.01
N ASN A 501 -27.88 -9.92 -11.54
CA ASN A 501 -27.99 -11.36 -11.65
C ASN A 501 -27.16 -12.04 -10.57
N ASP A 502 -27.06 -13.36 -10.65
CA ASP A 502 -26.47 -14.14 -9.57
C ASP A 502 -24.99 -13.83 -9.37
N GLN A 503 -24.24 -13.63 -10.46
CA GLN A 503 -22.80 -13.39 -10.32
C GLN A 503 -22.51 -12.08 -9.60
N THR A 504 -23.33 -11.05 -9.85
CA THR A 504 -23.14 -9.78 -9.14
C THR A 504 -23.38 -9.95 -7.64
N ARG A 505 -24.41 -10.69 -7.26
CA ARG A 505 -24.65 -10.95 -5.85
C ARG A 505 -23.51 -11.76 -5.25
N ARG A 506 -22.95 -12.70 -6.01
CA ARG A 506 -21.77 -13.43 -5.53
C ARG A 506 -20.61 -12.49 -5.29
N ARG A 507 -20.40 -11.53 -6.19
CA ARG A 507 -19.34 -10.55 -6.01
C ARG A 507 -19.56 -9.72 -4.75
N LEU A 508 -20.81 -9.31 -4.51
CA LEU A 508 -21.12 -8.57 -3.29
C LEU A 508 -20.83 -9.42 -2.06
N ALA A 509 -21.19 -10.70 -2.10
CA ALA A 509 -20.93 -11.59 -0.98
C ALA A 509 -19.43 -11.72 -0.72
N VAL A 510 -18.64 -11.82 -1.79
CA VAL A 510 -17.19 -11.92 -1.63
C VAL A 510 -16.64 -10.65 -0.98
N TYR A 511 -17.12 -9.48 -1.42
CA TYR A 511 -16.67 -8.23 -0.81
C TYR A 511 -17.02 -8.19 0.67
N CYS A 512 -18.23 -8.61 1.02
CA CYS A 512 -18.63 -8.59 2.43
C CYS A 512 -17.79 -9.57 3.24
N LEU A 513 -17.49 -10.75 2.69
CA LEU A 513 -16.65 -11.71 3.40
C LEU A 513 -15.26 -11.15 3.65
N LYS A 514 -14.67 -10.49 2.64
CA LYS A 514 -13.36 -9.88 2.83
C LYS A 514 -13.39 -8.79 3.91
N ASP A 515 -14.43 -7.96 3.88
CA ASP A 515 -14.54 -6.89 4.86
C ASP A 515 -14.71 -7.45 6.27
N ALA A 516 -15.44 -8.56 6.41
CA ALA A 516 -15.60 -9.17 7.72
C ALA A 516 -14.35 -9.90 8.17
N TYR A 517 -13.56 -10.42 7.22
CA TYR A 517 -12.35 -11.14 7.58
C TYR A 517 -11.20 -10.22 7.98
N LEU A 518 -11.16 -9.00 7.45
CA LEU A 518 -10.06 -8.09 7.80
C LEU A 518 -9.88 -7.87 9.30
N PRO A 519 -10.93 -7.64 10.11
CA PRO A 519 -10.70 -7.47 11.55
C PRO A 519 -10.05 -8.67 12.20
N LEU A 520 -10.31 -9.88 11.72
CA LEU A 520 -9.61 -11.04 12.26
C LEU A 520 -8.12 -10.96 11.99
N ARG A 521 -7.75 -10.51 10.79
CA ARG A 521 -6.34 -10.28 10.48
C ARG A 521 -5.74 -9.25 11.42
N LEU A 522 -6.46 -8.16 11.68
CA LEU A 522 -5.94 -7.15 12.59
C LEU A 522 -5.76 -7.72 14.00
N LEU A 523 -6.73 -8.52 14.46
CA LEU A 523 -6.63 -9.09 15.79
C LEU A 523 -5.45 -10.06 15.91
N GLU A 524 -5.21 -10.86 14.87
CA GLU A 524 -4.07 -11.76 14.90
C GLU A 524 -2.76 -11.00 14.81
N ARG A 525 -2.74 -9.90 14.04
CA ARG A 525 -1.51 -9.14 13.86
C ARG A 525 -1.11 -8.40 15.14
N LEU A 526 -2.08 -7.71 15.76
CA LEU A 526 -1.78 -6.93 16.94
C LEU A 526 -1.76 -7.75 18.23
N MET A 527 -2.26 -8.99 18.20
CA MET A 527 -2.33 -9.84 19.37
C MET A 527 -3.07 -9.15 20.51
N VAL A 528 -4.20 -8.53 20.18
CA VAL A 528 -4.97 -7.80 21.17
C VAL A 528 -5.50 -8.75 22.24
N LEU A 529 -5.97 -9.93 21.84
CA LEU A 529 -6.58 -10.85 22.79
C LEU A 529 -5.57 -11.33 23.83
N VAL A 530 -4.33 -11.62 23.40
CA VAL A 530 -3.32 -12.09 24.34
C VAL A 530 -2.98 -11.01 25.36
N ASN A 531 -2.82 -9.77 24.90
CA ASN A 531 -2.54 -8.68 25.83
C ASN A 531 -3.71 -8.46 26.78
N ALA A 532 -4.94 -8.58 26.29
CA ALA A 532 -6.10 -8.43 27.16
C ALA A 532 -6.12 -9.51 28.23
N VAL A 533 -5.83 -10.76 27.85
CA VAL A 533 -5.79 -11.84 28.83
C VAL A 533 -4.68 -11.60 29.84
N GLU A 534 -3.53 -11.13 29.39
CA GLU A 534 -2.44 -10.85 30.32
C GLU A 534 -2.82 -9.75 31.30
N MET A 535 -3.46 -8.68 30.83
CA MET A 535 -3.88 -7.61 31.71
C MET A 535 -4.91 -8.11 32.72
N ALA A 536 -5.85 -8.95 32.27
CA ALA A 536 -6.85 -9.49 33.19
C ALA A 536 -6.23 -10.44 34.21
N ARG A 537 -5.15 -11.13 33.84
CA ARG A 537 -4.48 -12.00 34.79
C ARG A 537 -3.68 -11.21 35.81
N VAL A 538 -3.05 -10.11 35.37
CA VAL A 538 -2.17 -9.37 36.27
C VAL A 538 -2.96 -8.46 37.19
N THR A 539 -3.85 -7.65 36.63
CA THR A 539 -4.54 -6.64 37.43
C THR A 539 -5.69 -7.19 38.25
N GLY A 540 -6.07 -8.45 38.05
CA GLY A 540 -7.15 -9.03 38.83
C GLY A 540 -8.52 -8.44 38.58
N VAL A 541 -8.88 -8.23 37.32
CA VAL A 541 -10.23 -7.80 36.96
C VAL A 541 -10.70 -8.67 35.79
N PRO A 542 -11.99 -8.93 35.66
CA PRO A 542 -12.48 -9.77 34.56
C PRO A 542 -12.20 -9.12 33.21
N LEU A 543 -12.36 -9.94 32.15
CA LEU A 543 -11.97 -9.51 30.81
C LEU A 543 -12.82 -8.35 30.33
N SER A 544 -14.13 -8.37 30.62
CA SER A 544 -15.01 -7.34 30.10
C SER A 544 -14.75 -5.97 30.72
N TYR A 545 -14.36 -5.93 32.01
CA TYR A 545 -14.17 -4.67 32.70
C TYR A 545 -13.09 -3.81 32.05
N LEU A 546 -12.21 -4.41 31.24
CA LEU A 546 -11.17 -3.65 30.56
C LEU A 546 -11.73 -2.73 29.47
N LEU A 547 -13.00 -2.88 29.09
CA LEU A 547 -13.58 -2.07 28.02
C LEU A 547 -14.81 -1.29 28.46
N SER A 548 -15.08 -1.20 29.76
CA SER A 548 -16.25 -0.46 30.22
C SER A 548 -15.99 0.45 31.41
N ARG A 549 -14.83 0.37 32.08
CA ARG A 549 -14.57 1.18 33.26
C ARG A 549 -13.13 1.67 33.22
N GLY A 550 -12.87 2.71 34.01
CA GLY A 550 -11.63 3.45 33.93
C GLY A 550 -10.45 2.71 34.56
N GLN A 551 -9.36 3.46 34.73
CA GLN A 551 -8.11 2.90 35.24
C GLN A 551 -8.14 2.62 36.73
N GLN A 552 -9.09 3.20 37.47
CA GLN A 552 -9.03 3.15 38.93
C GLN A 552 -9.41 1.78 39.48
N VAL A 553 -10.24 1.02 38.76
CA VAL A 553 -10.70 -0.26 39.29
C VAL A 553 -9.53 -1.24 39.44
N LYS A 554 -8.59 -1.22 38.50
CA LYS A 554 -7.47 -2.15 38.56
C LYS A 554 -6.59 -1.87 39.79
N VAL A 555 -6.27 -0.60 40.01
CA VAL A 555 -5.44 -0.25 41.16
C VAL A 555 -6.19 -0.50 42.46
N VAL A 556 -7.50 -0.27 42.47
CA VAL A 556 -8.29 -0.59 43.65
C VAL A 556 -8.22 -2.07 43.96
N SER A 557 -8.35 -2.91 42.93
CA SER A 557 -8.29 -4.36 43.13
C SER A 557 -6.93 -4.79 43.67
N GLN A 558 -5.85 -4.25 43.08
CA GLN A 558 -4.52 -4.62 43.55
C GLN A 558 -4.28 -4.15 44.98
N LEU A 559 -4.72 -2.94 45.30
CA LEU A 559 -4.56 -2.44 46.66
C LEU A 559 -5.31 -3.28 47.66
N LEU A 560 -6.54 -3.68 47.33
CA LEU A 560 -7.30 -4.54 48.25
C LEU A 560 -6.62 -5.89 48.41
N ARG A 561 -6.13 -6.48 47.31
CA ARG A 561 -5.45 -7.76 47.39
C ARG A 561 -4.23 -7.67 48.30
N GLN A 562 -3.45 -6.59 48.18
CA GLN A 562 -2.25 -6.46 49.00
C GLN A 562 -2.60 -6.16 50.46
N ALA A 563 -3.64 -5.35 50.68
CA ALA A 563 -3.96 -4.90 52.02
C ALA A 563 -4.66 -5.98 52.85
N MET A 564 -5.37 -6.90 52.20
CA MET A 564 -6.11 -7.92 52.95
C MET A 564 -5.18 -8.76 53.81
N HIS A 565 -3.92 -8.91 53.39
CA HIS A 565 -2.97 -9.73 54.16
C HIS A 565 -2.69 -9.11 55.53
N GLU A 566 -2.50 -7.79 55.58
CA GLU A 566 -2.13 -7.12 56.82
C GLU A 566 -3.33 -6.62 57.61
N GLY A 567 -4.55 -6.87 57.13
CA GLY A 567 -5.74 -6.39 57.81
C GLY A 567 -5.88 -4.88 57.83
N LEU A 568 -5.65 -4.22 56.70
CA LEU A 568 -5.72 -2.78 56.60
C LEU A 568 -6.91 -2.40 55.72
N LEU A 569 -7.84 -1.63 56.28
CA LEU A 569 -9.00 -1.17 55.54
C LEU A 569 -8.61 -0.04 54.58
N MET A 570 -9.60 0.45 53.84
CA MET A 570 -9.39 1.53 52.89
C MET A 570 -10.45 2.62 53.11
N PRO A 571 -10.15 3.65 53.90
CA PRO A 571 -11.13 4.71 54.11
C PRO A 571 -11.41 5.48 52.82
N VAL A 572 -12.62 5.99 52.72
CA VAL A 572 -13.08 6.72 51.54
C VAL A 572 -12.96 8.21 51.83
N VAL A 573 -12.29 8.94 50.94
CA VAL A 573 -12.11 10.37 51.06
C VAL A 573 -12.57 11.02 49.75
N LYS A 574 -12.91 12.30 49.84
CA LYS A 574 -13.41 13.04 48.69
C LYS A 574 -12.32 13.95 48.13
N SER A 575 -12.40 14.21 46.83
CA SER A 575 -11.43 15.05 46.16
C SER A 575 -11.62 16.51 46.52
N ALA A 584 8.32 22.07 36.69
CA ALA A 584 9.45 21.57 37.48
C ALA A 584 10.69 22.44 37.27
N THR A 585 11.84 21.78 37.11
CA THR A 585 13.12 22.44 36.89
C THR A 585 13.86 21.78 35.73
N VAL A 586 13.16 21.62 34.61
CA VAL A 586 13.74 20.98 33.44
C VAL A 586 15.02 21.71 33.03
N ILE A 587 16.02 20.92 32.60
CA ILE A 587 17.28 21.49 32.18
C ILE A 587 17.07 22.30 30.91
N GLU A 588 17.59 23.52 30.91
CA GLU A 588 17.37 24.42 29.79
C GLU A 588 18.14 23.94 28.57
N PRO A 589 17.49 23.64 27.45
CA PRO A 589 18.18 23.11 26.29
C PRO A 589 18.82 24.22 25.46
N LEU A 590 19.45 23.81 24.37
CA LEU A 590 20.07 24.74 23.41
C LEU A 590 19.69 24.26 22.01
N LYS A 591 18.65 24.88 21.44
CA LYS A 591 18.18 24.51 20.12
C LYS A 591 19.29 24.70 19.09
N GLY A 592 19.42 23.74 18.18
CA GLY A 592 20.43 23.86 17.15
C GLY A 592 20.65 22.55 16.41
N TYR A 593 21.80 22.48 15.74
CA TYR A 593 22.18 21.35 14.89
C TYR A 593 23.53 20.84 15.38
N TYR A 594 23.50 19.88 16.32
CA TYR A 594 24.72 19.27 16.83
C TYR A 594 25.20 18.22 15.83
N ASP A 595 26.34 18.49 15.20
CA ASP A 595 26.94 17.59 14.23
C ASP A 595 27.92 16.61 14.87
N VAL A 596 27.83 16.42 16.19
CA VAL A 596 28.70 15.50 16.92
C VAL A 596 27.80 14.50 17.64
N PRO A 597 28.29 13.30 17.96
CA PRO A 597 27.44 12.33 18.64
C PRO A 597 26.93 12.84 19.97
N ILE A 598 25.70 12.48 20.31
CA ILE A 598 25.05 12.87 21.55
C ILE A 598 24.64 11.59 22.28
N ALA A 599 25.04 11.49 23.55
CA ALA A 599 24.76 10.31 24.35
C ALA A 599 23.44 10.45 25.09
N THR A 600 22.70 9.35 25.18
CA THR A 600 21.38 9.32 25.80
C THR A 600 21.42 8.47 27.05
N LEU A 601 21.02 9.05 28.19
CA LEU A 601 20.94 8.35 29.46
C LEU A 601 19.48 8.34 29.91
N ASP A 602 18.99 7.18 30.30
CA ASP A 602 17.58 6.96 30.59
C ASP A 602 17.42 6.45 32.00
N PHE A 603 16.42 6.97 32.70
CA PHE A 603 16.04 6.49 34.03
C PHE A 603 14.99 5.40 33.86
N SER A 604 15.24 4.23 34.44
CA SER A 604 14.32 3.11 34.33
C SER A 604 13.22 3.29 35.37
N SER A 605 12.05 3.78 34.93
CA SER A 605 10.87 3.96 35.78
C SER A 605 11.21 4.85 36.99
N LEU A 606 11.50 6.11 36.67
CA LEU A 606 11.98 7.05 37.68
C LEU A 606 11.00 7.18 38.84
N TYR A 607 9.72 7.42 38.54
CA TYR A 607 8.75 7.62 39.62
C TYR A 607 8.55 6.38 40.47
N PRO A 608 8.28 5.18 39.93
CA PRO A 608 8.16 4.01 40.80
C PRO A 608 9.44 3.70 41.55
N SER A 609 10.60 3.93 40.94
CA SER A 609 11.86 3.69 41.64
C SER A 609 12.03 4.64 42.82
N ILE A 610 11.63 5.90 42.64
CA ILE A 610 11.69 6.85 43.74
C ILE A 610 10.72 6.45 44.85
N MET A 611 9.53 5.96 44.47
CA MET A 611 8.58 5.51 45.47
C MET A 611 9.11 4.32 46.27
N MET A 612 9.78 3.39 45.58
CA MET A 612 10.36 2.24 46.27
C MET A 612 11.56 2.65 47.12
N ALA A 613 12.30 3.66 46.68
CA ALA A 613 13.56 4.00 47.33
C ALA A 613 13.35 4.55 48.74
N HIS A 614 12.44 5.52 48.89
CA HIS A 614 12.33 6.29 50.12
C HIS A 614 11.07 5.96 50.91
N ASN A 615 10.47 4.79 50.68
CA ASN A 615 9.35 4.30 51.47
C ASN A 615 8.16 5.27 51.40
N LEU A 616 7.80 5.66 50.18
CA LEU A 616 6.66 6.56 49.97
C LEU A 616 5.41 5.72 49.78
N CYS A 617 4.46 5.84 50.69
CA CYS A 617 3.23 5.08 50.61
C CYS A 617 2.19 5.71 51.54
N TYR A 618 0.94 5.24 51.40
CA TYR A 618 -0.15 5.80 52.18
C TYR A 618 0.05 5.58 53.67
N THR A 619 0.53 4.41 54.05
CA THR A 619 0.68 4.08 55.46
C THR A 619 1.89 4.74 56.10
N THR A 620 2.84 5.22 55.32
CA THR A 620 4.07 5.80 55.83
C THR A 620 3.98 7.30 56.05
N LEU A 621 2.84 7.92 55.76
CA LEU A 621 2.69 9.35 55.92
C LEU A 621 2.64 9.72 57.40
N LEU A 622 3.23 10.85 57.75
CA LEU A 622 3.22 11.36 59.12
C LEU A 622 2.40 12.64 59.18
N ARG A 623 1.50 12.72 60.15
CA ARG A 623 0.77 13.95 60.37
C ARG A 623 1.72 15.03 60.88
N PRO A 624 1.61 16.26 60.38
CA PRO A 624 2.51 17.32 60.84
C PRO A 624 2.38 17.56 62.33
N GLY A 625 3.53 17.84 62.97
CA GLY A 625 3.55 18.09 64.39
C GLY A 625 3.31 16.88 65.26
N THR A 626 3.58 15.68 64.76
CA THR A 626 3.33 14.45 65.51
C THR A 626 4.60 13.74 65.95
N ALA A 627 5.71 13.94 65.24
CA ALA A 627 6.93 13.20 65.54
C ALA A 627 7.44 13.54 66.94
N GLN A 628 7.36 14.82 67.33
CA GLN A 628 7.81 15.21 68.66
C GLN A 628 6.97 14.57 69.75
N LYS A 629 5.65 14.51 69.55
CA LYS A 629 4.78 13.91 70.55
C LYS A 629 4.99 12.40 70.63
N LEU A 630 5.19 11.75 69.50
CA LEU A 630 5.37 10.30 69.49
C LEU A 630 6.77 9.87 69.91
N GLY A 631 7.68 10.81 70.12
CA GLY A 631 9.02 10.46 70.53
C GLY A 631 9.89 9.86 69.44
N LEU A 632 9.58 10.13 68.18
CA LEU A 632 10.38 9.62 67.09
C LEU A 632 11.73 10.32 67.04
N THR A 633 12.76 9.58 66.65
CA THR A 633 14.10 10.13 66.55
C THR A 633 14.33 10.69 65.16
N GLU A 634 15.21 11.69 65.08
CA GLU A 634 15.41 12.43 63.83
C GLU A 634 15.97 11.57 62.71
N ASP A 635 16.58 10.43 63.03
CA ASP A 635 17.15 9.55 62.02
C ASP A 635 16.17 8.50 61.53
N GLN A 636 14.92 8.51 62.01
CA GLN A 636 13.92 7.58 61.53
C GLN A 636 13.20 8.05 60.27
N PHE A 637 13.00 9.36 60.13
CA PHE A 637 12.22 9.91 59.04
C PHE A 637 13.06 10.81 58.15
N ILE A 638 12.60 10.95 56.91
CA ILE A 638 13.20 11.83 55.92
C ILE A 638 12.23 12.96 55.63
N ARG A 639 12.77 14.11 55.23
CA ARG A 639 12.00 15.32 54.98
C ARG A 639 12.05 15.65 53.49
N THR A 640 10.91 15.52 52.83
CA THR A 640 10.82 15.84 51.41
C THR A 640 10.93 17.34 51.20
N PRO A 641 11.34 17.79 50.01
CA PRO A 641 11.49 19.23 49.78
C PRO A 641 10.20 20.02 49.97
N THR A 642 9.05 19.39 49.78
CA THR A 642 7.78 20.09 49.93
C THR A 642 7.31 20.17 51.38
N GLY A 643 8.04 19.60 52.32
CA GLY A 643 7.71 19.72 53.72
C GLY A 643 6.97 18.54 54.33
N ASP A 644 7.02 17.37 53.71
CA ASP A 644 6.41 16.16 54.26
C ASP A 644 7.47 15.26 54.86
N GLU A 645 7.08 14.53 55.92
CA GLU A 645 7.99 13.65 56.64
C GLU A 645 7.54 12.21 56.46
N PHE A 646 8.46 11.35 56.06
CA PHE A 646 8.16 9.95 55.80
C PHE A 646 9.10 9.05 56.58
N VAL A 647 8.55 8.04 57.26
CA VAL A 647 9.37 7.10 58.03
C VAL A 647 9.97 6.07 57.10
N LYS A 648 11.23 5.70 57.38
CA LYS A 648 11.92 4.72 56.57
C LYS A 648 11.35 3.32 56.83
N THR A 649 11.94 2.32 56.17
CA THR A 649 11.45 0.95 56.31
C THR A 649 11.70 0.37 57.68
N SER A 650 12.51 1.03 58.52
CA SER A 650 12.81 0.50 59.85
C SER A 650 11.60 0.48 60.77
N VAL A 651 10.53 1.18 60.43
CA VAL A 651 9.32 1.21 61.24
C VAL A 651 8.19 0.43 60.59
N ARG A 652 7.86 0.76 59.35
CA ARG A 652 6.77 0.09 58.64
C ARG A 652 7.02 0.21 57.13
N LYS A 653 6.79 -0.89 56.42
CA LYS A 653 6.92 -0.91 54.98
C LYS A 653 5.55 -0.69 54.34
N GLY A 654 5.47 0.25 53.42
CA GLY A 654 4.20 0.63 52.83
C GLY A 654 3.70 -0.37 51.80
N LEU A 655 2.44 -0.19 51.41
CA LEU A 655 1.83 -1.08 50.43
C LEU A 655 2.41 -0.87 49.04
N LEU A 656 2.53 0.40 48.63
CA LEU A 656 3.05 0.70 47.30
C LEU A 656 4.47 0.18 47.07
N PRO A 657 5.43 0.35 47.98
CA PRO A 657 6.75 -0.26 47.74
C PRO A 657 6.71 -1.76 47.56
N GLN A 658 5.90 -2.48 48.36
CA GLN A 658 5.82 -3.93 48.21
C GLN A 658 5.21 -4.31 46.87
N ILE A 659 4.13 -3.62 46.46
CA ILE A 659 3.51 -3.91 45.18
C ILE A 659 4.50 -3.68 44.04
N LEU A 660 5.22 -2.56 44.08
CA LEU A 660 6.16 -2.26 43.01
C LEU A 660 7.33 -3.24 42.99
N GLU A 661 7.81 -3.66 44.17
CA GLU A 661 8.87 -4.65 44.22
C GLU A 661 8.42 -5.98 43.63
N ASN A 662 7.19 -6.40 43.96
CA ASN A 662 6.67 -7.63 43.38
C ASN A 662 6.55 -7.52 41.87
N LEU A 663 6.09 -6.36 41.38
CA LEU A 663 5.99 -6.17 39.93
C LEU A 663 7.35 -6.24 39.26
N LEU A 664 8.36 -5.60 39.86
CA LEU A 664 9.70 -5.65 39.28
C LEU A 664 10.25 -7.07 39.28
N SER A 665 10.04 -7.81 40.36
CA SER A 665 10.49 -9.19 40.40
C SER A 665 9.80 -10.03 39.32
N ALA A 666 8.50 -9.83 39.12
CA ALA A 666 7.80 -10.56 38.08
C ALA A 666 8.34 -10.21 36.71
N ARG A 667 8.62 -8.92 36.46
CA ARG A 667 9.17 -8.53 35.17
C ARG A 667 10.54 -9.16 34.95
N LYS A 668 11.38 -9.20 35.99
CA LYS A 668 12.69 -9.80 35.86
C LYS A 668 12.59 -11.29 35.54
N ARG A 669 11.67 -11.99 36.22
CA ARG A 669 11.48 -13.41 35.92
C ARG A 669 11.00 -13.61 34.49
N ALA A 670 10.07 -12.77 34.03
CA ALA A 670 9.58 -12.89 32.66
C ALA A 670 10.70 -12.65 31.65
N LYS A 671 11.53 -11.63 31.90
CA LYS A 671 12.66 -11.38 31.00
C LYS A 671 13.64 -12.54 30.99
N ALA A 672 13.90 -13.12 32.16
CA ALA A 672 14.81 -14.26 32.23
C ALA A 672 14.26 -15.46 31.46
N GLU A 673 12.96 -15.74 31.60
CA GLU A 673 12.38 -16.89 30.93
C GLU A 673 12.15 -16.65 29.44
N LEU A 674 12.11 -15.39 29.00
CA LEU A 674 11.91 -15.12 27.57
C LEU A 674 13.09 -15.62 26.74
N ALA A 675 14.31 -15.46 27.24
CA ALA A 675 15.50 -15.76 26.45
C ALA A 675 15.64 -17.24 26.14
N LYS A 676 14.95 -18.12 26.86
CA LYS A 676 15.10 -19.55 26.66
C LYS A 676 13.94 -20.20 25.89
N GLU A 677 12.76 -19.60 25.92
CA GLU A 677 11.61 -20.20 25.25
C GLU A 677 11.74 -20.07 23.74
N THR A 678 11.33 -21.12 23.03
CA THR A 678 11.37 -21.15 21.57
C THR A 678 9.99 -21.19 20.93
N ASP A 679 8.97 -21.67 21.64
CA ASP A 679 7.61 -21.70 21.10
C ASP A 679 7.11 -20.28 20.90
N PRO A 680 6.68 -19.90 19.69
CA PRO A 680 6.19 -18.52 19.48
C PRO A 680 5.02 -18.15 20.38
N LEU A 681 4.12 -19.09 20.67
CA LEU A 681 2.96 -18.77 21.49
C LEU A 681 3.37 -18.33 22.89
N ARG A 682 4.25 -19.11 23.53
CA ARG A 682 4.70 -18.74 24.87
C ARG A 682 5.53 -17.47 24.84
N ARG A 683 6.27 -17.23 23.76
CA ARG A 683 6.99 -15.96 23.63
C ARG A 683 6.02 -14.79 23.60
N GLN A 684 4.93 -14.92 22.85
CA GLN A 684 3.91 -13.87 22.82
C GLN A 684 3.30 -13.67 24.20
N VAL A 685 3.01 -14.77 24.89
CA VAL A 685 2.40 -14.68 26.22
C VAL A 685 3.34 -13.95 27.18
N LEU A 686 4.63 -14.29 27.16
CA LEU A 686 5.58 -13.64 28.06
C LEU A 686 5.77 -12.17 27.70
N ASP A 687 5.77 -11.84 26.40
CA ASP A 687 5.86 -10.45 26.00
C ASP A 687 4.67 -9.65 26.51
N GLY A 688 3.46 -10.21 26.38
CA GLY A 688 2.29 -9.56 26.93
C GLY A 688 2.38 -9.40 28.43
N ARG A 689 2.91 -10.42 29.12
CA ARG A 689 3.04 -10.36 30.56
C ARG A 689 3.95 -9.22 31.00
N GLN A 690 5.13 -9.12 30.38
CA GLN A 690 6.07 -8.07 30.77
C GLN A 690 5.52 -6.69 30.42
N LEU A 691 4.85 -6.57 29.27
CA LEU A 691 4.25 -5.29 28.91
C LEU A 691 3.18 -4.87 29.91
N ALA A 692 2.32 -5.81 30.30
CA ALA A 692 1.28 -5.50 31.28
C ALA A 692 1.88 -5.11 32.63
N LEU A 693 2.94 -5.82 33.05
CA LEU A 693 3.60 -5.47 34.31
C LEU A 693 4.14 -4.05 34.26
N LYS A 694 4.83 -3.69 33.17
CA LYS A 694 5.38 -2.35 33.05
C LYS A 694 4.28 -1.30 33.08
N VAL A 695 3.19 -1.54 32.34
CA VAL A 695 2.11 -0.55 32.27
C VAL A 695 1.45 -0.37 33.63
N SER A 696 1.20 -1.47 34.34
CA SER A 696 0.59 -1.36 35.67
C SER A 696 1.50 -0.62 36.64
N ALA A 697 2.81 -0.92 36.58
CA ALA A 697 3.75 -0.22 37.46
C ALA A 697 3.73 1.27 37.19
N ASN A 698 3.69 1.66 35.92
CA ASN A 698 3.61 3.09 35.60
C ASN A 698 2.29 3.70 36.06
N SER A 699 1.19 2.96 35.91
CA SER A 699 -0.14 3.50 36.21
C SER A 699 -0.41 3.60 37.71
N VAL A 700 0.39 2.93 38.55
CA VAL A 700 0.21 3.09 40.00
C VAL A 700 0.31 4.55 40.40
N TYR A 701 1.37 5.24 39.93
CA TYR A 701 1.52 6.65 40.25
C TYR A 701 0.40 7.47 39.64
N GLY A 702 -0.03 7.13 38.43
CA GLY A 702 -1.14 7.85 37.83
C GLY A 702 -2.41 7.78 38.66
N PHE A 703 -2.66 6.64 39.28
CA PHE A 703 -3.76 6.55 40.24
C PHE A 703 -3.49 7.43 41.45
N THR A 704 -2.31 7.30 42.05
CA THR A 704 -2.07 7.96 43.33
C THR A 704 -2.15 9.48 43.21
N GLY A 705 -1.59 10.04 42.15
CA GLY A 705 -1.49 11.48 42.02
C GLY A 705 -2.70 12.20 41.48
N ALA A 706 -3.75 11.48 41.09
CA ALA A 706 -4.92 12.13 40.51
C ALA A 706 -5.58 13.05 41.54
N GLN A 707 -5.91 14.27 41.11
CA GLN A 707 -6.62 15.19 41.98
C GLN A 707 -8.01 14.66 42.31
N VAL A 708 -8.69 14.07 41.34
CA VAL A 708 -10.00 13.49 41.52
C VAL A 708 -9.88 11.98 41.34
N GLY A 709 -10.34 11.24 42.35
CA GLY A 709 -10.24 9.80 42.31
C GLY A 709 -10.91 9.18 43.51
N LYS A 710 -10.65 7.90 43.72
CA LYS A 710 -11.18 7.19 44.88
C LYS A 710 -10.30 7.35 46.11
N LEU A 711 -9.08 7.86 45.96
CA LEU A 711 -8.22 8.13 47.11
C LEU A 711 -7.10 9.10 46.71
N PRO A 712 -7.42 10.38 46.54
CA PRO A 712 -6.39 11.34 46.15
C PRO A 712 -5.48 11.72 47.31
N CYS A 713 -4.23 12.03 46.98
CA CYS A 713 -3.26 12.49 47.97
C CYS A 713 -2.17 13.26 47.23
N LEU A 714 -2.14 14.58 47.39
CA LEU A 714 -1.19 15.41 46.65
C LEU A 714 0.19 15.45 47.29
N GLU A 715 0.32 15.07 48.56
CA GLU A 715 1.63 15.11 49.20
C GLU A 715 2.61 14.16 48.51
N ILE A 716 2.15 12.96 48.15
CA ILE A 716 3.01 12.00 47.48
C ILE A 716 3.46 12.54 46.13
N SER A 717 2.55 13.12 45.37
CA SER A 717 2.91 13.66 44.06
C SER A 717 3.91 14.81 44.18
N GLN A 718 3.69 15.70 45.14
CA GLN A 718 4.62 16.80 45.35
C GLN A 718 6.00 16.28 45.72
N SER A 719 6.06 15.30 46.63
CA SER A 719 7.35 14.75 47.04
C SER A 719 8.05 14.06 45.86
N VAL A 720 7.30 13.33 45.04
CA VAL A 720 7.90 12.65 43.89
C VAL A 720 8.46 13.66 42.92
N THR A 721 7.71 14.73 42.63
CA THR A 721 8.21 15.75 41.72
C THR A 721 9.46 16.43 42.27
N GLY A 722 9.46 16.74 43.57
CA GLY A 722 10.64 17.34 44.17
C GLY A 722 11.86 16.45 44.10
N PHE A 723 11.68 15.15 44.38
CA PHE A 723 12.79 14.22 44.28
C PHE A 723 13.29 14.10 42.85
N GLY A 724 12.38 14.11 41.87
CA GLY A 724 12.81 14.08 40.48
C GLY A 724 13.64 15.28 40.11
N ARG A 725 13.20 16.47 40.51
CA ARG A 725 13.98 17.68 40.24
C ARG A 725 15.35 17.61 40.89
N GLN A 726 15.40 17.18 42.15
CA GLN A 726 16.67 17.12 42.87
C GLN A 726 17.62 16.13 42.21
N MET A 727 17.12 14.96 41.80
CA MET A 727 17.98 13.96 41.18
C MET A 727 18.49 14.42 39.82
N ILE A 728 17.64 15.09 39.04
CA ILE A 728 18.12 15.60 37.75
C ILE A 728 19.21 16.64 37.97
N GLU A 729 19.02 17.54 38.93
CA GLU A 729 20.04 18.54 39.21
C GLU A 729 21.35 17.89 39.65
N LYS A 730 21.26 16.88 40.52
CA LYS A 730 22.46 16.20 40.99
C LYS A 730 23.17 15.49 39.86
N THR A 731 22.42 14.83 38.97
CA THR A 731 23.04 14.19 37.82
C THR A 731 23.76 15.19 36.94
N LYS A 732 23.12 16.33 36.67
CA LYS A 732 23.76 17.35 35.82
C LYS A 732 25.05 17.85 36.44
N GLN A 733 25.03 18.14 37.74
CA GLN A 733 26.24 18.64 38.39
C GLN A 733 27.35 17.59 38.39
N LEU A 734 27.02 16.33 38.67
CA LEU A 734 28.05 15.29 38.68
C LEU A 734 28.64 15.05 37.29
N VAL A 735 27.79 15.04 36.25
CA VAL A 735 28.30 14.85 34.90
C VAL A 735 29.19 16.00 34.49
N GLU A 736 28.81 17.24 34.85
CA GLU A 736 29.69 18.37 34.59
C GLU A 736 31.01 18.22 35.32
N SER A 737 30.97 17.72 36.57
CA SER A 737 32.18 17.63 37.38
C SER A 737 33.16 16.61 36.80
N LYS A 738 32.67 15.45 36.37
CA LYS A 738 33.58 14.35 36.06
C LYS A 738 34.39 14.57 34.79
N TYR A 739 33.73 14.69 33.64
CA TYR A 739 34.41 14.69 32.35
C TYR A 739 34.95 16.08 32.07
N THR A 740 36.18 16.33 32.50
CA THR A 740 36.87 17.59 32.26
C THR A 740 38.21 17.32 31.62
N VAL A 741 38.68 18.29 30.83
CA VAL A 741 40.00 18.20 30.23
C VAL A 741 41.10 18.20 31.29
N GLU A 742 40.79 18.70 32.48
CA GLU A 742 41.77 18.70 33.57
C GLU A 742 42.19 17.28 33.94
N ASN A 743 41.27 16.32 33.90
CA ASN A 743 41.56 14.94 34.26
C ASN A 743 42.12 14.14 33.09
N GLY A 744 42.70 14.80 32.09
CA GLY A 744 43.34 14.13 30.98
C GLY A 744 42.43 13.79 29.82
N TYR A 745 41.12 13.99 29.96
CA TYR A 745 40.22 13.72 28.85
C TYR A 745 40.35 14.78 27.76
N SER A 746 39.98 14.39 26.54
CA SER A 746 40.21 15.25 25.39
C SER A 746 39.37 16.52 25.46
N THR A 747 38.07 16.38 25.69
CA THR A 747 37.14 17.50 25.61
C THR A 747 36.29 17.57 26.86
N SER A 748 35.77 18.76 27.13
CA SER A 748 34.88 18.97 28.26
C SER A 748 33.45 18.59 27.87
N ALA A 749 32.91 17.57 28.52
CA ALA A 749 31.54 17.16 28.27
C ALA A 749 30.57 18.04 29.07
N LYS A 750 29.35 18.17 28.55
CA LYS A 750 28.34 18.96 29.21
C LYS A 750 26.96 18.41 28.85
N VAL A 751 26.00 18.71 29.71
CA VAL A 751 24.61 18.27 29.54
C VAL A 751 23.84 19.35 28.80
N VAL A 752 23.22 18.97 27.69
CA VAL A 752 22.50 19.94 26.87
C VAL A 752 20.99 19.73 26.90
N TYR A 753 20.50 18.55 27.28
CA TYR A 753 19.06 18.31 27.33
C TYR A 753 18.74 17.50 28.56
N GLY A 754 17.70 17.88 29.29
CA GLY A 754 17.31 17.13 30.45
C GLY A 754 15.86 17.31 30.87
N ASP A 755 15.14 16.20 31.02
CA ASP A 755 13.76 16.23 31.46
C ASP A 755 13.30 14.86 31.93
N THR A 756 12.79 14.78 33.16
CA THR A 756 12.30 13.55 33.77
C THR A 756 13.23 12.38 33.50
N ASP A 757 12.77 11.41 32.73
CA ASP A 757 13.56 10.23 32.39
C ASP A 757 14.25 10.37 31.04
N SER A 758 15.00 11.45 30.83
CA SER A 758 15.77 11.59 29.59
C SER A 758 16.85 12.64 29.79
N VAL A 759 18.12 12.26 29.69
CA VAL A 759 19.23 13.20 29.74
C VAL A 759 20.09 12.99 28.51
N MET A 760 20.17 14.00 27.66
CA MET A 760 20.98 13.97 26.44
C MET A 760 22.20 14.86 26.64
N CYS A 761 23.38 14.28 26.53
CA CYS A 761 24.62 14.95 26.85
C CYS A 761 25.56 14.97 25.65
N ARG A 762 26.44 15.96 25.62
CA ARG A 762 27.47 16.07 24.60
C ARG A 762 28.83 15.82 25.25
N PHE A 763 29.61 14.91 24.67
CA PHE A 763 30.91 14.53 25.23
C PHE A 763 32.09 15.04 24.41
N GLY A 764 31.84 15.73 23.31
CA GLY A 764 32.93 16.33 22.56
C GLY A 764 33.77 15.38 21.74
N VAL A 765 33.36 14.12 21.61
CA VAL A 765 34.08 13.17 20.81
C VAL A 765 33.37 13.03 19.47
N SER A 766 34.10 12.51 18.47
CA SER A 766 33.55 12.35 17.13
C SER A 766 33.49 10.90 16.68
N SER A 767 33.96 9.95 17.50
CA SER A 767 33.89 8.54 17.17
C SER A 767 32.79 7.89 17.99
N VAL A 768 31.93 7.12 17.32
CA VAL A 768 30.76 6.54 17.98
C VAL A 768 31.17 5.55 19.05
N ALA A 769 32.25 4.81 18.82
CA ALA A 769 32.70 3.83 19.80
C ALA A 769 33.11 4.50 21.10
N GLU A 770 33.89 5.59 21.01
CA GLU A 770 34.27 6.32 22.21
C GLU A 770 33.04 6.93 22.87
N ALA A 771 32.08 7.40 22.07
CA ALA A 771 30.86 7.96 22.65
C ALA A 771 30.12 6.91 23.48
N MET A 772 29.98 5.69 22.94
CA MET A 772 29.30 4.63 23.68
C MET A 772 30.09 4.23 24.92
N ALA A 773 31.41 4.13 24.81
CA ALA A 773 32.22 3.75 25.97
C ALA A 773 32.09 4.78 27.08
N LEU A 774 32.21 6.06 26.72
CA LEU A 774 32.08 7.12 27.73
C LEU A 774 30.68 7.17 28.32
N GLY A 775 29.66 6.92 27.48
CA GLY A 775 28.30 6.89 27.99
C GLY A 775 28.08 5.79 29.00
N ARG A 776 28.57 4.58 28.71
CA ARG A 776 28.44 3.47 29.65
C ARG A 776 29.21 3.75 30.93
N GLU A 777 30.43 4.27 30.82
CA GLU A 777 31.21 4.57 32.01
C GLU A 777 30.53 5.63 32.86
N ALA A 778 29.97 6.67 32.22
CA ALA A 778 29.26 7.71 32.95
C ALA A 778 28.01 7.15 33.61
N ALA A 779 27.30 6.26 32.92
CA ALA A 779 26.11 5.65 33.51
C ALA A 779 26.46 4.88 34.76
N ASP A 780 27.52 4.07 34.70
CA ASP A 780 27.94 3.32 35.88
C ASP A 780 28.38 4.26 37.00
N TRP A 781 29.16 5.30 36.66
CA TRP A 781 29.66 6.20 37.68
C TRP A 781 28.53 6.95 38.38
N VAL A 782 27.53 7.40 37.62
CA VAL A 782 26.41 8.11 38.22
C VAL A 782 25.55 7.16 39.04
N SER A 783 25.26 5.97 38.50
CA SER A 783 24.45 5.01 39.24
C SER A 783 25.16 4.48 40.47
N GLY A 784 26.47 4.67 40.58
CA GLY A 784 27.17 4.28 41.78
C GLY A 784 27.02 5.24 42.95
N HIS A 785 26.18 6.26 42.82
CA HIS A 785 25.95 7.19 43.92
C HIS A 785 24.47 7.45 44.21
N PHE A 786 23.54 6.95 43.40
CA PHE A 786 22.12 7.08 43.67
C PHE A 786 21.66 5.95 44.56
N PRO A 787 21.26 6.23 45.79
CA PRO A 787 20.83 5.17 46.70
C PRO A 787 19.62 4.41 46.17
N SER A 788 19.52 3.12 46.53
CA SER A 788 18.34 2.30 46.28
C SER A 788 18.17 2.01 44.80
N PRO A 789 17.22 1.12 44.40
CA PRO A 789 17.10 0.70 42.99
C PRO A 789 17.18 1.76 41.91
N ILE A 790 16.95 3.04 42.24
CA ILE A 790 17.00 4.10 41.24
C ILE A 790 18.32 4.04 40.49
N ARG A 791 18.26 3.84 39.18
CA ARG A 791 19.45 3.66 38.36
C ARG A 791 19.30 4.42 37.05
N LEU A 792 20.45 4.69 36.42
CA LEU A 792 20.51 5.39 35.15
C LEU A 792 21.31 4.54 34.18
N GLU A 793 20.76 4.27 33.00
CA GLU A 793 21.39 3.36 32.06
C GLU A 793 21.53 4.02 30.69
N PHE A 794 22.60 3.64 30.00
CA PHE A 794 22.81 4.10 28.63
C PHE A 794 21.72 3.57 27.72
N GLU A 795 21.25 4.39 26.79
CA GLU A 795 20.18 4.00 25.89
C GLU A 795 20.63 3.91 24.44
N LYS A 796 21.16 5.00 23.89
CA LYS A 796 21.48 5.08 22.46
C LYS A 796 22.29 6.35 22.22
N VAL A 797 22.60 6.59 20.95
CA VAL A 797 23.38 7.76 20.54
C VAL A 797 22.86 8.25 19.20
N TYR A 798 22.58 9.55 19.10
CA TYR A 798 22.25 10.19 17.84
C TYR A 798 23.44 10.99 17.35
N PHE A 799 23.99 10.60 16.20
CA PHE A 799 25.13 11.35 15.67
C PHE A 799 24.65 12.69 15.11
N PRO A 800 23.81 12.75 14.08
CA PRO A 800 23.28 14.05 13.66
C PRO A 800 22.07 14.42 14.51
N TYR A 801 22.25 15.42 15.38
CA TYR A 801 21.23 15.79 16.34
C TYR A 801 20.60 17.12 15.94
N LEU A 802 19.28 17.15 15.82
CA LEU A 802 18.55 18.37 15.51
C LEU A 802 17.59 18.66 16.64
N LEU A 803 17.87 19.71 17.42
CA LEU A 803 17.10 20.06 18.60
C LEU A 803 16.27 21.29 18.29
N ILE A 804 14.98 21.10 18.00
CA ILE A 804 14.11 22.23 17.67
C ILE A 804 13.78 23.02 18.93
N SER A 805 13.19 22.35 19.91
CA SER A 805 12.86 22.95 21.19
C SER A 805 12.62 21.82 22.18
N LYS A 806 12.08 22.15 23.35
CA LYS A 806 11.74 21.13 24.33
C LYS A 806 10.73 20.16 23.75
N LYS A 807 10.96 18.86 23.99
CA LYS A 807 10.12 17.78 23.49
C LYS A 807 10.08 17.75 21.96
N ARG A 808 11.09 18.32 21.31
CA ARG A 808 11.16 18.35 19.85
C ARG A 808 12.61 18.14 19.43
N TYR A 809 12.95 16.89 19.09
CA TYR A 809 14.29 16.56 18.67
C TYR A 809 14.24 15.44 17.63
N ALA A 810 15.30 15.34 16.84
CA ALA A 810 15.39 14.31 15.82
C ALA A 810 16.85 13.91 15.64
N GLY A 811 17.05 12.73 15.08
CA GLY A 811 18.39 12.23 14.87
C GLY A 811 18.37 10.90 14.16
N LEU A 812 19.58 10.37 13.94
CA LEU A 812 19.78 9.05 13.36
C LEU A 812 20.07 8.06 14.49
N LEU A 813 19.38 6.93 14.47
CA LEU A 813 19.42 6.01 15.60
C LEU A 813 20.60 5.04 15.49
N PHE A 814 21.41 4.99 16.54
CA PHE A 814 22.48 4.02 16.69
C PHE A 814 22.24 3.27 17.99
N SER A 815 21.91 1.98 17.90
CA SER A 815 21.62 1.17 19.07
C SER A 815 22.64 0.06 19.28
N SER A 816 22.87 -0.79 18.28
CA SER A 816 23.78 -1.93 18.41
C SER A 816 25.11 -1.67 17.72
N ARG A 817 25.09 -1.34 16.44
CA ARG A 817 26.31 -1.15 15.68
C ARG A 817 26.73 0.32 15.74
N PRO A 818 27.91 0.64 16.29
CA PRO A 818 28.35 2.04 16.28
C PRO A 818 28.62 2.58 14.88
N ASP A 819 28.80 1.70 13.89
CA ASP A 819 29.11 2.12 12.53
C ASP A 819 27.89 2.11 11.61
N ALA A 820 26.89 1.29 11.88
CA ALA A 820 25.71 1.17 11.05
C ALA A 820 24.49 1.66 11.82
N HIS A 821 23.67 2.48 11.18
CA HIS A 821 22.49 3.04 11.81
C HIS A 821 21.30 2.08 11.69
N ASP A 822 20.24 2.40 12.42
CA ASP A 822 19.02 1.61 12.39
C ASP A 822 17.88 2.32 11.67
N ARG A 823 17.56 3.55 12.06
CA ARG A 823 16.45 4.28 11.45
C ARG A 823 16.64 5.77 11.74
N MET A 824 15.62 6.56 11.40
CA MET A 824 15.60 7.99 11.65
C MET A 824 14.56 8.27 12.73
N ASP A 825 15.03 8.58 13.93
CA ASP A 825 14.14 8.82 15.07
C ASP A 825 13.79 10.29 15.14
N CYS A 826 12.56 10.57 15.56
CA CYS A 826 12.09 11.95 15.68
C CYS A 826 10.91 11.99 16.63
N LYS A 827 11.06 12.72 17.74
CA LYS A 827 9.95 12.99 18.64
C LYS A 827 9.28 14.29 18.22
N GLY A 828 8.25 14.69 18.94
CA GLY A 828 7.53 15.90 18.58
C GLY A 828 6.87 15.77 17.23
N LEU A 829 5.81 14.97 17.15
CA LEU A 829 5.20 14.60 15.88
C LEU A 829 4.86 15.82 15.03
N GLU A 830 4.48 16.92 15.66
CA GLU A 830 4.16 18.16 14.95
C GLU A 830 3.05 17.95 13.93
N ALA A 831 3.41 17.43 12.76
CA ALA A 831 2.45 17.16 11.69
C ALA A 831 1.71 15.86 12.02
N VAL A 832 0.78 15.97 12.98
CA VAL A 832 -0.03 14.84 13.39
C VAL A 832 -1.52 15.11 13.33
N ARG A 833 -1.95 16.37 13.32
CA ARG A 833 -3.38 16.68 13.31
C ARG A 833 -4.00 16.28 11.97
N ARG A 834 -5.22 15.75 12.03
CA ARG A 834 -5.91 15.30 10.83
C ARG A 834 -6.26 16.44 9.88
N ASP A 835 -6.39 17.67 10.40
CA ASP A 835 -6.71 18.82 9.57
C ASP A 835 -5.50 19.32 8.77
N ASN A 836 -4.31 18.85 9.06
CA ASN A 836 -3.12 19.23 8.30
C ASN A 836 -3.05 18.40 7.02
N CYS A 837 -2.83 19.08 5.89
CA CYS A 837 -2.74 18.40 4.62
C CYS A 837 -1.50 17.51 4.58
N PRO A 838 -1.54 16.42 3.81
CA PRO A 838 -0.36 15.52 3.75
C PRO A 838 0.88 16.19 3.19
N LEU A 839 0.73 17.32 2.49
CA LEU A 839 1.89 18.02 1.95
C LEU A 839 2.84 18.44 3.06
N VAL A 840 2.30 18.91 4.19
CA VAL A 840 3.14 19.34 5.30
C VAL A 840 3.96 18.18 5.83
N ALA A 841 3.31 17.02 6.04
CA ALA A 841 4.01 15.85 6.55
C ALA A 841 5.07 15.38 5.59
N ASN A 842 4.75 15.35 4.29
CA ASN A 842 5.73 14.92 3.30
C ASN A 842 6.94 15.86 3.29
N LEU A 843 6.70 17.17 3.32
CA LEU A 843 7.79 18.13 3.31
C LEU A 843 8.65 18.00 4.56
N VAL A 844 8.02 17.82 5.73
CA VAL A 844 8.77 17.68 6.98
C VAL A 844 9.63 16.43 6.94
N THR A 845 9.05 15.31 6.47
CA THR A 845 9.83 14.08 6.41
C THR A 845 11.00 14.21 5.44
N ALA A 846 10.77 14.81 4.27
CA ALA A 846 11.86 14.99 3.31
C ALA A 846 12.96 15.88 3.88
N SER A 847 12.57 16.97 4.53
CA SER A 847 13.56 17.88 5.11
C SER A 847 14.36 17.17 6.21
N LEU A 848 13.69 16.39 7.06
CA LEU A 848 14.40 15.67 8.11
C LEU A 848 15.37 14.64 7.51
N ARG A 849 14.94 13.92 6.49
CA ARG A 849 15.82 12.93 5.88
C ARG A 849 17.03 13.60 5.24
N ARG A 850 16.83 14.73 4.56
CA ARG A 850 17.96 15.44 3.96
C ARG A 850 18.91 15.99 5.02
N LEU A 851 18.36 16.50 6.13
CA LEU A 851 19.21 17.08 7.16
C LEU A 851 19.99 16.00 7.91
N LEU A 852 19.39 14.83 8.12
CA LEU A 852 20.02 13.79 8.93
C LEU A 852 20.89 12.87 8.08
N ILE A 853 20.30 12.22 7.08
CA ILE A 853 21.06 11.26 6.29
C ILE A 853 22.00 11.97 5.32
N ASP A 854 21.47 12.89 4.51
CA ASP A 854 22.30 13.55 3.52
C ASP A 854 23.26 14.55 4.16
N ARG A 855 22.91 15.08 5.33
CA ARG A 855 23.74 16.04 6.06
C ARG A 855 24.01 17.28 5.20
N ASP A 856 23.04 17.67 4.39
CA ASP A 856 23.15 18.79 3.47
C ASP A 856 22.03 19.77 3.74
N PRO A 857 22.24 20.76 4.62
CA PRO A 857 21.21 21.79 4.82
C PRO A 857 20.89 22.54 3.55
N GLU A 858 21.88 22.76 2.68
CA GLU A 858 21.62 23.43 1.41
C GLU A 858 20.66 22.63 0.55
N GLY A 859 20.82 21.29 0.53
CA GLY A 859 19.90 20.47 -0.23
C GLY A 859 18.48 20.55 0.29
N ALA A 860 18.31 20.54 1.61
CA ALA A 860 16.99 20.68 2.19
C ALA A 860 16.38 22.03 1.85
N VAL A 861 17.18 23.09 1.92
CA VAL A 861 16.69 24.42 1.57
C VAL A 861 16.25 24.46 0.10
N ALA A 862 17.06 23.87 -0.78
CA ALA A 862 16.71 23.85 -2.20
C ALA A 862 15.43 23.07 -2.45
N HIS A 863 15.28 21.93 -1.78
CA HIS A 863 14.06 21.13 -1.95
C HIS A 863 12.84 21.90 -1.46
N ALA A 864 12.96 22.58 -0.31
CA ALA A 864 11.85 23.37 0.19
C ALA A 864 11.50 24.51 -0.77
N GLN A 865 12.52 25.17 -1.33
CA GLN A 865 12.27 26.22 -2.30
C GLN A 865 11.56 25.69 -3.53
N ASP A 866 11.99 24.52 -4.02
CA ASP A 866 11.33 23.93 -5.19
C ASP A 866 9.88 23.58 -4.89
N VAL A 867 9.62 23.01 -3.71
CA VAL A 867 8.26 22.64 -3.35
C VAL A 867 7.37 23.88 -3.27
N ILE A 868 7.87 24.94 -2.63
CA ILE A 868 7.09 26.17 -2.52
C ILE A 868 6.82 26.76 -3.89
N SER A 869 7.84 26.78 -4.76
CA SER A 869 7.66 27.34 -6.09
C SER A 869 6.64 26.53 -6.88
N ASP A 870 6.68 25.20 -6.77
CA ASP A 870 5.69 24.37 -7.46
C ASP A 870 4.30 24.62 -6.91
N LEU A 871 4.17 24.80 -5.59
CA LEU A 871 2.86 25.08 -5.01
C LEU A 871 2.31 26.41 -5.52
N LEU A 872 3.16 27.43 -5.64
CA LEU A 872 2.70 28.74 -6.07
C LEU A 872 2.41 28.80 -7.56
N CYS A 873 2.77 27.78 -8.34
CA CYS A 873 2.54 27.77 -9.77
C CYS A 873 1.49 26.74 -10.18
N ASN A 874 0.63 26.32 -9.24
CA ASN A 874 -0.45 25.36 -9.51
C ASN A 874 0.09 24.06 -10.11
N ARG A 875 1.26 23.63 -9.63
CA ARG A 875 1.87 22.39 -10.10
C ARG A 875 1.59 21.20 -9.19
N ILE A 876 1.40 21.44 -7.89
CA ILE A 876 1.18 20.35 -6.95
C ILE A 876 -0.21 19.76 -7.18
N ASP A 877 -0.29 18.42 -7.11
CA ASP A 877 -1.55 17.73 -7.34
C ASP A 877 -2.57 18.09 -6.27
N ILE A 878 -3.85 18.02 -6.65
CA ILE A 878 -4.92 18.38 -5.73
C ILE A 878 -5.01 17.37 -4.58
N SER A 879 -4.65 16.10 -4.83
CA SER A 879 -4.78 15.08 -3.79
C SER A 879 -3.97 15.42 -2.55
N GLN A 880 -2.87 16.15 -2.71
CA GLN A 880 -2.05 16.51 -1.56
C GLN A 880 -2.67 17.62 -0.73
N LEU A 881 -3.59 18.40 -1.29
CA LEU A 881 -4.15 19.57 -0.63
C LEU A 881 -5.54 19.30 -0.04
N VAL A 882 -6.01 18.07 -0.08
CA VAL A 882 -7.36 17.76 0.37
C VAL A 882 -7.40 17.73 1.90
N ILE A 883 -8.37 18.43 2.48
CA ILE A 883 -8.60 18.42 3.92
C ILE A 883 -9.97 17.82 4.17
N THR A 884 -10.01 16.77 5.00
CA THR A 884 -11.24 16.05 5.28
C THR A 884 -11.68 16.32 6.71
N LYS A 885 -12.96 16.64 6.88
CA LYS A 885 -13.52 16.89 8.20
C LYS A 885 -14.82 16.11 8.38
N GLU A 886 -15.01 15.56 9.58
CA GLU A 886 -16.19 14.76 9.88
C GLU A 886 -17.31 15.63 10.44
N LEU A 887 -18.54 15.33 10.03
CA LEU A 887 -19.72 16.00 10.57
C LEU A 887 -20.10 15.34 11.90
N THR A 888 -19.21 15.52 12.88
CA THR A 888 -19.40 14.90 14.18
C THR A 888 -20.66 15.41 14.86
N ARG A 889 -20.91 16.71 14.80
CA ARG A 889 -22.07 17.32 15.42
C ARG A 889 -23.05 17.79 14.35
N ALA A 890 -24.30 17.97 14.76
CA ALA A 890 -25.32 18.45 13.86
C ALA A 890 -25.07 19.91 13.51
N ALA A 891 -25.74 20.37 12.45
CA ALA A 891 -25.56 21.75 12.00
C ALA A 891 -25.99 22.75 13.07
N SER A 892 -27.08 22.45 13.78
CA SER A 892 -27.54 23.30 14.86
C SER A 892 -26.65 23.22 16.10
N ASP A 893 -25.76 22.22 16.17
CA ASP A 893 -24.89 22.07 17.32
C ASP A 893 -23.66 22.95 17.26
N TYR A 894 -23.39 23.60 16.13
CA TYR A 894 -22.23 24.47 15.97
C TYR A 894 -22.58 25.88 16.44
N ALA A 895 -21.71 26.45 17.27
CA ALA A 895 -21.89 27.85 17.68
C ALA A 895 -21.78 28.77 16.48
N GLY A 896 -20.84 28.52 15.59
CA GLY A 896 -20.68 29.31 14.39
C GLY A 896 -20.64 28.43 13.16
N LYS A 897 -20.97 29.03 12.03
CA LYS A 897 -20.98 28.30 10.76
C LYS A 897 -19.57 27.89 10.36
N GLN A 898 -19.45 26.67 9.84
CA GLN A 898 -18.17 26.12 9.42
C GLN A 898 -18.23 25.71 7.96
N ALA A 899 -17.05 25.44 7.40
CA ALA A 899 -16.94 25.23 5.95
C ALA A 899 -17.65 23.94 5.52
N HIS A 900 -17.44 22.85 6.26
CA HIS A 900 -17.96 21.56 5.81
C HIS A 900 -19.49 21.51 5.87
N VAL A 901 -20.10 22.21 6.82
CA VAL A 901 -21.57 22.25 6.89
C VAL A 901 -22.13 22.91 5.63
N GLU A 902 -21.56 24.06 5.26
CA GLU A 902 -22.02 24.75 4.06
C GLU A 902 -21.75 23.92 2.81
N LEU A 903 -20.59 23.25 2.75
CA LEU A 903 -20.29 22.40 1.61
C LEU A 903 -21.28 21.26 1.49
N ALA A 904 -21.62 20.62 2.61
CA ALA A 904 -22.59 19.53 2.59
C ALA A 904 -23.96 20.04 2.15
N GLU A 905 -24.37 21.20 2.64
CA GLU A 905 -25.65 21.77 2.24
C GLU A 905 -25.68 22.05 0.74
N ARG A 906 -24.61 22.65 0.20
CA ARG A 906 -24.58 22.93 -1.23
C ARG A 906 -24.57 21.65 -2.06
N MET A 907 -23.82 20.64 -1.61
CA MET A 907 -23.80 19.36 -2.34
C MET A 907 -25.18 18.72 -2.32
N ARG A 908 -25.88 18.78 -1.18
CA ARG A 908 -27.23 18.24 -1.11
C ARG A 908 -28.18 19.00 -2.03
N LYS A 909 -28.03 20.32 -2.10
CA LYS A 909 -28.85 21.11 -3.01
C LYS A 909 -28.54 20.78 -4.47
N ARG A 910 -27.29 20.41 -4.76
CA ARG A 910 -26.93 20.03 -6.12
C ARG A 910 -27.51 18.67 -6.48
N ASP A 911 -27.12 17.63 -5.75
CA ASP A 911 -27.60 16.28 -6.00
C ASP A 911 -27.64 15.49 -4.70
N PRO A 912 -28.82 15.10 -4.21
CA PRO A 912 -28.88 14.31 -2.97
C PRO A 912 -28.18 12.97 -3.06
N GLY A 913 -28.06 12.40 -4.28
CA GLY A 913 -27.51 11.06 -4.40
C GLY A 913 -26.08 10.94 -3.92
N SER A 914 -25.24 11.91 -4.27
CA SER A 914 -23.84 11.89 -3.87
C SER A 914 -23.58 12.71 -2.61
N ALA A 915 -24.60 13.32 -2.03
CA ALA A 915 -24.42 14.15 -0.84
C ALA A 915 -24.15 13.28 0.38
N PRO A 916 -23.04 13.46 1.08
CA PRO A 916 -22.80 12.67 2.30
C PRO A 916 -23.79 13.02 3.39
N SER A 917 -24.10 12.03 4.21
CA SER A 917 -25.02 12.21 5.32
C SER A 917 -24.28 12.70 6.56
N LEU A 918 -25.04 12.96 7.62
CA LEU A 918 -24.44 13.42 8.87
C LEU A 918 -23.60 12.30 9.50
N GLY A 919 -22.41 12.67 9.97
CA GLY A 919 -21.49 11.74 10.59
C GLY A 919 -20.37 11.27 9.68
N ASP A 920 -20.52 11.43 8.37
CA ASP A 920 -19.48 11.04 7.44
C ASP A 920 -18.42 12.14 7.32
N ARG A 921 -17.33 11.81 6.65
CA ARG A 921 -16.22 12.75 6.45
C ARG A 921 -16.33 13.36 5.06
N VAL A 922 -16.42 14.69 5.02
CA VAL A 922 -16.49 15.43 3.77
C VAL A 922 -15.11 16.00 3.48
N PRO A 923 -14.60 15.84 2.25
CA PRO A 923 -13.35 16.51 1.87
C PRO A 923 -13.61 17.87 1.23
N TYR A 924 -12.60 18.74 1.34
CA TYR A 924 -12.69 20.06 0.74
C TYR A 924 -11.29 20.62 0.53
N VAL A 925 -11.21 21.59 -0.37
CA VAL A 925 -10.02 22.41 -0.58
C VAL A 925 -10.48 23.86 -0.64
N ILE A 926 -9.56 24.76 -0.34
CA ILE A 926 -9.86 26.18 -0.28
C ILE A 926 -9.65 26.77 -1.67
N ILE A 927 -10.75 27.16 -2.31
CA ILE A 927 -10.69 27.72 -3.65
C ILE A 927 -10.47 29.23 -3.56
N SER A 928 -9.95 29.80 -4.63
CA SER A 928 -9.73 31.24 -4.67
C SER A 928 -11.05 31.96 -4.86
N ALA A 929 -11.30 32.97 -4.03
CA ALA A 929 -12.55 33.72 -4.08
C ALA A 929 -12.24 35.20 -3.89
N ALA A 930 -13.27 36.02 -4.06
CA ALA A 930 -13.12 37.46 -3.90
C ALA A 930 -12.95 37.83 -2.43
N LYS A 931 -12.33 38.98 -2.20
CA LYS A 931 -12.17 39.47 -0.84
C LYS A 931 -13.51 39.88 -0.24
N GLY A 932 -13.65 39.66 1.06
CA GLY A 932 -14.87 39.96 1.78
C GLY A 932 -15.82 38.80 1.93
N VAL A 933 -15.63 37.73 1.15
CA VAL A 933 -16.46 36.55 1.30
C VAL A 933 -16.10 35.83 2.59
N ALA A 934 -17.10 35.20 3.21
CA ALA A 934 -16.90 34.53 4.48
C ALA A 934 -15.90 33.39 4.33
N ALA A 935 -15.15 33.13 5.42
CA ALA A 935 -14.09 32.13 5.38
C ALA A 935 -14.64 30.74 5.09
N TYR A 936 -15.78 30.40 5.69
CA TYR A 936 -16.38 29.09 5.48
C TYR A 936 -16.97 28.92 4.09
N MET A 937 -17.07 30.00 3.30
CA MET A 937 -17.64 29.93 1.97
C MET A 937 -16.63 29.54 0.89
N LYS A 938 -15.36 29.40 1.24
CA LYS A 938 -14.34 29.08 0.25
C LYS A 938 -14.14 27.58 0.06
N SER A 939 -14.79 26.73 0.86
CA SER A 939 -14.63 25.30 0.72
C SER A 939 -15.44 24.78 -0.46
N GLU A 940 -14.93 23.72 -1.09
CA GLU A 940 -15.58 23.14 -2.25
C GLU A 940 -15.13 21.69 -2.40
N ASP A 941 -16.01 20.87 -2.96
CA ASP A 941 -15.68 19.48 -3.22
C ASP A 941 -14.57 19.39 -4.27
N PRO A 942 -13.56 18.55 -4.05
CA PRO A 942 -12.46 18.46 -5.03
C PRO A 942 -12.90 18.08 -6.43
N LEU A 943 -13.89 17.19 -6.54
CA LEU A 943 -14.35 16.76 -7.87
C LEU A 943 -14.97 17.91 -8.64
N PHE A 944 -15.71 18.77 -7.95
CA PHE A 944 -16.28 19.94 -8.62
C PHE A 944 -15.18 20.86 -9.15
N VAL A 945 -14.12 21.05 -8.35
CA VAL A 945 -12.99 21.86 -8.79
C VAL A 945 -12.33 21.22 -10.01
N LEU A 946 -12.15 19.90 -9.99
CA LEU A 946 -11.55 19.22 -11.13
C LEU A 946 -12.41 19.37 -12.38
N GLU A 947 -13.73 19.29 -12.24
CA GLU A 947 -14.60 19.42 -13.39
C GLU A 947 -14.59 20.83 -13.94
N HIS A 948 -14.67 21.84 -13.09
CA HIS A 948 -14.78 23.22 -13.52
C HIS A 948 -13.45 23.97 -13.57
N SER A 949 -12.35 23.31 -13.21
CA SER A 949 -11.02 23.91 -13.24
C SER A 949 -10.98 25.21 -12.43
N LEU A 950 -11.64 25.19 -11.27
CA LEU A 950 -11.69 26.38 -10.44
C LEU A 950 -10.31 26.69 -9.85
N PRO A 951 -9.99 27.96 -9.65
CA PRO A 951 -8.70 28.32 -9.06
C PRO A 951 -8.63 27.91 -7.59
N ILE A 952 -7.40 27.60 -7.15
CA ILE A 952 -7.13 27.21 -5.78
C ILE A 952 -6.52 28.40 -5.05
N ASP A 953 -7.00 28.67 -3.84
CA ASP A 953 -6.48 29.77 -3.05
C ASP A 953 -5.11 29.40 -2.50
N THR A 954 -4.05 29.69 -3.26
CA THR A 954 -2.72 29.25 -2.87
C THR A 954 -2.19 30.01 -1.65
N GLN A 955 -2.58 31.27 -1.48
CA GLN A 955 -2.04 32.07 -0.39
C GLN A 955 -2.41 31.48 0.96
N TYR A 956 -3.64 31.01 1.10
CA TYR A 956 -4.08 30.40 2.36
C TYR A 956 -3.23 29.18 2.68
N TYR A 957 -2.98 28.32 1.69
CA TYR A 957 -2.15 27.14 1.92
C TYR A 957 -0.72 27.54 2.28
N LEU A 958 -0.19 28.56 1.60
CA LEU A 958 1.20 28.97 1.85
C LEU A 958 1.37 29.51 3.25
N GLU A 959 0.47 30.38 3.69
CA GLU A 959 0.63 31.06 4.97
C GLU A 959 -0.13 30.40 6.11
N GLN A 960 -0.76 29.24 5.88
CA GLN A 960 -1.48 28.55 6.93
C GLN A 960 -1.17 27.07 7.03
N GLN A 961 -0.29 26.55 6.20
CA GLN A 961 0.05 25.13 6.30
C GLN A 961 1.55 24.89 6.39
N LEU A 962 2.38 25.68 5.70
CA LEU A 962 3.81 25.46 5.66
C LEU A 962 4.62 26.48 6.44
N ALA A 963 4.06 27.66 6.73
CA ALA A 963 4.84 28.70 7.39
C ALA A 963 5.26 28.26 8.80
N LYS A 964 4.28 27.85 9.62
CA LYS A 964 4.59 27.53 11.02
C LYS A 964 5.52 26.33 11.15
N PRO A 965 5.24 25.17 10.53
CA PRO A 965 6.15 24.03 10.72
C PRO A 965 7.54 24.27 10.15
N LEU A 966 7.65 24.84 8.96
CA LEU A 966 8.96 25.12 8.39
C LEU A 966 9.73 26.12 9.24
N LEU A 967 9.05 27.15 9.73
CA LEU A 967 9.72 28.11 10.61
C LEU A 967 10.22 27.44 11.87
N ARG A 968 9.38 26.62 12.50
CA ARG A 968 9.80 25.95 13.73
C ARG A 968 10.98 25.02 13.48
N ILE A 969 10.98 24.33 12.34
CA ILE A 969 12.08 23.40 12.06
C ILE A 969 13.37 24.16 11.75
N PHE A 970 13.30 25.21 10.94
CA PHE A 970 14.50 25.85 10.42
C PHE A 970 14.98 27.04 11.24
N GLU A 971 14.26 27.45 12.28
CA GLU A 971 14.79 28.48 13.16
C GLU A 971 16.07 28.04 13.87
N PRO A 972 16.17 26.85 14.46
CA PRO A 972 17.45 26.46 15.09
C PRO A 972 18.61 26.36 14.11
N ILE A 973 18.35 26.18 12.82
CA ILE A 973 19.42 25.98 11.84
C ILE A 973 19.91 27.33 11.32
N LEU A 974 19.02 28.09 10.69
CA LEU A 974 19.39 29.36 10.06
C LEU A 974 19.15 30.56 10.96
N GLY A 975 18.74 30.35 12.20
CA GLY A 975 18.54 31.48 13.10
C GLY A 975 17.14 32.04 13.02
N GLU A 976 16.71 32.63 14.14
CA GLU A 976 15.38 33.24 14.20
C GLU A 976 15.33 34.49 13.33
N GLY A 977 14.20 34.68 12.66
CA GLY A 977 14.03 35.85 11.80
C GLY A 977 14.65 35.73 10.42
N ARG A 978 15.94 35.41 10.34
CA ARG A 978 16.58 35.22 9.05
C ARG A 978 15.96 34.05 8.29
N ALA A 979 15.62 32.97 9.00
CA ALA A 979 15.03 31.81 8.36
C ALA A 979 13.70 32.15 7.69
N GLU A 980 12.93 33.08 8.27
CA GLU A 980 11.68 33.50 7.66
C GLU A 980 11.93 34.13 6.29
N ALA A 981 12.92 35.02 6.22
CA ALA A 981 13.26 35.63 4.94
C ALA A 981 13.79 34.60 3.96
N VAL A 982 14.61 33.66 4.43
CA VAL A 982 15.16 32.64 3.56
C VAL A 982 14.05 31.76 2.98
N LEU A 983 13.04 31.46 3.79
CA LEU A 983 12.01 30.51 3.36
C LEU A 983 10.92 31.17 2.54
N LEU A 984 10.23 32.16 3.12
CA LEU A 984 9.01 32.68 2.51
C LEU A 984 9.01 34.19 2.41
N ARG A 985 10.18 34.79 2.14
CA ARG A 985 10.23 36.22 1.84
C ARG A 985 11.42 36.46 0.90
N GLY A 986 11.14 36.46 -0.40
CA GLY A 986 12.21 36.61 -1.37
C GLY A 986 11.69 36.35 -2.78
N ASP A 987 12.66 36.25 -3.71
CA ASP A 987 12.32 36.10 -5.12
C ASP A 987 11.71 34.73 -5.41
N HIS A 988 12.34 33.66 -4.91
CA HIS A 988 11.76 32.33 -5.08
C HIS A 988 10.44 32.21 -4.34
N THR A 989 10.28 32.95 -3.24
CA THR A 989 9.04 32.97 -2.49
C THR A 989 7.91 33.65 -3.26
N ARG A 990 8.22 34.36 -4.34
CA ARG A 990 7.22 34.94 -5.23
C ARG A 990 7.10 34.18 -6.54
N CYS A 991 8.23 33.97 -7.23
CA CYS A 991 8.27 33.25 -8.50
C CYS A 991 7.21 33.76 -9.48
N LYS A 992 7.35 35.04 -9.81
CA LYS A 992 6.41 35.70 -10.72
C LYS A 992 6.43 35.03 -12.09
N THR A 993 5.34 34.34 -12.43
CA THR A 993 5.22 33.60 -13.69
C THR A 993 6.38 32.63 -13.89
N ARG A 1008 -13.29 30.91 -26.75
CA ARG A 1008 -11.89 30.95 -27.12
C ARG A 1008 -11.67 30.44 -28.53
N ARG A 1009 -10.95 31.22 -29.34
CA ARG A 1009 -10.60 30.83 -30.69
C ARG A 1009 -9.18 30.24 -30.73
N ASN A 1010 -8.85 29.67 -31.88
CA ASN A 1010 -7.52 29.13 -32.07
C ASN A 1010 -6.51 30.26 -32.20
N CYS A 1011 -5.38 30.11 -31.50
CA CYS A 1011 -4.31 31.10 -31.53
C CYS A 1011 -2.97 30.41 -31.73
N CYS A 1012 -2.08 31.09 -32.44
CA CYS A 1012 -0.73 30.57 -32.62
C CYS A 1012 -0.02 30.43 -31.28
N ILE A 1013 0.62 29.28 -31.08
CA ILE A 1013 1.32 29.05 -29.81
C ILE A 1013 2.51 29.99 -29.68
N GLY A 1014 3.20 30.25 -30.79
CA GLY A 1014 4.37 31.10 -30.77
C GLY A 1014 4.07 32.56 -30.50
N CYS A 1015 3.38 33.22 -31.44
CA CYS A 1015 3.16 34.65 -31.34
C CYS A 1015 1.97 35.04 -30.47
N ARG A 1016 1.13 34.08 -30.09
CA ARG A 1016 -0.07 34.35 -29.29
C ARG A 1016 -0.94 35.42 -29.94
N THR A 1017 -1.36 35.14 -31.17
CA THR A 1017 -2.21 36.04 -31.93
C THR A 1017 -3.40 35.27 -32.48
N VAL A 1018 -4.48 36.00 -32.76
CA VAL A 1018 -5.67 35.40 -33.33
C VAL A 1018 -5.37 34.95 -34.76
N LEU A 1019 -5.76 33.73 -35.09
CA LEU A 1019 -5.49 33.13 -36.38
C LEU A 1019 -6.74 33.16 -37.24
N SER A 1020 -6.60 33.68 -38.46
CA SER A 1020 -7.70 33.62 -39.42
C SER A 1020 -8.02 32.18 -39.80
N HIS A 1021 -6.98 31.36 -40.00
CA HIS A 1021 -7.15 29.95 -40.32
C HIS A 1021 -7.17 29.14 -39.02
N GLN A 1022 -7.08 27.82 -39.14
CA GLN A 1022 -7.07 26.92 -37.98
C GLN A 1022 -5.75 26.16 -37.86
N GLY A 1023 -4.67 26.69 -38.43
CA GLY A 1023 -3.39 26.03 -38.39
C GLY A 1023 -2.74 26.16 -37.02
N ALA A 1024 -1.58 25.51 -36.88
CA ALA A 1024 -0.86 25.54 -35.62
C ALA A 1024 -0.19 26.88 -35.38
N VAL A 1025 0.43 27.45 -36.42
CA VAL A 1025 1.12 28.73 -36.32
C VAL A 1025 0.76 29.60 -37.52
N CYS A 1026 0.98 30.90 -37.35
CA CYS A 1026 0.75 31.87 -38.42
C CYS A 1026 1.94 31.85 -39.38
N GLU A 1027 1.97 32.81 -40.31
CA GLU A 1027 3.10 32.90 -41.23
C GLU A 1027 4.36 33.39 -40.53
N PHE A 1028 4.21 34.22 -39.50
CA PHE A 1028 5.39 34.80 -38.85
C PHE A 1028 6.18 33.75 -38.08
N CYS A 1029 5.52 32.73 -37.55
CA CYS A 1029 6.17 31.69 -36.77
C CYS A 1029 6.36 30.39 -37.54
N GLN A 1030 6.26 30.44 -38.86
CA GLN A 1030 6.35 29.22 -39.68
C GLN A 1030 7.68 28.49 -39.53
N PRO A 1031 8.85 29.14 -39.69
CA PRO A 1031 10.10 28.37 -39.68
C PRO A 1031 10.36 27.63 -38.38
N ARG A 1032 9.76 28.06 -37.27
CA ARG A 1032 9.95 27.40 -35.98
C ARG A 1032 8.96 26.28 -35.73
N GLU A 1033 8.06 25.99 -36.67
CA GLU A 1033 6.98 25.04 -36.41
C GLU A 1033 7.52 23.71 -35.93
N SER A 1034 8.55 23.19 -36.60
CA SER A 1034 9.15 21.93 -36.20
C SER A 1034 9.54 21.94 -34.73
N GLU A 1035 10.21 23.01 -34.29
CA GLU A 1035 10.64 23.09 -32.90
C GLU A 1035 9.47 22.99 -31.94
N LEU A 1036 8.30 23.53 -32.32
CA LEU A 1036 7.14 23.42 -31.46
C LEU A 1036 6.67 21.97 -31.34
N TYR A 1037 6.73 21.21 -32.44
CA TYR A 1037 6.17 19.86 -32.43
C TYR A 1037 6.88 18.99 -31.39
N GLN A 1038 8.22 19.01 -31.39
CA GLN A 1038 8.97 18.25 -30.41
C GLN A 1038 8.70 18.71 -28.99
N LYS A 1039 8.24 19.95 -28.81
CA LYS A 1039 7.88 20.44 -27.49
C LYS A 1039 6.52 19.94 -27.04
N GLU A 1040 5.67 19.50 -27.97
CA GLU A 1040 4.32 19.07 -27.63
C GLU A 1040 4.22 17.56 -27.43
N VAL A 1041 4.64 16.79 -28.43
CA VAL A 1041 4.50 15.34 -28.36
C VAL A 1041 5.29 14.78 -27.18
N SER A 1042 6.48 15.33 -26.93
CA SER A 1042 7.28 14.89 -25.78
C SER A 1042 6.52 15.09 -24.47
N HIS A 1043 5.66 16.10 -24.41
CA HIS A 1043 4.78 16.24 -23.25
C HIS A 1043 3.72 15.16 -23.24
N LEU A 1044 3.07 14.94 -24.39
CA LEU A 1044 2.00 13.95 -24.47
C LEU A 1044 2.51 12.57 -24.08
N ASN A 1045 3.68 12.18 -24.57
CA ASN A 1045 4.29 10.93 -24.16
C ASN A 1045 4.37 10.85 -22.64
N ALA A 1046 4.86 11.92 -22.00
CA ALA A 1046 5.02 11.93 -20.56
C ALA A 1046 3.71 11.71 -19.83
N LEU A 1047 2.57 11.98 -20.48
CA LEU A 1047 1.29 11.67 -19.86
C LEU A 1047 0.89 10.22 -20.12
N GLU A 1048 1.07 9.75 -21.36
CA GLU A 1048 0.58 8.44 -21.74
C GLU A 1048 1.12 7.36 -20.82
N GLU A 1049 2.43 7.34 -20.64
CA GLU A 1049 3.05 6.37 -19.72
C GLU A 1049 2.37 6.41 -18.37
N ARG A 1050 2.21 7.62 -17.80
CA ARG A 1050 1.56 7.73 -16.49
C ARG A 1050 0.19 7.09 -16.51
N PHE A 1051 -0.59 7.35 -17.56
CA PHE A 1051 -1.91 6.73 -17.69
C PHE A 1051 -1.79 5.21 -17.60
N SER A 1052 -0.86 4.64 -18.37
CA SER A 1052 -0.73 3.19 -18.39
C SER A 1052 -0.32 2.63 -17.03
N ARG A 1053 0.25 3.46 -16.15
CA ARG A 1053 0.66 3.01 -14.84
C ARG A 1053 -0.39 3.28 -13.77
N LEU A 1054 -1.50 3.91 -14.12
CA LEU A 1054 -2.54 4.21 -13.13
C LEU A 1054 -3.65 3.15 -13.13
N TRP A 1055 -4.35 3.00 -14.24
CA TRP A 1055 -5.54 2.14 -14.26
C TRP A 1055 -5.19 0.70 -13.93
N THR A 1056 -4.13 0.18 -14.54
CA THR A 1056 -3.69 -1.17 -14.23
C THR A 1056 -3.46 -1.33 -12.73
N GLN A 1057 -2.88 -0.30 -12.10
CA GLN A 1057 -2.67 -0.33 -10.67
C GLN A 1057 -3.98 -0.60 -9.93
N CYS A 1058 -5.04 0.13 -10.29
CA CYS A 1058 -6.33 -0.09 -9.65
C CYS A 1058 -6.76 -1.54 -9.79
N GLN A 1059 -6.50 -2.15 -10.94
CA GLN A 1059 -6.87 -3.55 -11.12
C GLN A 1059 -6.16 -4.43 -10.09
N ARG A 1060 -4.87 -4.19 -9.87
CA ARG A 1060 -4.17 -4.92 -8.83
C ARG A 1060 -4.80 -4.68 -7.47
N CYS A 1061 -5.25 -3.44 -7.23
CA CYS A 1061 -5.94 -3.14 -5.98
C CYS A 1061 -7.30 -3.84 -5.92
N GLN A 1062 -7.92 -4.07 -7.07
CA GLN A 1062 -9.22 -4.73 -7.09
C GLN A 1062 -9.11 -6.23 -6.85
N GLY A 1063 -8.04 -6.85 -7.36
CA GLY A 1063 -7.87 -8.28 -7.23
C GLY A 1063 -8.45 -9.10 -8.37
N SER A 1064 -8.77 -8.48 -9.50
CA SER A 1064 -9.26 -9.21 -10.65
C SER A 1064 -8.97 -8.40 -11.91
N LEU A 1065 -8.79 -9.10 -13.02
CA LEU A 1065 -8.43 -8.46 -14.27
C LEU A 1065 -9.64 -8.24 -15.18
N HIS A 1066 -10.39 -9.30 -15.48
CA HIS A 1066 -11.50 -9.20 -16.42
C HIS A 1066 -12.66 -8.39 -15.87
N GLU A 1067 -12.87 -8.43 -14.56
CA GLU A 1067 -14.01 -7.73 -13.97
C GLU A 1067 -13.80 -6.21 -14.03
N ASP A 1068 -14.89 -5.48 -13.87
CA ASP A 1068 -14.85 -4.03 -13.92
C ASP A 1068 -14.31 -3.45 -12.63
N VAL A 1069 -13.93 -2.17 -12.69
CA VAL A 1069 -13.40 -1.45 -11.54
C VAL A 1069 -14.48 -0.50 -11.04
N ILE A 1070 -14.90 -0.68 -9.78
CA ILE A 1070 -15.94 0.15 -9.20
C ILE A 1070 -15.45 0.77 -7.91
N CYS A 1071 -14.13 0.98 -7.81
CA CYS A 1071 -13.56 1.62 -6.63
C CYS A 1071 -13.68 3.13 -6.77
N THR A 1072 -14.45 3.76 -5.88
CA THR A 1072 -14.63 5.20 -5.86
C THR A 1072 -14.19 5.79 -4.53
N SER A 1073 -13.13 5.23 -3.96
CA SER A 1073 -12.60 5.75 -2.70
C SER A 1073 -12.11 7.17 -2.87
N ARG A 1074 -12.47 8.03 -1.92
CA ARG A 1074 -12.12 9.45 -1.97
C ARG A 1074 -10.87 9.79 -1.18
N ASP A 1075 -10.23 8.82 -0.54
CA ASP A 1075 -8.99 9.04 0.18
C ASP A 1075 -7.78 8.44 -0.50
N CYS A 1076 -7.95 7.82 -1.67
CA CYS A 1076 -6.85 7.28 -2.44
C CYS A 1076 -6.44 8.29 -3.50
N PRO A 1077 -5.20 8.79 -3.48
CA PRO A 1077 -4.81 9.83 -4.45
C PRO A 1077 -4.91 9.37 -5.89
N ILE A 1078 -4.79 8.07 -6.14
CA ILE A 1078 -4.92 7.54 -7.50
C ILE A 1078 -6.29 7.87 -8.07
N PHE A 1079 -7.31 7.95 -7.20
CA PHE A 1079 -8.66 8.25 -7.68
C PHE A 1079 -8.70 9.60 -8.38
N TYR A 1080 -8.09 10.62 -7.77
CA TYR A 1080 -8.05 11.93 -8.42
C TYR A 1080 -7.08 11.95 -9.58
N MET A 1081 -5.93 11.28 -9.42
CA MET A 1081 -4.88 11.35 -10.43
C MET A 1081 -5.33 10.74 -11.75
N ARG A 1082 -6.06 9.63 -11.71
CA ARG A 1082 -6.47 8.99 -12.96
C ARG A 1082 -7.42 9.87 -13.75
N LYS A 1083 -8.38 10.51 -13.07
CA LYS A 1083 -9.30 11.40 -13.77
C LYS A 1083 -8.57 12.62 -14.33
N LYS A 1084 -7.65 13.19 -13.56
CA LYS A 1084 -6.90 14.33 -14.07
C LYS A 1084 -6.09 13.94 -15.30
N VAL A 1085 -5.46 12.76 -15.26
CA VAL A 1085 -4.66 12.30 -16.39
C VAL A 1085 -5.55 12.08 -17.61
N ARG A 1086 -6.73 11.50 -17.43
CA ARG A 1086 -7.63 11.29 -18.56
C ARG A 1086 -8.03 12.62 -19.20
N LYS A 1087 -8.41 13.59 -18.38
CA LYS A 1087 -8.81 14.89 -18.93
C LYS A 1087 -7.64 15.56 -19.65
N ASP A 1088 -6.44 15.49 -19.06
CA ASP A 1088 -5.28 16.09 -19.70
C ASP A 1088 -4.95 15.41 -21.02
N LEU A 1089 -5.11 14.09 -21.09
CA LEU A 1089 -4.87 13.37 -22.34
C LEU A 1089 -5.84 13.83 -23.42
N GLU A 1090 -7.12 13.97 -23.09
CA GLU A 1090 -8.08 14.44 -24.07
C GLU A 1090 -7.73 15.85 -24.54
N ASP A 1091 -7.40 16.74 -23.60
CA ASP A 1091 -7.06 18.11 -23.97
C ASP A 1091 -5.82 18.16 -24.85
N GLN A 1092 -4.80 17.36 -24.51
CA GLN A 1092 -3.56 17.36 -25.29
C GLN A 1092 -3.79 16.81 -26.69
N GLU A 1093 -4.61 15.78 -26.83
CA GLU A 1093 -4.93 15.26 -28.16
C GLU A 1093 -5.66 16.31 -28.98
N GLN A 1094 -6.61 17.02 -28.36
CA GLN A 1094 -7.32 18.07 -29.08
C GLN A 1094 -6.36 19.18 -29.51
N LEU A 1095 -5.39 19.50 -28.67
CA LEU A 1095 -4.40 20.51 -29.03
C LEU A 1095 -3.52 20.04 -30.18
N LEU A 1096 -3.06 18.79 -30.13
CA LEU A 1096 -2.14 18.30 -31.15
C LEU A 1096 -2.82 18.06 -32.48
N ARG A 1097 -4.14 17.86 -32.50
CA ARG A 1097 -4.84 17.71 -33.77
C ARG A 1097 -4.76 18.97 -34.63
N ARG A 1098 -4.41 20.12 -34.03
CA ARG A 1098 -4.31 21.35 -34.81
C ARG A 1098 -3.21 21.25 -35.86
N PHE A 1099 -2.14 20.53 -35.58
CA PHE A 1099 -1.14 20.25 -36.59
C PHE A 1099 -1.71 19.31 -37.66
N GLY A 1100 -0.97 19.15 -38.75
N GLY A 1100 -0.97 19.15 -38.75
CA GLY A 1100 -1.39 18.28 -39.81
CA GLY A 1100 -1.39 18.28 -39.81
C GLY A 1100 -1.43 16.82 -39.37
C GLY A 1100 -1.43 16.82 -39.37
N PRO A 1101 -2.34 16.05 -39.96
CA PRO A 1101 -2.41 14.62 -39.62
C PRO A 1101 -1.15 13.91 -40.08
N PRO A 1102 -0.70 12.89 -39.34
CA PRO A 1102 0.53 12.19 -39.72
C PRO A 1102 0.48 11.53 -41.09
N GLY A 1103 -0.70 11.07 -41.51
CA GLY A 1103 -0.83 10.43 -42.79
C GLY A 1103 -2.18 9.79 -43.02
N PRO A 1104 -2.35 9.10 -44.14
CA PRO A 1104 -3.64 8.47 -44.45
C PRO A 1104 -3.93 7.32 -43.50
N GLU A 1105 -5.22 7.03 -43.35
CA GLU A 1105 -5.65 5.93 -42.50
C GLU A 1105 -6.79 5.11 -43.12
N ALA A 1106 -7.09 5.29 -44.40
CA ALA A 1106 -8.22 4.61 -45.03
C ALA A 1106 -7.82 3.68 -46.16
N TRP A 1107 -6.59 3.76 -46.67
CA TRP A 1107 -6.13 2.94 -47.78
C TRP A 1107 -6.27 1.45 -47.49
N MET B 1 25.72 -16.32 -52.04
CA MET B 1 25.71 -15.36 -50.94
C MET B 1 26.25 -14.01 -51.39
N PHE B 2 26.49 -13.10 -50.44
CA PHE B 2 26.95 -11.77 -50.81
C PHE B 2 28.39 -11.80 -51.32
N SER B 3 29.27 -12.48 -50.60
CA SER B 3 30.67 -12.56 -51.02
C SER B 3 30.81 -13.31 -52.34
N GLU B 4 30.09 -14.41 -52.48
CA GLU B 4 30.18 -15.21 -53.70
C GLU B 4 29.75 -14.41 -54.92
N GLN B 5 28.67 -13.65 -54.80
CA GLN B 5 28.20 -12.82 -55.91
C GLN B 5 29.07 -11.59 -56.12
N ALA B 6 29.72 -11.10 -55.06
CA ALA B 6 30.57 -9.93 -55.20
C ALA B 6 31.90 -10.25 -55.85
N ALA B 7 32.44 -11.43 -55.61
CA ALA B 7 33.77 -11.78 -56.12
C ALA B 7 33.77 -12.14 -57.60
N GLN B 8 32.60 -12.17 -58.26
CA GLN B 8 32.54 -12.58 -59.66
C GLN B 8 33.29 -11.60 -60.55
N ARG B 9 33.12 -10.30 -60.33
CA ARG B 9 33.73 -9.29 -61.17
C ARG B 9 35.13 -8.93 -60.68
N ALA B 10 36.07 -8.85 -61.62
CA ALA B 10 37.46 -8.62 -61.26
C ALA B 10 37.68 -7.20 -60.74
N HIS B 11 38.70 -7.06 -59.91
CA HIS B 11 39.04 -5.76 -59.35
C HIS B 11 39.63 -4.86 -60.43
N THR B 12 39.18 -3.60 -60.47
CA THR B 12 39.62 -2.65 -61.48
C THR B 12 40.10 -1.32 -60.92
N LEU B 13 39.97 -1.09 -59.61
CA LEU B 13 40.29 0.22 -59.05
C LEU B 13 41.78 0.42 -58.77
N LEU B 14 42.58 -0.64 -58.81
CA LEU B 14 44.02 -0.51 -58.58
C LEU B 14 44.78 -0.39 -59.90
N SER B 15 44.43 0.64 -60.66
CA SER B 15 45.00 0.86 -61.97
C SER B 15 44.90 2.35 -62.30
N PRO B 16 45.69 2.83 -63.25
CA PRO B 16 45.56 4.22 -63.69
C PRO B 16 44.16 4.50 -64.21
N PRO B 17 43.77 5.77 -64.31
CA PRO B 17 42.40 6.10 -64.72
C PRO B 17 42.06 5.53 -66.09
N SER B 18 40.82 5.08 -66.23
CA SER B 18 40.32 4.48 -67.46
C SER B 18 39.18 5.33 -68.02
N ALA B 19 39.00 5.27 -69.34
CA ALA B 19 38.00 6.10 -69.99
C ALA B 19 36.59 5.71 -69.56
N ASN B 20 36.31 4.41 -69.45
CA ASN B 20 34.97 3.92 -69.18
C ASN B 20 34.75 3.69 -67.70
N ASN B 21 33.48 3.59 -67.32
CA ASN B 21 33.09 3.30 -65.95
C ASN B 21 31.76 2.55 -65.96
N ALA B 22 31.63 1.61 -65.03
CA ALA B 22 30.40 0.84 -64.92
C ALA B 22 29.30 1.69 -64.29
N THR B 23 28.05 1.30 -64.56
CA THR B 23 26.90 1.99 -63.99
C THR B 23 25.72 1.02 -63.99
N PHE B 24 25.28 0.61 -62.81
CA PHE B 24 24.19 -0.33 -62.67
C PHE B 24 22.88 0.43 -62.48
N ALA B 25 21.80 -0.33 -62.25
CA ALA B 25 20.49 0.24 -62.00
C ALA B 25 19.86 -0.47 -60.81
N ARG B 26 19.14 0.29 -60.00
CA ARG B 26 18.44 -0.29 -58.86
C ARG B 26 17.37 -1.27 -59.35
N VAL B 27 17.26 -2.39 -58.65
CA VAL B 27 16.24 -3.38 -59.00
C VAL B 27 14.88 -2.85 -58.56
N PRO B 28 13.94 -2.64 -59.47
CA PRO B 28 12.62 -2.16 -59.07
C PRO B 28 11.87 -3.22 -58.29
N VAL B 29 11.04 -2.74 -57.34
CA VAL B 29 10.24 -3.65 -56.52
C VAL B 29 9.09 -4.15 -57.38
N ALA B 30 9.00 -5.47 -57.54
CA ALA B 30 7.96 -6.05 -58.38
C ALA B 30 6.58 -5.82 -57.79
N THR B 31 6.40 -6.16 -56.51
CA THR B 31 5.12 -5.99 -55.84
C THR B 31 5.37 -5.53 -54.42
N TYR B 32 4.37 -4.85 -53.86
CA TYR B 32 4.43 -4.38 -52.47
C TYR B 32 3.02 -4.11 -52.00
N THR B 33 2.76 -4.36 -50.72
CA THR B 33 1.46 -4.08 -50.14
C THR B 33 1.63 -3.86 -48.63
N ASN B 34 1.41 -2.64 -48.18
CA ASN B 34 1.40 -2.36 -46.76
C ASN B 34 0.03 -2.72 -46.19
N SER B 35 0.03 -3.51 -45.11
CA SER B 35 -1.20 -3.97 -44.49
C SER B 35 -1.16 -3.73 -42.99
N SER B 36 -0.73 -2.52 -42.61
CA SER B 36 -0.68 -2.12 -41.21
C SER B 36 -1.99 -1.50 -40.73
N GLN B 37 -3.10 -1.78 -41.42
CA GLN B 37 -4.37 -1.14 -41.09
C GLN B 37 -4.81 -1.38 -39.64
N PRO B 38 -4.77 -2.60 -39.10
CA PRO B 38 -5.16 -2.77 -37.69
C PRO B 38 -4.30 -1.98 -36.73
N PHE B 39 -3.04 -1.72 -37.07
CA PHE B 39 -2.14 -0.98 -36.21
C PHE B 39 -2.18 0.53 -36.45
N ARG B 40 -2.95 1.00 -37.42
CA ARG B 40 -3.11 2.42 -37.69
C ARG B 40 -4.47 2.87 -37.17
N LEU B 41 -4.46 3.79 -36.22
CA LEU B 41 -5.67 4.27 -35.57
C LEU B 41 -5.95 5.71 -35.95
N GLY B 42 -7.22 6.04 -36.11
CA GLY B 42 -7.62 7.38 -36.46
C GLY B 42 -7.86 8.22 -35.23
N GLU B 43 -9.11 8.62 -35.00
CA GLU B 43 -9.44 9.39 -33.81
C GLU B 43 -9.22 8.52 -32.57
N ARG B 44 -8.39 8.99 -31.65
CA ARG B 44 -8.02 8.24 -30.47
C ARG B 44 -8.81 8.74 -29.27
N SER B 45 -9.38 7.82 -28.50
CA SER B 45 -10.17 8.14 -27.33
C SER B 45 -9.62 7.37 -26.13
N PHE B 46 -9.61 8.02 -24.97
CA PHE B 46 -9.11 7.40 -23.75
C PHE B 46 -10.13 7.46 -22.62
N SER B 47 -11.38 7.14 -22.91
CA SER B 47 -12.45 7.14 -21.91
C SER B 47 -12.94 5.73 -21.62
N ARG B 48 -12.01 4.78 -21.54
CA ARG B 48 -12.34 3.38 -21.28
C ARG B 48 -11.31 2.77 -20.35
N GLN B 49 -11.69 1.65 -19.74
CA GLN B 49 -10.82 0.89 -18.88
C GLN B 49 -10.13 -0.23 -19.65
N TYR B 50 -9.06 -0.76 -19.09
CA TYR B 50 -8.29 -1.79 -19.76
C TYR B 50 -9.01 -3.14 -19.80
N ALA B 51 -10.02 -3.33 -18.95
CA ALA B 51 -10.65 -4.65 -18.83
C ALA B 51 -11.11 -5.18 -20.17
N HIS B 52 -11.61 -4.29 -21.04
CA HIS B 52 -12.06 -4.71 -22.37
C HIS B 52 -10.97 -5.49 -23.10
N ILE B 53 -9.77 -4.91 -23.18
CA ILE B 53 -8.70 -5.54 -23.96
C ILE B 53 -8.37 -6.91 -23.42
N TYR B 54 -8.73 -7.21 -22.18
CA TYR B 54 -8.55 -8.57 -21.68
C TYR B 54 -9.69 -9.47 -22.14
N ALA B 55 -10.93 -9.05 -21.90
CA ALA B 55 -12.06 -9.96 -22.08
C ALA B 55 -12.13 -10.46 -23.51
N THR B 56 -12.14 -9.54 -24.48
CA THR B 56 -12.17 -9.94 -25.88
C THR B 56 -11.04 -10.91 -26.20
N ARG B 57 -9.84 -10.63 -25.69
CA ARG B 57 -8.71 -11.52 -25.93
C ARG B 57 -9.07 -12.95 -25.59
N LEU B 58 -9.63 -13.16 -24.40
CA LEU B 58 -10.00 -14.51 -24.00
C LEU B 58 -11.00 -15.11 -24.98
N ILE B 59 -12.04 -14.34 -25.33
CA ILE B 59 -13.06 -14.84 -26.23
C ILE B 59 -12.54 -15.02 -27.64
N GLN B 60 -11.36 -14.49 -27.94
CA GLN B 60 -10.74 -14.70 -29.25
C GLN B 60 -9.77 -15.87 -29.25
N MET B 61 -9.49 -16.48 -28.10
CA MET B 61 -8.55 -17.58 -28.03
C MET B 61 -9.18 -18.92 -27.65
N ARG B 62 -10.35 -18.90 -27.01
CA ARG B 62 -10.98 -20.13 -26.58
C ARG B 62 -11.24 -21.13 -27.72
N PRO B 63 -11.73 -20.73 -28.88
CA PRO B 63 -11.93 -21.73 -29.95
C PRO B 63 -10.64 -22.34 -30.46
N PHE B 64 -9.48 -21.74 -30.19
CA PHE B 64 -8.21 -22.30 -30.64
C PHE B 64 -7.68 -23.34 -29.66
N LEU B 65 -7.44 -22.94 -28.41
CA LEU B 65 -6.77 -23.81 -27.44
C LEU B 65 -7.47 -25.14 -27.29
N GLU B 66 -8.81 -25.13 -27.31
CA GLU B 66 -9.56 -26.38 -27.18
C GLU B 66 -9.14 -27.39 -28.23
N ASN B 67 -9.06 -26.95 -29.49
CA ASN B 67 -8.58 -27.84 -30.54
C ASN B 67 -7.22 -28.42 -30.19
N ARG B 68 -6.32 -27.57 -29.70
CA ARG B 68 -4.99 -28.04 -29.32
C ARG B 68 -5.07 -29.12 -28.26
N ALA B 69 -6.00 -28.98 -27.32
CA ALA B 69 -6.17 -30.03 -26.30
C ALA B 69 -6.47 -31.36 -26.96
N GLN B 70 -7.35 -31.37 -27.96
CA GLN B 70 -7.70 -32.61 -28.63
C GLN B 70 -6.49 -33.27 -29.28
N GLN B 71 -5.44 -32.50 -29.58
CA GLN B 71 -4.25 -33.05 -30.21
C GLN B 71 -3.17 -33.41 -29.20
N HIS B 72 -3.41 -33.21 -27.90
CA HIS B 72 -2.44 -33.59 -26.89
C HIS B 72 -2.96 -34.69 -25.96
N TRP B 73 -4.12 -34.48 -25.33
CA TRP B 73 -4.64 -35.41 -24.34
C TRP B 73 -5.82 -36.21 -24.86
N GLY B 74 -5.96 -36.32 -26.17
CA GLY B 74 -7.04 -37.07 -26.75
C GLY B 74 -8.37 -36.32 -26.69
N SER B 75 -9.42 -37.04 -27.09
CA SER B 75 -10.76 -36.49 -27.07
C SER B 75 -11.54 -36.85 -25.81
N GLY B 76 -10.91 -37.55 -24.87
CA GLY B 76 -11.58 -37.98 -23.65
C GLY B 76 -11.67 -36.96 -22.56
N VAL B 77 -11.09 -35.77 -22.75
CA VAL B 77 -11.11 -34.71 -21.75
C VAL B 77 -11.98 -33.58 -22.26
N GLY B 78 -12.95 -33.17 -21.45
CA GLY B 78 -13.88 -32.10 -21.79
C GLY B 78 -13.57 -30.84 -21.01
N VAL B 79 -13.54 -29.72 -21.72
CA VAL B 79 -13.24 -28.43 -21.09
C VAL B 79 -14.36 -28.06 -20.13
N LYS B 80 -14.01 -27.79 -18.88
CA LYS B 80 -14.96 -27.42 -17.85
C LYS B 80 -14.55 -26.09 -17.25
N LYS B 81 -15.50 -25.17 -17.15
CA LYS B 81 -15.22 -23.86 -16.59
C LYS B 81 -15.04 -23.97 -15.07
N LEU B 82 -14.47 -22.91 -14.49
CA LEU B 82 -14.06 -22.95 -13.09
C LEU B 82 -15.27 -23.17 -12.17
N CYS B 83 -16.39 -22.49 -12.43
CA CYS B 83 -17.54 -22.62 -11.55
C CYS B 83 -18.23 -23.97 -11.64
N GLU B 84 -17.86 -24.81 -12.62
CA GLU B 84 -18.47 -26.12 -12.79
C GLU B 84 -17.59 -27.25 -12.28
N LEU B 85 -16.47 -26.94 -11.63
CA LEU B 85 -15.53 -27.97 -11.20
C LEU B 85 -16.00 -28.64 -9.92
N GLN B 86 -15.43 -29.82 -9.66
CA GLN B 86 -15.63 -30.55 -8.42
C GLN B 86 -14.28 -31.09 -7.96
N PRO B 87 -14.08 -31.21 -6.64
CA PRO B 87 -12.78 -31.65 -6.13
C PRO B 87 -12.40 -33.05 -6.60
N GLU B 88 -11.10 -33.25 -6.81
CA GLU B 88 -10.54 -34.54 -7.19
C GLU B 88 -11.16 -35.08 -8.48
N GLU B 89 -11.30 -34.20 -9.47
CA GLU B 89 -11.83 -34.56 -10.78
C GLU B 89 -10.90 -34.01 -11.84
N LYS B 90 -10.31 -34.90 -12.63
CA LYS B 90 -9.37 -34.48 -13.66
C LYS B 90 -10.10 -33.73 -14.76
N CYS B 91 -9.56 -32.55 -15.12
CA CYS B 91 -10.25 -31.67 -16.06
C CYS B 91 -9.25 -30.70 -16.66
N CYS B 92 -9.67 -30.05 -17.74
CA CYS B 92 -8.88 -29.06 -18.45
C CYS B 92 -9.55 -27.70 -18.31
N VAL B 93 -8.77 -26.68 -17.99
CA VAL B 93 -9.28 -25.32 -17.78
C VAL B 93 -8.46 -24.37 -18.64
N VAL B 94 -9.14 -23.47 -19.36
CA VAL B 94 -8.51 -22.51 -20.24
C VAL B 94 -8.63 -21.13 -19.62
N GLY B 95 -7.51 -20.40 -19.55
CA GLY B 95 -7.57 -19.08 -18.96
C GLY B 95 -6.24 -18.37 -19.04
N THR B 96 -6.21 -17.18 -18.44
CA THR B 96 -5.05 -16.30 -18.41
C THR B 96 -4.28 -16.49 -17.11
N LEU B 97 -3.02 -16.05 -17.12
CA LEU B 97 -2.14 -16.17 -15.96
C LEU B 97 -1.85 -14.81 -15.37
N PHE B 98 -1.79 -14.75 -14.04
CA PHE B 98 -1.35 -13.57 -13.33
C PHE B 98 -0.21 -13.97 -12.41
N LYS B 99 0.93 -13.28 -12.53
CA LYS B 99 2.13 -13.62 -11.79
C LYS B 99 2.32 -12.58 -10.68
N ALA B 100 1.99 -12.98 -9.46
CA ALA B 100 2.16 -12.11 -8.31
C ALA B 100 3.63 -12.10 -7.90
N MET B 101 4.22 -10.91 -7.90
CA MET B 101 5.63 -10.68 -7.57
C MET B 101 5.74 -9.58 -6.54
N PRO B 102 6.77 -9.64 -5.70
CA PRO B 102 6.95 -8.57 -4.69
C PRO B 102 7.73 -7.38 -5.22
N LEU B 103 8.50 -7.58 -6.28
CA LEU B 103 9.37 -6.55 -6.82
C LEU B 103 8.75 -5.73 -7.94
N GLN B 104 7.50 -6.01 -8.30
CA GLN B 104 6.85 -5.26 -9.37
C GLN B 104 6.62 -3.82 -8.92
N PRO B 105 7.08 -2.83 -9.67
CA PRO B 105 6.92 -1.43 -9.24
C PRO B 105 5.45 -1.05 -9.11
N SER B 106 5.16 -0.20 -8.12
CA SER B 106 3.81 0.24 -7.85
C SER B 106 3.79 1.76 -7.76
N ILE B 107 2.84 2.39 -8.45
CA ILE B 107 2.69 3.84 -8.37
C ILE B 107 2.26 4.25 -6.96
N LEU B 108 1.44 3.41 -6.31
CA LEU B 108 0.91 3.76 -4.99
C LEU B 108 2.04 3.95 -3.98
N ARG B 109 3.01 3.02 -3.97
CA ARG B 109 4.13 3.16 -3.05
C ARG B 109 4.96 4.40 -3.37
N GLU B 110 5.21 4.67 -4.64
CA GLU B 110 6.00 5.82 -5.04
C GLU B 110 5.28 7.14 -4.83
N VAL B 111 3.97 7.13 -4.60
CA VAL B 111 3.20 8.36 -4.46
C VAL B 111 2.61 8.53 -3.07
N SER B 112 2.65 7.51 -2.23
CA SER B 112 2.01 7.57 -0.92
C SER B 112 2.88 8.35 0.06
N GLU B 113 2.52 8.31 1.34
CA GLU B 113 3.29 9.00 2.38
C GLU B 113 4.70 8.46 2.51
N GLU B 114 4.94 7.24 2.03
CA GLU B 114 6.29 6.67 2.09
C GLU B 114 7.27 7.49 1.25
N HIS B 115 6.85 7.91 0.05
CA HIS B 115 7.68 8.69 -0.85
C HIS B 115 9.01 8.00 -1.11
N ASN B 116 10.05 8.42 -0.38
CA ASN B 116 11.39 7.87 -0.56
C ASN B 116 11.42 6.38 -0.23
N LEU B 117 11.18 6.04 1.03
CA LEU B 117 11.17 4.65 1.49
C LEU B 117 12.42 3.89 1.02
N LEU B 118 13.58 4.55 1.14
CA LEU B 118 14.83 4.03 0.62
C LEU B 118 14.65 3.70 -0.86
N PRO B 119 14.58 4.69 -1.73
CA PRO B 119 14.17 4.44 -3.12
C PRO B 119 15.07 3.43 -3.81
N GLN B 120 14.44 2.57 -4.62
CA GLN B 120 15.15 1.52 -5.34
C GLN B 120 15.49 2.00 -6.75
N PRO B 121 16.75 2.08 -7.13
CA PRO B 121 17.11 2.45 -8.50
C PRO B 121 16.70 1.36 -9.47
N PRO B 122 16.46 1.72 -10.74
CA PRO B 122 16.11 0.69 -11.73
C PRO B 122 17.21 -0.34 -11.88
N ARG B 123 16.81 -1.58 -12.15
CA ARG B 123 17.74 -2.69 -12.21
C ARG B 123 17.28 -3.67 -13.28
N SER B 124 17.90 -4.86 -13.28
CA SER B 124 17.59 -5.94 -14.20
C SER B 124 16.36 -6.70 -13.75
N LYS B 125 16.17 -7.90 -14.29
CA LYS B 125 15.01 -8.75 -14.06
C LYS B 125 14.47 -8.63 -12.64
N TYR B 126 13.17 -8.38 -12.53
CA TYR B 126 12.50 -8.23 -11.26
C TYR B 126 11.93 -9.55 -10.73
N ILE B 127 12.34 -10.68 -11.31
CA ILE B 127 11.83 -11.97 -10.87
C ILE B 127 12.29 -12.25 -9.44
N HIS B 128 11.46 -12.97 -8.70
CA HIS B 128 11.73 -13.32 -7.31
C HIS B 128 11.37 -14.77 -7.09
N PRO B 129 12.07 -15.44 -6.17
CA PRO B 129 11.72 -16.85 -5.87
C PRO B 129 10.33 -17.01 -5.27
N ASP B 130 9.72 -15.95 -4.77
CA ASP B 130 8.42 -16.04 -4.10
C ASP B 130 7.25 -15.70 -5.01
N ASP B 131 7.47 -15.60 -6.31
CA ASP B 131 6.38 -15.29 -7.24
C ASP B 131 5.38 -16.44 -7.30
N GLU B 132 4.11 -16.09 -7.45
CA GLU B 132 3.05 -17.09 -7.52
C GLU B 132 2.25 -16.92 -8.80
N LEU B 133 1.62 -18.02 -9.23
CA LEU B 133 0.84 -18.04 -10.47
C LEU B 133 -0.63 -18.28 -10.15
N VAL B 134 -1.49 -17.41 -10.67
CA VAL B 134 -2.93 -17.53 -10.48
C VAL B 134 -3.59 -17.64 -11.85
N LEU B 135 -4.30 -18.73 -12.08
CA LEU B 135 -5.09 -18.89 -13.29
C LEU B 135 -6.42 -18.17 -13.11
N GLU B 136 -6.90 -17.56 -14.19
CA GLU B 136 -8.12 -16.76 -14.10
C GLU B 136 -8.88 -16.83 -15.42
N ASP B 137 -10.15 -17.16 -15.35
CA ASP B 137 -11.10 -16.98 -16.42
C ASP B 137 -11.98 -15.77 -16.09
N GLU B 138 -13.06 -15.57 -16.86
CA GLU B 138 -13.88 -14.37 -16.70
C GLU B 138 -14.50 -14.24 -15.31
N LEU B 139 -14.57 -15.32 -14.54
CA LEU B 139 -15.33 -15.32 -13.30
C LEU B 139 -14.47 -15.44 -12.06
N GLN B 140 -13.64 -16.48 -11.95
CA GLN B 140 -12.97 -16.80 -10.69
C GLN B 140 -11.46 -16.90 -10.87
N ARG B 141 -10.76 -16.68 -9.76
CA ARG B 141 -9.32 -16.88 -9.68
C ARG B 141 -9.02 -18.18 -8.95
N ILE B 142 -7.88 -18.78 -9.28
CA ILE B 142 -7.45 -19.99 -8.58
C ILE B 142 -5.94 -20.13 -8.66
N LYS B 143 -5.30 -20.37 -7.51
CA LYS B 143 -3.84 -20.49 -7.48
C LYS B 143 -3.40 -21.82 -8.07
N LEU B 144 -2.22 -21.81 -8.71
CA LEU B 144 -1.69 -23.00 -9.36
C LEU B 144 -0.53 -23.59 -8.57
N LYS B 145 -0.35 -24.89 -8.70
CA LYS B 145 0.83 -25.57 -8.17
C LYS B 145 1.01 -26.88 -8.91
N GLY B 146 2.23 -27.41 -8.84
CA GLY B 146 2.54 -28.65 -9.51
C GLY B 146 3.72 -28.56 -10.46
N THR B 147 3.63 -29.28 -11.58
CA THR B 147 4.71 -29.31 -12.57
C THR B 147 4.57 -28.14 -13.53
N ILE B 148 4.79 -26.95 -13.00
CA ILE B 148 4.69 -25.71 -13.75
C ILE B 148 5.87 -24.82 -13.38
N ASP B 149 6.42 -24.12 -14.38
CA ASP B 149 7.58 -23.27 -14.18
C ASP B 149 7.11 -21.85 -13.84
N VAL B 150 7.42 -21.40 -12.63
CA VAL B 150 6.96 -20.10 -12.18
C VAL B 150 7.69 -18.98 -12.91
N SER B 151 9.02 -19.09 -13.03
CA SER B 151 9.81 -17.98 -13.53
C SER B 151 9.69 -17.81 -15.04
N LYS B 152 9.59 -18.92 -15.77
CA LYS B 152 9.65 -18.84 -17.24
C LYS B 152 8.45 -18.07 -17.81
N LEU B 153 7.25 -18.32 -17.30
CA LEU B 153 6.05 -17.71 -17.86
C LEU B 153 5.88 -16.28 -17.35
N VAL B 154 5.06 -15.52 -18.08
CA VAL B 154 4.84 -14.11 -17.80
C VAL B 154 3.34 -13.82 -17.79
N THR B 155 2.98 -12.65 -17.28
CA THR B 155 1.59 -12.24 -17.20
C THR B 155 1.00 -12.03 -18.59
N GLY B 156 -0.29 -12.33 -18.73
CA GLY B 156 -0.99 -12.15 -19.97
C GLY B 156 -1.03 -13.37 -20.87
N THR B 157 -0.30 -14.43 -20.54
CA THR B 157 -0.34 -15.64 -21.35
C THR B 157 -1.70 -16.31 -21.24
N VAL B 158 -2.19 -16.86 -22.34
CA VAL B 158 -3.45 -17.58 -22.40
C VAL B 158 -3.14 -19.04 -22.66
N LEU B 159 -3.52 -19.92 -21.73
CA LEU B 159 -3.13 -21.32 -21.84
C LEU B 159 -4.23 -22.22 -21.27
N ALA B 160 -4.16 -23.48 -21.65
CA ALA B 160 -5.05 -24.53 -21.15
C ALA B 160 -4.22 -25.47 -20.27
N VAL B 161 -4.65 -25.65 -19.03
CA VAL B 161 -3.94 -26.47 -18.06
C VAL B 161 -4.80 -27.68 -17.73
N PHE B 162 -4.17 -28.84 -17.69
CA PHE B 162 -4.80 -30.10 -17.33
C PHE B 162 -4.43 -30.43 -15.90
N GLY B 163 -5.42 -30.77 -15.08
CA GLY B 163 -5.14 -31.04 -13.69
C GLY B 163 -6.43 -31.18 -12.89
N SER B 164 -6.30 -30.99 -11.58
CA SER B 164 -7.45 -31.18 -10.70
C SER B 164 -7.35 -30.26 -9.51
N VAL B 165 -8.52 -29.94 -8.94
CA VAL B 165 -8.58 -29.09 -7.75
C VAL B 165 -8.34 -29.96 -6.52
N ARG B 166 -7.34 -29.60 -5.73
CA ARG B 166 -7.06 -30.31 -4.49
C ARG B 166 -7.92 -29.75 -3.36
N ASP B 167 -7.86 -30.42 -2.21
CA ASP B 167 -8.77 -30.12 -1.11
C ASP B 167 -8.49 -28.76 -0.47
N ASP B 168 -7.31 -28.19 -0.69
CA ASP B 168 -6.97 -26.90 -0.09
C ASP B 168 -7.39 -25.71 -0.94
N GLY B 169 -7.96 -25.95 -2.13
CA GLY B 169 -8.42 -24.89 -2.99
C GLY B 169 -7.52 -24.57 -4.15
N LYS B 170 -6.27 -25.04 -4.13
CA LYS B 170 -5.33 -24.79 -5.21
C LYS B 170 -5.60 -25.78 -6.36
N PHE B 171 -4.87 -25.60 -7.46
CA PHE B 171 -5.03 -26.44 -8.64
C PHE B 171 -3.73 -27.16 -8.92
N LEU B 172 -3.75 -28.49 -8.83
CA LEU B 172 -2.61 -29.30 -9.18
C LEU B 172 -2.57 -29.49 -10.69
N VAL B 173 -1.43 -29.15 -11.30
CA VAL B 173 -1.27 -29.11 -12.75
C VAL B 173 -0.36 -30.26 -13.17
N GLU B 174 -0.79 -31.04 -14.16
CA GLU B 174 0.04 -32.11 -14.70
C GLU B 174 0.73 -31.73 -16.00
N ASP B 175 0.07 -30.94 -16.85
CA ASP B 175 0.64 -30.62 -18.16
C ASP B 175 -0.08 -29.41 -18.73
N TYR B 176 0.67 -28.53 -19.39
CA TYR B 176 0.11 -27.35 -20.03
C TYR B 176 0.56 -27.29 -21.47
N CYS B 177 -0.26 -26.68 -22.32
CA CYS B 177 0.04 -26.55 -23.74
C CYS B 177 -0.31 -25.15 -24.20
N PHE B 178 0.32 -24.72 -25.28
CA PHE B 178 0.11 -23.41 -25.87
C PHE B 178 -0.63 -23.52 -27.19
N ALA B 179 -1.05 -22.37 -27.71
CA ALA B 179 -1.88 -22.33 -28.90
C ALA B 179 -1.11 -22.69 -30.17
N ASP B 180 0.22 -22.57 -30.14
CA ASP B 180 1.07 -22.90 -31.28
C ASP B 180 0.77 -22.01 -32.48
N LEU B 181 1.32 -22.36 -33.64
CA LEU B 181 1.26 -21.50 -34.81
C LEU B 181 -0.13 -21.52 -35.45
N ALA B 182 -0.41 -20.45 -36.19
CA ALA B 182 -1.62 -20.22 -36.96
C ALA B 182 -1.50 -20.84 -38.35
N PRO B 183 -2.60 -21.05 -39.07
CA PRO B 183 -2.51 -21.52 -40.45
C PRO B 183 -1.77 -20.53 -41.33
N GLN B 184 -1.08 -21.07 -42.34
CA GLN B 184 -0.20 -20.29 -43.20
C GLN B 184 -0.44 -20.64 -44.65
N LYS B 185 -0.45 -19.61 -45.50
CA LYS B 185 -0.53 -19.81 -46.95
C LYS B 185 0.86 -19.75 -47.54
N PRO B 186 1.33 -20.79 -48.23
CA PRO B 186 2.71 -20.79 -48.73
C PRO B 186 2.94 -19.66 -49.72
N ALA B 187 4.12 -19.05 -49.62
CA ALA B 187 4.48 -17.91 -50.45
C ALA B 187 4.90 -18.37 -51.85
N PRO B 188 4.62 -17.56 -52.88
CA PRO B 188 5.08 -17.90 -54.22
C PRO B 188 6.59 -17.82 -54.31
N PRO B 189 7.22 -18.62 -55.16
CA PRO B 189 8.68 -18.59 -55.30
C PRO B 189 9.12 -17.41 -56.17
N LEU B 190 10.43 -17.20 -56.19
CA LEU B 190 11.06 -16.14 -56.96
C LEU B 190 11.90 -16.74 -58.09
N ASP B 191 12.58 -15.87 -58.82
CA ASP B 191 13.43 -16.25 -59.94
C ASP B 191 14.88 -15.82 -59.78
N THR B 192 15.12 -14.61 -59.28
CA THR B 192 16.47 -14.09 -59.09
C THR B 192 16.62 -13.61 -57.65
N ASP B 193 17.87 -13.52 -57.21
CA ASP B 193 18.15 -13.10 -55.85
C ASP B 193 17.72 -11.67 -55.61
N ARG B 194 17.14 -11.42 -54.43
CA ARG B 194 16.84 -10.08 -53.97
C ARG B 194 17.19 -9.99 -52.49
N PHE B 195 17.53 -8.80 -52.04
CA PHE B 195 17.98 -8.57 -50.68
C PHE B 195 17.14 -7.48 -50.01
N VAL B 196 16.91 -7.66 -48.71
CA VAL B 196 16.29 -6.64 -47.88
C VAL B 196 17.22 -6.36 -46.71
N LEU B 197 17.55 -5.10 -46.50
CA LEU B 197 18.49 -4.71 -45.46
C LEU B 197 17.73 -4.27 -44.21
N LEU B 198 18.11 -4.82 -43.07
CA LEU B 198 17.52 -4.45 -41.78
C LEU B 198 18.59 -3.81 -40.92
N VAL B 199 18.30 -2.59 -40.44
CA VAL B 199 19.17 -1.84 -39.55
C VAL B 199 18.31 -1.39 -38.37
N SER B 200 18.96 -1.14 -37.24
CA SER B 200 18.21 -0.69 -36.07
C SER B 200 19.13 0.07 -35.13
N GLY B 201 18.55 1.04 -34.43
CA GLY B 201 19.26 1.79 -33.41
C GLY B 201 20.47 2.57 -33.92
N LEU B 202 20.23 3.56 -34.77
CA LEU B 202 21.33 4.39 -35.24
C LEU B 202 21.99 5.15 -34.10
N GLY B 203 21.19 5.66 -33.17
CA GLY B 203 21.72 6.38 -32.03
C GLY B 203 22.40 7.69 -32.36
N LEU B 204 21.79 8.50 -33.22
CA LEU B 204 22.35 9.79 -33.57
C LEU B 204 22.32 10.73 -32.37
N GLY B 205 23.33 11.60 -32.30
CA GLY B 205 23.49 12.52 -31.19
C GLY B 205 24.39 12.03 -30.08
N GLY B 206 24.85 10.78 -30.14
CA GLY B 206 25.75 10.28 -29.11
C GLY B 206 27.15 10.84 -29.21
N GLY B 207 27.58 11.23 -30.41
CA GLY B 207 28.86 11.84 -30.62
C GLY B 207 30.01 10.88 -30.84
N GLY B 208 29.78 9.58 -30.78
CA GLY B 208 30.84 8.61 -30.97
C GLY B 208 31.45 8.65 -32.36
N GLY B 209 32.78 8.80 -32.42
CA GLY B 209 33.45 8.89 -33.71
C GLY B 209 33.37 7.59 -34.50
N GLU B 210 33.61 6.46 -33.85
CA GLU B 210 33.54 5.18 -34.54
C GLU B 210 32.11 4.89 -35.01
N SER B 211 31.12 5.19 -34.17
CA SER B 211 29.74 4.98 -34.57
C SER B 211 29.37 5.86 -35.76
N LEU B 212 29.82 7.12 -35.76
CA LEU B 212 29.52 8.00 -36.88
C LEU B 212 30.21 7.53 -38.16
N LEU B 213 31.46 7.07 -38.06
CA LEU B 213 32.13 6.55 -39.24
C LEU B 213 31.43 5.30 -39.75
N GLY B 214 30.96 4.45 -38.85
CA GLY B 214 30.21 3.28 -39.28
C GLY B 214 28.92 3.63 -39.98
N THR B 215 28.20 4.62 -39.45
CA THR B 215 26.98 5.08 -40.12
C THR B 215 27.29 5.63 -41.50
N GLN B 216 28.36 6.42 -41.61
CA GLN B 216 28.77 6.96 -42.91
C GLN B 216 29.10 5.84 -43.89
N LEU B 217 29.83 4.83 -43.44
CA LEU B 217 30.17 3.71 -44.32
C LEU B 217 28.93 2.94 -44.75
N LEU B 218 27.98 2.73 -43.84
CA LEU B 218 26.74 2.05 -44.20
C LEU B 218 25.97 2.85 -45.26
N VAL B 219 25.86 4.17 -45.05
CA VAL B 219 25.15 5.01 -46.02
C VAL B 219 25.83 4.94 -47.38
N ASP B 220 27.17 4.97 -47.40
CA ASP B 220 27.87 4.92 -48.68
C ASP B 220 27.72 3.57 -49.35
N VAL B 221 27.70 2.48 -48.58
CA VAL B 221 27.60 1.15 -49.17
C VAL B 221 26.21 0.94 -49.77
N VAL B 222 25.16 1.32 -49.03
CA VAL B 222 23.80 1.09 -49.53
C VAL B 222 23.55 1.89 -50.81
N THR B 223 23.99 3.14 -50.83
CA THR B 223 23.76 4.01 -51.98
C THR B 223 24.78 3.80 -53.09
N GLY B 224 25.74 2.92 -52.92
CA GLY B 224 26.70 2.63 -53.96
C GLY B 224 27.83 3.61 -54.11
N GLN B 225 28.02 4.51 -53.13
CA GLN B 225 29.15 5.43 -53.18
C GLN B 225 30.48 4.69 -53.05
N LEU B 226 30.55 3.73 -52.15
CA LEU B 226 31.81 3.12 -51.74
C LEU B 226 31.82 1.63 -52.08
N GLY B 227 32.90 1.19 -52.70
CA GLY B 227 33.07 -0.22 -53.05
C GLY B 227 33.50 -0.41 -54.48
N ASP B 228 34.18 -1.53 -54.74
CA ASP B 228 34.62 -1.85 -56.08
C ASP B 228 33.41 -2.24 -56.95
N GLU B 229 33.68 -2.52 -58.22
CA GLU B 229 32.60 -2.80 -59.16
C GLU B 229 31.78 -4.02 -58.73
N GLY B 230 32.45 -5.07 -58.26
CA GLY B 230 31.73 -6.24 -57.80
C GLY B 230 30.85 -5.94 -56.61
N GLU B 231 31.38 -5.19 -55.64
CA GLU B 231 30.60 -4.84 -54.47
C GLU B 231 29.41 -3.97 -54.84
N GLN B 232 29.61 -3.00 -55.73
CA GLN B 232 28.50 -2.14 -56.15
C GLN B 232 27.44 -2.95 -56.87
N CYS B 233 27.85 -3.86 -57.75
CA CYS B 233 26.87 -4.70 -58.44
C CYS B 233 26.09 -5.57 -57.48
N SER B 234 26.78 -6.15 -56.49
CA SER B 234 26.08 -7.02 -55.53
C SER B 234 25.15 -6.22 -54.64
N ALA B 235 25.52 -4.98 -54.30
CA ALA B 235 24.66 -4.14 -53.48
C ALA B 235 23.54 -3.49 -54.26
N ALA B 236 23.62 -3.46 -55.59
CA ALA B 236 22.54 -2.93 -56.41
C ALA B 236 21.27 -3.76 -56.31
N HIS B 237 21.33 -4.97 -55.77
CA HIS B 237 20.16 -5.82 -55.65
C HIS B 237 19.38 -5.58 -54.35
N VAL B 238 19.90 -4.75 -53.45
CA VAL B 238 19.19 -4.45 -52.21
C VAL B 238 17.96 -3.63 -52.56
N SER B 239 16.78 -4.24 -52.47
CA SER B 239 15.55 -3.62 -52.95
C SER B 239 14.84 -2.76 -51.91
N ARG B 240 15.30 -2.75 -50.66
CA ARG B 240 14.62 -1.97 -49.64
C ARG B 240 15.55 -1.77 -48.46
N VAL B 241 15.20 -0.79 -47.62
CA VAL B 241 15.91 -0.52 -46.37
C VAL B 241 14.87 -0.21 -45.31
N ILE B 242 15.03 -0.82 -44.13
CA ILE B 242 14.12 -0.62 -43.01
C ILE B 242 14.92 -0.16 -41.80
N LEU B 243 14.54 0.98 -41.23
CA LEU B 243 15.18 1.50 -40.03
C LEU B 243 14.17 1.38 -38.89
N ALA B 244 14.46 0.51 -37.92
CA ALA B 244 13.49 0.11 -36.91
C ALA B 244 13.87 0.69 -35.55
N GLY B 245 13.37 1.89 -35.27
CA GLY B 245 13.36 2.41 -33.91
C GLY B 245 14.68 2.86 -33.35
N ASN B 246 14.63 3.55 -32.21
CA ASN B 246 15.82 4.03 -31.48
C ASN B 246 16.74 4.83 -32.40
N LEU B 247 16.14 5.70 -33.21
CA LEU B 247 16.93 6.47 -34.16
C LEU B 247 17.81 7.50 -33.46
N LEU B 248 17.29 8.13 -32.40
CA LEU B 248 18.03 9.17 -31.70
C LEU B 248 18.83 8.55 -30.56
N SER B 249 19.38 9.41 -29.69
CA SER B 249 20.21 8.96 -28.58
C SER B 249 19.41 8.99 -27.28
N HIS B 250 20.04 8.46 -26.23
CA HIS B 250 19.39 8.41 -24.92
C HIS B 250 19.15 9.80 -24.36
N SER B 251 20.12 10.69 -24.51
CA SER B 251 20.06 12.02 -23.91
C SER B 251 19.26 13.02 -24.73
N THR B 252 18.75 12.62 -25.89
CA THR B 252 17.97 13.52 -26.73
C THR B 252 16.50 13.61 -26.30
N GLN B 253 16.10 12.86 -25.27
CA GLN B 253 14.75 12.92 -24.73
C GLN B 253 14.78 13.63 -23.39
N SER B 254 13.94 14.65 -23.24
CA SER B 254 13.88 15.42 -22.01
C SER B 254 12.83 14.86 -21.07
N ALA B 270 17.25 18.98 -23.86
CA ALA B 270 16.67 18.26 -24.98
C ALA B 270 17.68 18.15 -26.13
N ALA B 271 17.95 19.28 -26.78
CA ALA B 271 18.90 19.40 -27.88
C ALA B 271 18.55 18.48 -29.05
N SER B 272 17.28 18.06 -29.16
CA SER B 272 16.86 17.23 -30.28
C SER B 272 16.83 17.98 -31.59
N VAL B 273 16.94 19.31 -31.56
CA VAL B 273 16.87 20.10 -32.78
C VAL B 273 18.07 19.85 -33.70
N GLU B 274 19.15 19.27 -33.17
CA GLU B 274 20.30 18.88 -33.98
C GLU B 274 20.23 17.42 -34.42
N ALA B 275 19.79 16.53 -33.52
CA ALA B 275 19.64 15.12 -33.89
C ALA B 275 18.61 14.96 -35.00
N VAL B 276 17.51 15.73 -34.94
CA VAL B 276 16.50 15.64 -35.99
C VAL B 276 17.07 16.10 -37.33
N LYS B 277 17.88 17.17 -37.32
CA LYS B 277 18.51 17.63 -38.55
C LYS B 277 19.44 16.57 -39.12
N MET B 278 20.24 15.93 -38.25
CA MET B 278 21.13 14.87 -38.72
C MET B 278 20.34 13.72 -39.32
N LEU B 279 19.26 13.32 -38.65
CA LEU B 279 18.43 12.23 -39.16
C LEU B 279 17.81 12.60 -40.50
N ASP B 280 17.37 13.86 -40.63
CA ASP B 280 16.78 14.30 -41.88
C ASP B 280 17.81 14.26 -43.01
N GLU B 281 19.05 14.67 -42.73
CA GLU B 281 20.08 14.61 -43.76
C GLU B 281 20.38 13.17 -44.16
N ILE B 282 20.44 12.27 -43.18
CA ILE B 282 20.69 10.85 -43.49
C ILE B 282 19.56 10.28 -44.34
N LEU B 283 18.31 10.60 -44.00
CA LEU B 283 17.19 10.11 -44.78
C LEU B 283 17.14 10.73 -46.17
N LEU B 284 17.60 11.99 -46.31
CA LEU B 284 17.72 12.57 -47.64
C LEU B 284 18.77 11.83 -48.47
N GLN B 285 19.89 11.46 -47.84
CA GLN B 285 20.91 10.69 -48.56
C GLN B 285 20.36 9.34 -48.99
N LEU B 286 19.62 8.66 -48.10
CA LEU B 286 19.17 7.31 -48.40
C LEU B 286 18.02 7.31 -49.42
N SER B 287 17.09 8.26 -49.29
CA SER B 287 15.87 8.22 -50.08
C SER B 287 16.11 8.51 -51.56
N ALA B 288 17.27 9.04 -51.92
CA ALA B 288 17.57 9.35 -53.31
C ALA B 288 18.14 8.16 -54.07
N SER B 289 18.37 7.02 -53.40
CA SER B 289 18.93 5.86 -54.08
C SER B 289 18.26 4.55 -53.71
N VAL B 290 17.38 4.49 -52.71
CA VAL B 290 16.76 3.25 -52.28
C VAL B 290 15.56 3.56 -51.40
N PRO B 291 14.43 2.87 -51.56
CA PRO B 291 13.28 3.12 -50.69
C PRO B 291 13.63 2.89 -49.23
N VAL B 292 13.10 3.75 -48.36
CA VAL B 292 13.39 3.71 -46.94
C VAL B 292 12.07 3.62 -46.19
N ASP B 293 11.99 2.73 -45.21
CA ASP B 293 10.83 2.60 -44.34
C ASP B 293 11.26 2.82 -42.91
N VAL B 294 10.67 3.82 -42.26
CA VAL B 294 11.07 4.23 -40.91
C VAL B 294 9.99 3.81 -39.92
N MET B 295 10.40 3.08 -38.89
CA MET B 295 9.53 2.67 -37.80
C MET B 295 9.92 3.40 -36.52
N PRO B 296 9.01 4.13 -35.90
CA PRO B 296 9.36 4.86 -34.68
C PRO B 296 9.69 3.91 -33.53
N GLY B 297 10.55 4.38 -32.63
CA GLY B 297 10.97 3.57 -31.51
C GLY B 297 10.63 4.15 -30.16
N GLU B 298 11.26 3.62 -29.09
CA GLU B 298 10.98 4.12 -27.75
C GLU B 298 11.48 5.54 -27.56
N PHE B 299 12.66 5.86 -28.09
CA PHE B 299 13.28 7.16 -27.90
C PHE B 299 12.94 8.15 -29.01
N ASP B 300 12.13 7.75 -29.98
CA ASP B 300 11.75 8.66 -31.06
C ASP B 300 10.60 9.56 -30.61
N PRO B 301 10.46 10.74 -31.23
CA PRO B 301 9.40 11.67 -30.80
C PRO B 301 8.00 11.22 -31.20
N THR B 302 7.41 10.31 -30.43
CA THR B 302 6.05 9.86 -30.65
C THR B 302 5.46 9.37 -29.33
N ASN B 303 4.19 9.01 -29.35
CA ASN B 303 3.50 8.62 -28.12
C ASN B 303 4.00 7.27 -27.62
N TYR B 304 3.67 6.97 -26.36
CA TYR B 304 4.22 5.81 -25.67
C TYR B 304 3.16 4.73 -25.47
N THR B 305 2.29 4.54 -26.45
CA THR B 305 1.47 3.33 -26.47
C THR B 305 2.26 2.26 -27.19
N LEU B 306 1.71 1.05 -27.31
CA LEU B 306 2.48 0.07 -28.07
C LEU B 306 2.29 0.31 -29.57
N PRO B 307 1.06 0.48 -30.08
CA PRO B 307 0.94 0.94 -31.47
C PRO B 307 1.32 2.40 -31.58
N GLN B 308 2.49 2.69 -32.13
CA GLN B 308 3.02 4.05 -32.19
C GLN B 308 2.79 4.58 -33.60
N GLN B 309 2.04 5.68 -33.70
CA GLN B 309 1.69 6.28 -34.98
C GLN B 309 2.93 6.83 -35.66
N PRO B 310 2.93 6.97 -36.99
CA PRO B 310 4.15 7.36 -37.70
C PRO B 310 4.61 8.76 -37.31
N LEU B 311 5.91 9.00 -37.48
CA LEU B 311 6.48 10.32 -37.23
C LEU B 311 5.83 11.36 -38.12
N HIS B 312 5.56 12.52 -37.57
CA HIS B 312 4.91 13.58 -38.33
C HIS B 312 5.81 14.05 -39.45
N PRO B 313 5.30 14.23 -40.67
CA PRO B 313 6.18 14.63 -41.78
C PRO B 313 6.74 16.04 -41.66
N CYS B 314 6.15 16.89 -40.80
CA CYS B 314 6.65 18.25 -40.69
C CYS B 314 8.08 18.30 -40.13
N MET B 315 8.47 17.29 -39.35
CA MET B 315 9.82 17.24 -38.81
C MET B 315 10.87 16.94 -39.87
N PHE B 316 10.48 16.58 -41.08
CA PHE B 316 11.40 16.20 -42.15
C PHE B 316 11.13 17.07 -43.37
N PRO B 317 11.54 18.34 -43.33
CA PRO B 317 11.28 19.22 -44.49
C PRO B 317 11.96 18.78 -45.77
N LEU B 318 13.15 18.17 -45.68
CA LEU B 318 13.93 17.84 -46.86
C LEU B 318 13.62 16.44 -47.39
N ALA B 319 13.63 15.44 -46.52
CA ALA B 319 13.49 14.06 -46.97
C ALA B 319 12.11 13.81 -47.56
N THR B 320 11.08 14.43 -47.01
CA THR B 320 9.72 14.22 -47.51
C THR B 320 9.51 14.76 -48.92
N ALA B 321 10.45 15.55 -49.45
CA ALA B 321 10.30 16.06 -50.80
C ALA B 321 10.24 14.94 -51.82
N TYR B 322 10.84 13.79 -51.53
CA TYR B 322 10.80 12.64 -52.41
C TYR B 322 9.59 11.77 -52.09
N SER B 323 9.40 10.70 -52.87
CA SER B 323 8.30 9.78 -52.68
C SER B 323 8.73 8.39 -52.25
N THR B 324 10.03 8.10 -52.27
CA THR B 324 10.48 6.78 -51.84
C THR B 324 10.44 6.64 -50.32
N LEU B 325 10.73 7.71 -49.60
CA LEU B 325 10.69 7.67 -48.15
C LEU B 325 9.28 7.36 -47.66
N GLN B 326 9.19 6.53 -46.62
CA GLN B 326 7.89 6.18 -46.05
C GLN B 326 8.04 5.98 -44.55
N LEU B 327 7.04 6.43 -43.80
CA LEU B 327 7.01 6.30 -42.36
C LEU B 327 5.83 5.41 -41.98
N VAL B 328 6.07 4.43 -41.11
CA VAL B 328 5.04 3.42 -40.85
C VAL B 328 4.79 3.27 -39.36
N THR B 329 3.79 2.46 -39.01
CA THR B 329 3.42 2.22 -37.62
C THR B 329 4.47 1.37 -36.92
N ASN B 330 4.27 1.07 -35.64
CA ASN B 330 5.33 0.36 -34.92
C ASN B 330 5.39 -1.10 -35.38
N PRO B 331 4.33 -1.92 -35.23
CA PRO B 331 4.39 -3.26 -35.83
C PRO B 331 4.19 -3.19 -37.34
N TYR B 332 5.27 -3.36 -38.10
CA TYR B 332 5.25 -3.10 -39.54
C TYR B 332 4.84 -4.34 -40.34
N GLN B 333 3.57 -4.73 -40.26
CA GLN B 333 3.07 -5.86 -41.02
C GLN B 333 2.95 -5.50 -42.50
N ALA B 334 3.82 -6.03 -43.34
CA ALA B 334 3.86 -5.69 -44.75
C ALA B 334 4.00 -6.95 -45.60
N THR B 335 3.87 -6.77 -46.92
CA THR B 335 4.07 -7.85 -47.88
C THR B 335 4.97 -7.35 -48.99
N ILE B 336 6.11 -8.01 -49.19
CA ILE B 336 7.09 -7.64 -50.19
C ILE B 336 7.34 -8.85 -51.08
N ASP B 337 7.04 -8.72 -52.37
CA ASP B 337 7.30 -9.77 -53.35
C ASP B 337 6.62 -11.08 -52.98
N GLY B 338 5.43 -10.99 -52.40
CA GLY B 338 4.70 -12.17 -51.99
C GLY B 338 5.17 -12.79 -50.68
N VAL B 339 6.14 -12.18 -50.01
CA VAL B 339 6.67 -12.69 -48.75
C VAL B 339 6.25 -11.71 -47.65
N ARG B 340 5.66 -12.25 -46.58
CA ARG B 340 5.08 -11.41 -45.54
C ARG B 340 6.10 -11.14 -44.44
N PHE B 341 6.21 -9.87 -44.04
CA PHE B 341 7.13 -9.44 -43.00
C PHE B 341 6.33 -8.86 -41.84
N LEU B 342 6.77 -9.16 -40.62
CA LEU B 342 6.18 -8.59 -39.42
C LEU B 342 7.30 -8.25 -38.46
N GLY B 343 7.30 -7.02 -37.96
CA GLY B 343 8.37 -6.57 -37.08
C GLY B 343 7.87 -5.56 -36.07
N THR B 344 8.70 -5.35 -35.05
CA THR B 344 8.41 -4.42 -33.97
C THR B 344 9.66 -3.60 -33.70
N SER B 345 9.64 -2.86 -32.59
CA SER B 345 10.78 -2.04 -32.19
C SER B 345 11.60 -2.67 -31.07
N GLY B 346 11.16 -3.78 -30.49
CA GLY B 346 11.90 -4.45 -29.44
C GLY B 346 11.46 -4.15 -28.03
N GLN B 347 10.31 -3.49 -27.85
CA GLN B 347 9.85 -3.18 -26.50
C GLN B 347 9.29 -4.41 -25.81
N ASN B 348 8.51 -5.23 -26.53
CA ASN B 348 7.94 -6.43 -25.94
C ASN B 348 9.01 -7.40 -25.49
N VAL B 349 10.04 -7.59 -26.32
CA VAL B 349 11.13 -8.50 -25.96
C VAL B 349 11.85 -8.00 -24.72
N SER B 350 12.11 -6.69 -24.64
CA SER B 350 12.79 -6.14 -23.47
C SER B 350 11.95 -6.31 -22.22
N ASP B 351 10.63 -6.07 -22.32
CA ASP B 351 9.78 -6.22 -21.14
C ASP B 351 9.73 -7.66 -20.67
N ILE B 352 9.60 -8.61 -21.60
CA ILE B 352 9.57 -10.02 -21.23
C ILE B 352 10.90 -10.42 -20.59
N PHE B 353 12.02 -9.98 -21.18
CA PHE B 353 13.32 -10.28 -20.61
C PHE B 353 13.48 -9.68 -19.22
N ARG B 354 12.85 -8.53 -18.96
CA ARG B 354 12.90 -7.95 -17.63
C ARG B 354 11.93 -8.59 -16.65
N TYR B 355 10.94 -9.35 -17.13
CA TYR B 355 9.98 -9.99 -16.25
C TYR B 355 9.97 -11.50 -16.42
N SER B 356 11.11 -12.09 -16.76
CA SER B 356 11.21 -13.54 -16.90
C SER B 356 12.66 -13.95 -16.69
N SER B 357 12.86 -15.25 -16.47
CA SER B 357 14.19 -15.80 -16.22
C SER B 357 14.91 -16.21 -17.48
N MET B 358 14.31 -16.00 -18.65
CA MET B 358 14.99 -16.33 -19.89
C MET B 358 16.12 -15.35 -20.18
N GLU B 359 17.13 -15.82 -20.91
CA GLU B 359 18.31 -15.03 -21.21
C GLU B 359 18.42 -14.73 -22.71
N ASP B 360 18.39 -15.76 -23.55
CA ASP B 360 18.61 -15.57 -24.98
C ASP B 360 17.42 -14.83 -25.59
N HIS B 361 17.71 -13.75 -26.33
CA HIS B 361 16.65 -12.97 -26.95
C HIS B 361 15.96 -13.76 -28.06
N LEU B 362 16.72 -14.57 -28.81
CA LEU B 362 16.12 -15.37 -29.86
C LEU B 362 15.12 -16.38 -29.28
N GLU B 363 15.46 -16.96 -28.13
CA GLU B 363 14.52 -17.85 -27.45
C GLU B 363 13.24 -17.11 -27.06
N ILE B 364 13.38 -15.87 -26.57
CA ILE B 364 12.21 -15.08 -26.21
C ILE B 364 11.35 -14.81 -27.44
N LEU B 365 11.98 -14.48 -28.56
CA LEU B 365 11.23 -14.21 -29.79
C LEU B 365 10.48 -15.46 -30.24
N GLU B 366 11.14 -16.61 -30.22
CA GLU B 366 10.46 -17.85 -30.59
C GLU B 366 9.31 -18.14 -29.65
N TRP B 367 9.50 -17.89 -28.35
CA TRP B 367 8.44 -18.13 -27.38
C TRP B 367 7.24 -17.25 -27.66
N THR B 368 7.47 -15.96 -27.93
CA THR B 368 6.36 -15.08 -28.29
C THR B 368 5.68 -15.54 -29.57
N LEU B 369 6.44 -16.13 -30.49
CA LEU B 369 5.82 -16.69 -31.67
C LEU B 369 4.95 -17.89 -31.35
N ARG B 370 5.32 -18.68 -30.34
CA ARG B 370 4.59 -19.90 -30.02
C ARG B 370 3.44 -19.69 -29.05
N VAL B 371 3.21 -18.47 -28.56
CA VAL B 371 2.00 -18.16 -27.82
C VAL B 371 0.97 -17.45 -28.68
N ARG B 372 1.30 -17.17 -29.94
CA ARG B 372 0.39 -16.52 -30.88
C ARG B 372 -0.04 -15.15 -30.36
N HIS B 373 0.95 -14.35 -29.98
CA HIS B 373 0.70 -13.04 -29.39
C HIS B 373 1.98 -12.23 -29.47
N ILE B 374 1.87 -11.01 -30.01
CA ILE B 374 3.06 -10.18 -30.20
C ILE B 374 3.60 -9.69 -28.86
N SER B 375 2.71 -9.19 -27.99
CA SER B 375 3.10 -8.61 -26.72
C SER B 375 2.24 -9.20 -25.61
N PRO B 376 2.56 -10.42 -25.16
CA PRO B 376 1.73 -11.05 -24.10
C PRO B 376 1.70 -10.26 -22.80
N THR B 377 2.78 -9.57 -22.44
CA THR B 377 2.79 -8.82 -21.19
C THR B 377 1.89 -7.59 -21.24
N ALA B 378 1.57 -7.09 -22.43
CA ALA B 378 0.71 -5.94 -22.54
C ALA B 378 -0.72 -6.31 -22.11
N PRO B 379 -1.45 -5.41 -21.47
CA PRO B 379 -1.01 -4.07 -21.06
C PRO B 379 -0.60 -4.00 -19.59
N ASP B 380 -0.33 -5.14 -18.98
CA ASP B 380 -0.10 -5.18 -17.54
C ASP B 380 1.13 -4.36 -17.15
N THR B 381 2.23 -4.52 -17.89
CA THR B 381 3.45 -3.79 -17.61
C THR B 381 3.92 -2.91 -18.76
N LEU B 382 3.34 -3.06 -19.94
CA LEU B 382 3.71 -2.29 -21.12
C LEU B 382 2.48 -1.51 -21.59
N GLY B 383 2.64 -0.20 -21.76
CA GLY B 383 1.52 0.65 -22.15
C GLY B 383 0.89 0.27 -23.46
N CYS B 384 -0.44 0.19 -23.50
CA CYS B 384 -1.16 -0.17 -24.71
C CYS B 384 -2.45 0.61 -24.80
N TYR B 385 -2.87 0.88 -26.02
CA TYR B 385 -4.15 1.54 -26.25
C TYR B 385 -5.29 0.62 -25.79
N PRO B 386 -6.29 1.15 -25.10
CA PRO B 386 -7.40 0.30 -24.61
C PRO B 386 -8.44 -0.02 -25.67
N PHE B 387 -8.15 -1.03 -26.50
CA PHE B 387 -9.08 -1.47 -27.51
C PHE B 387 -10.33 -2.06 -26.87
N TYR B 388 -11.43 -2.05 -27.61
CA TYR B 388 -12.65 -2.69 -27.12
C TYR B 388 -13.25 -3.60 -28.19
N LYS B 389 -13.08 -3.26 -29.47
CA LYS B 389 -13.65 -4.07 -30.53
C LYS B 389 -12.88 -5.37 -30.69
N THR B 390 -11.61 -5.28 -31.05
CA THR B 390 -10.77 -6.44 -31.27
C THR B 390 -9.37 -6.15 -30.76
N ASP B 391 -8.63 -7.22 -30.47
CA ASP B 391 -7.23 -7.09 -30.11
C ASP B 391 -6.40 -7.44 -31.34
N PRO B 392 -5.72 -6.49 -31.96
CA PRO B 392 -5.03 -6.75 -33.22
C PRO B 392 -3.68 -7.44 -33.08
N PHE B 393 -3.21 -7.69 -31.85
CA PHE B 393 -1.89 -8.29 -31.68
C PHE B 393 -1.87 -9.76 -32.08
N ILE B 394 -2.99 -10.46 -31.92
CA ILE B 394 -3.03 -11.88 -32.25
C ILE B 394 -2.79 -12.07 -33.74
N PHE B 395 -1.94 -13.03 -34.09
CA PHE B 395 -1.61 -13.28 -35.49
C PHE B 395 -2.80 -13.89 -36.20
N PRO B 396 -3.31 -13.29 -37.26
CA PRO B 396 -4.34 -13.95 -38.06
C PRO B 396 -3.75 -15.03 -38.98
N GLU B 397 -2.56 -14.75 -39.51
CA GLU B 397 -1.85 -15.69 -40.37
C GLU B 397 -0.37 -15.65 -40.01
N CYS B 398 0.26 -16.82 -39.97
CA CYS B 398 1.64 -16.92 -39.49
C CYS B 398 2.60 -16.30 -40.49
N PRO B 399 3.38 -15.30 -40.10
CA PRO B 399 4.25 -14.61 -41.07
C PRO B 399 5.41 -15.48 -41.50
N HIS B 400 5.95 -15.16 -42.69
CA HIS B 400 7.12 -15.86 -43.20
C HIS B 400 8.40 -15.40 -42.51
N VAL B 401 8.50 -14.11 -42.20
CA VAL B 401 9.68 -13.56 -41.55
C VAL B 401 9.24 -12.77 -40.33
N TYR B 402 9.85 -13.05 -39.19
CA TYR B 402 9.55 -12.38 -37.93
C TYR B 402 10.85 -11.82 -37.39
N PHE B 403 10.89 -10.51 -37.17
CA PHE B 403 12.11 -9.86 -36.71
C PHE B 403 11.78 -8.81 -35.65
N CYS B 404 12.75 -8.57 -34.77
CA CYS B 404 12.65 -7.50 -33.77
C CYS B 404 14.02 -6.86 -33.62
N GLY B 405 14.04 -5.53 -33.62
CA GLY B 405 15.30 -4.81 -33.53
C GLY B 405 15.71 -4.49 -32.12
N ASN B 406 16.90 -3.90 -32.00
CA ASN B 406 17.46 -3.44 -30.73
C ASN B 406 17.69 -4.60 -29.75
N THR B 407 18.48 -5.56 -30.20
CA THR B 407 18.96 -6.64 -29.36
C THR B 407 20.49 -6.65 -29.33
N PRO B 408 21.11 -6.88 -28.18
CA PRO B 408 22.57 -6.79 -28.11
C PRO B 408 23.32 -7.80 -28.96
N SER B 409 22.68 -8.91 -29.34
CA SER B 409 23.34 -9.95 -30.10
C SER B 409 22.53 -10.27 -31.34
N PHE B 410 23.18 -10.23 -32.50
CA PHE B 410 22.53 -10.61 -33.75
C PHE B 410 22.19 -12.10 -33.73
N GLY B 411 21.01 -12.44 -34.24
CA GLY B 411 20.60 -13.83 -34.26
C GLY B 411 19.71 -14.14 -35.44
N SER B 412 19.74 -15.41 -35.86
CA SER B 412 18.89 -15.87 -36.96
C SER B 412 18.61 -17.35 -36.78
N LYS B 413 17.37 -17.76 -37.05
CA LYS B 413 16.99 -19.14 -36.82
C LYS B 413 15.74 -19.48 -37.64
N ILE B 414 15.72 -20.67 -38.22
CA ILE B 414 14.59 -21.15 -39.00
C ILE B 414 13.87 -22.22 -38.21
N ILE B 415 12.55 -22.08 -38.04
CA ILE B 415 11.76 -23.04 -37.30
C ILE B 415 10.55 -23.47 -38.12
N ARG B 416 10.01 -24.64 -37.77
CA ARG B 416 8.85 -25.20 -38.43
C ARG B 416 7.82 -25.58 -37.38
N GLY B 417 6.55 -25.33 -37.70
CA GLY B 417 5.47 -25.68 -36.81
C GLY B 417 5.03 -27.12 -36.97
N PRO B 418 4.03 -27.50 -36.17
CA PRO B 418 3.52 -28.87 -36.26
C PRO B 418 2.73 -29.14 -37.53
N GLU B 419 2.30 -28.10 -38.24
CA GLU B 419 1.46 -28.22 -39.42
C GLU B 419 2.17 -27.75 -40.67
N ASP B 420 3.47 -28.03 -40.75
CA ASP B 420 4.31 -27.71 -41.91
C ASP B 420 4.35 -26.19 -42.16
N GLN B 421 4.84 -25.47 -41.18
CA GLN B 421 5.13 -24.05 -41.31
C GLN B 421 6.63 -23.84 -41.53
N THR B 422 6.99 -22.60 -41.89
CA THR B 422 8.38 -22.24 -42.11
C THR B 422 8.53 -20.77 -41.75
N VAL B 423 9.12 -20.49 -40.59
CA VAL B 423 9.27 -19.13 -40.08
C VAL B 423 10.75 -18.86 -39.86
N LEU B 424 11.18 -17.64 -40.19
CA LEU B 424 12.53 -17.18 -39.95
C LEU B 424 12.51 -16.08 -38.90
N LEU B 425 13.28 -16.28 -37.83
CA LEU B 425 13.39 -15.31 -36.75
C LEU B 425 14.74 -14.62 -36.84
N VAL B 426 14.73 -13.29 -36.82
CA VAL B 426 15.92 -12.48 -36.91
C VAL B 426 15.92 -11.48 -35.76
N THR B 427 17.00 -11.44 -35.00
CA THR B 427 17.22 -10.43 -33.96
C THR B 427 18.31 -9.51 -34.46
N VAL B 428 17.91 -8.28 -34.81
CA VAL B 428 18.82 -7.31 -35.43
C VAL B 428 19.65 -6.63 -34.35
N PRO B 429 20.96 -6.64 -34.46
CA PRO B 429 21.79 -6.03 -33.41
C PRO B 429 21.66 -4.52 -33.39
N ASP B 430 21.86 -3.95 -32.20
CA ASP B 430 21.85 -2.51 -32.02
C ASP B 430 23.05 -1.91 -32.74
N PHE B 431 22.79 -1.18 -33.83
CA PHE B 431 23.87 -0.70 -34.69
C PHE B 431 24.76 0.33 -34.00
N SER B 432 24.25 1.03 -32.99
CA SER B 432 25.08 2.01 -32.31
C SER B 432 26.21 1.35 -31.52
N ALA B 433 26.04 0.10 -31.12
CA ALA B 433 27.04 -0.60 -30.31
C ALA B 433 27.90 -1.55 -31.15
N THR B 434 27.27 -2.50 -31.84
CA THR B 434 28.01 -3.52 -32.56
C THR B 434 28.30 -3.16 -34.00
N GLN B 435 27.61 -2.15 -34.55
CA GLN B 435 27.80 -1.70 -35.93
C GLN B 435 27.60 -2.85 -36.92
N THR B 436 26.42 -3.46 -36.84
CA THR B 436 26.08 -4.60 -37.68
C THR B 436 24.64 -4.48 -38.17
N ALA B 437 24.42 -4.82 -39.43
CA ALA B 437 23.10 -4.88 -40.03
C ALA B 437 22.89 -6.26 -40.62
N CYS B 438 21.65 -6.53 -41.04
CA CYS B 438 21.29 -7.86 -41.53
C CYS B 438 20.84 -7.78 -42.98
N LEU B 439 21.26 -8.74 -43.79
CA LEU B 439 20.74 -8.92 -45.14
C LEU B 439 19.85 -10.15 -45.14
N VAL B 440 18.60 -9.98 -45.57
CA VAL B 440 17.64 -11.06 -45.67
C VAL B 440 17.43 -11.36 -47.15
N ASN B 441 17.73 -12.59 -47.55
CA ASN B 441 17.44 -13.03 -48.90
C ASN B 441 15.94 -13.31 -49.05
N LEU B 442 15.45 -13.17 -50.27
CA LEU B 442 14.04 -13.40 -50.53
C LEU B 442 13.79 -14.62 -51.41
N ARG B 443 14.83 -15.33 -51.83
CA ARG B 443 14.67 -16.57 -52.58
C ARG B 443 14.86 -17.80 -51.70
N SER B 444 15.96 -17.89 -50.98
CA SER B 444 16.22 -19.00 -50.07
C SER B 444 15.93 -18.67 -48.62
N LEU B 445 15.48 -17.44 -48.33
CA LEU B 445 15.15 -17.01 -46.97
C LEU B 445 16.33 -17.19 -46.01
N ALA B 446 17.52 -16.82 -46.46
CA ALA B 446 18.72 -16.90 -45.64
C ALA B 446 19.08 -15.51 -45.11
N CYS B 447 19.66 -15.49 -43.91
CA CYS B 447 20.04 -14.26 -43.24
C CYS B 447 21.56 -14.21 -43.10
N GLN B 448 22.15 -13.07 -43.48
CA GLN B 448 23.60 -12.90 -43.44
C GLN B 448 23.93 -11.58 -42.75
N PRO B 449 24.69 -11.58 -41.66
CA PRO B 449 25.09 -10.31 -41.05
C PRO B 449 26.14 -9.62 -41.89
N ILE B 450 26.25 -8.31 -41.69
CA ILE B 450 27.26 -7.50 -42.35
C ILE B 450 27.62 -6.35 -41.41
N SER B 451 28.91 -6.19 -41.13
CA SER B 451 29.35 -5.21 -40.13
C SER B 451 30.40 -4.30 -40.72
N PHE B 452 30.42 -3.06 -40.23
CA PHE B 452 31.39 -2.05 -40.62
C PHE B 452 32.15 -1.59 -39.39
N SER B 453 33.42 -1.23 -39.57
CA SER B 453 34.24 -0.79 -38.46
C SER B 453 35.33 0.15 -38.96
N GLY B 454 35.81 0.99 -38.06
CA GLY B 454 36.87 1.93 -38.38
C GLY B 454 38.00 1.84 -37.39
N PHE B 455 39.20 2.16 -37.86
CA PHE B 455 40.39 2.04 -37.04
C PHE B 455 40.44 3.15 -36.00
N GLY B 456 41.18 2.88 -34.92
CA GLY B 456 41.35 3.86 -33.86
C GLY B 456 42.47 3.49 -32.91
N ALA B 457 43.37 4.43 -32.65
CA ALA B 457 44.50 4.20 -31.77
C ALA B 457 45.09 5.51 -31.26
N ASP C 3 47.22 14.68 -68.78
CA ASP C 3 46.36 14.53 -67.61
C ASP C 3 47.11 14.88 -66.32
N GLN C 4 48.06 15.81 -66.43
CA GLN C 4 48.79 16.27 -65.26
C GLN C 4 48.08 17.41 -64.54
N LEU C 5 46.98 17.93 -65.10
CA LEU C 5 46.29 19.05 -64.50
C LEU C 5 45.69 18.68 -63.14
N TYR C 6 44.93 17.58 -63.09
CA TYR C 6 44.37 17.15 -61.81
C TYR C 6 45.47 16.67 -60.87
N LEU C 7 46.56 16.13 -61.43
CA LEU C 7 47.70 15.75 -60.59
C LEU C 7 48.26 16.95 -59.86
N GLU C 8 48.48 18.06 -60.58
CA GLU C 8 49.00 19.26 -59.93
C GLU C 8 47.97 19.86 -58.99
N ASN C 9 46.69 19.75 -59.33
CA ASN C 9 45.64 20.23 -58.43
C ASN C 9 45.68 19.48 -57.10
N ILE C 10 45.80 18.15 -57.17
CA ILE C 10 45.87 17.36 -55.94
C ILE C 10 47.17 17.66 -55.19
N ASP C 11 48.27 17.88 -55.93
CA ASP C 11 49.54 18.20 -55.30
C ASP C 11 49.44 19.50 -54.50
N GLU C 12 48.79 20.51 -55.08
CA GLU C 12 48.59 21.76 -54.35
C GLU C 12 47.57 21.61 -53.23
N PHE C 13 46.60 20.70 -53.39
CA PHE C 13 45.64 20.45 -52.32
C PHE C 13 46.33 19.85 -51.10
N VAL C 14 47.30 18.95 -51.33
CA VAL C 14 47.92 18.25 -50.21
C VAL C 14 49.07 19.06 -49.63
N THR C 15 49.91 19.66 -50.47
CA THR C 15 51.12 20.30 -49.98
C THR C 15 50.81 21.66 -49.36
N ASP C 16 50.30 22.59 -50.16
CA ASP C 16 50.14 23.97 -49.68
C ASP C 16 48.93 24.11 -48.76
N GLN C 17 47.73 23.84 -49.28
CA GLN C 17 46.52 24.00 -48.50
C GLN C 17 46.41 22.97 -47.38
N ASN C 18 47.13 21.86 -47.49
CA ASN C 18 47.19 20.83 -46.44
C ASN C 18 45.79 20.31 -46.10
N LYS C 19 44.99 20.03 -47.13
CA LYS C 19 43.67 19.49 -46.93
C LYS C 19 43.73 17.97 -46.74
N ILE C 20 42.63 17.42 -46.24
CA ILE C 20 42.49 15.98 -46.04
C ILE C 20 41.67 15.46 -47.23
N VAL C 21 42.36 14.88 -48.20
CA VAL C 21 41.74 14.51 -49.47
C VAL C 21 41.19 13.09 -49.36
N THR C 22 39.87 12.98 -49.25
CA THR C 22 39.20 11.69 -49.36
C THR C 22 38.81 11.46 -50.81
N TYR C 23 37.97 10.47 -51.07
CA TYR C 23 37.50 10.26 -52.44
C TYR C 23 36.24 11.06 -52.76
N LYS C 24 35.31 11.16 -51.80
CA LYS C 24 34.10 11.95 -52.03
C LYS C 24 34.43 13.42 -52.22
N TRP C 25 35.37 13.94 -51.42
CA TRP C 25 35.75 15.34 -51.52
C TRP C 25 36.30 15.67 -52.90
N LEU C 26 37.22 14.83 -53.38
CA LEU C 26 37.78 15.05 -54.71
C LEU C 26 36.72 14.88 -55.78
N SER C 27 35.83 13.89 -55.61
CA SER C 27 34.78 13.67 -56.60
C SER C 27 33.88 14.89 -56.72
N TYR C 28 33.48 15.48 -55.59
CA TYR C 28 32.62 16.66 -55.64
C TYR C 28 33.36 17.88 -56.16
N THR C 29 34.64 18.02 -55.80
CA THR C 29 35.39 19.19 -56.25
C THR C 29 35.63 19.15 -57.75
N LEU C 30 36.04 18.01 -58.30
CA LEU C 30 36.34 17.91 -59.72
C LEU C 30 35.14 17.49 -60.55
N GLY C 31 34.03 17.10 -59.93
CA GLY C 31 32.83 16.77 -60.66
C GLY C 31 32.96 15.59 -61.60
N VAL C 32 33.54 14.49 -61.11
CA VAL C 32 33.77 13.30 -61.93
C VAL C 32 33.15 12.10 -61.23
N HIS C 33 33.11 10.98 -61.95
CA HIS C 33 32.58 9.74 -61.40
C HIS C 33 33.48 9.21 -60.29
N VAL C 34 32.87 8.52 -59.33
CA VAL C 34 33.59 8.12 -58.12
C VAL C 34 34.74 7.19 -58.45
N ASN C 35 34.49 6.20 -59.31
CA ASN C 35 35.55 5.25 -59.65
C ASN C 35 36.71 5.97 -60.34
N GLN C 36 36.42 6.95 -61.19
CA GLN C 36 37.49 7.71 -61.82
C GLN C 36 38.29 8.49 -60.78
N ALA C 37 37.62 9.01 -59.75
CA ALA C 37 38.34 9.70 -58.69
C ALA C 37 39.26 8.75 -57.93
N LYS C 38 38.77 7.54 -57.63
CA LYS C 38 39.62 6.56 -56.95
C LYS C 38 40.82 6.19 -57.82
N GLN C 39 40.60 6.03 -59.12
CA GLN C 39 41.72 5.72 -60.02
C GLN C 39 42.71 6.88 -60.07
N MET C 40 42.22 8.12 -60.06
CA MET C 40 43.12 9.27 -60.02
C MET C 40 43.98 9.23 -58.76
N LEU C 41 43.35 8.95 -57.61
CA LEU C 41 44.11 8.91 -56.36
C LEU C 41 45.15 7.80 -56.39
N TYR C 42 44.78 6.63 -56.91
CA TYR C 42 45.74 5.52 -56.98
C TYR C 42 46.91 5.87 -57.90
N ASP C 43 46.62 6.48 -59.05
CA ASP C 43 47.69 6.88 -59.96
C ASP C 43 48.63 7.87 -59.30
N TYR C 44 48.07 8.87 -58.61
CA TYR C 44 48.91 9.86 -57.94
C TYR C 44 49.78 9.21 -56.88
N VAL C 45 49.20 8.34 -56.06
CA VAL C 45 49.96 7.69 -55.01
C VAL C 45 51.11 6.87 -55.60
N GLU C 46 50.81 6.10 -56.64
CA GLU C 46 51.85 5.23 -57.21
C GLU C 46 52.95 6.05 -57.90
N ARG C 47 52.58 7.09 -58.63
CA ARG C 47 53.58 7.87 -59.35
C ARG C 47 54.38 8.79 -58.43
N LYS C 48 53.87 9.12 -57.24
CA LYS C 48 54.62 10.00 -56.35
C LYS C 48 55.90 9.35 -55.85
N ARG C 49 55.84 8.06 -55.51
CA ARG C 49 56.96 7.43 -54.79
C ARG C 49 58.15 7.13 -55.68
N LYS C 50 57.93 6.93 -56.99
CA LYS C 50 59.03 6.55 -57.87
C LYS C 50 60.09 7.65 -57.94
N GLU C 51 59.65 8.91 -58.06
CA GLU C 51 60.57 10.02 -58.30
C GLU C 51 60.91 10.81 -57.05
N ASN C 52 60.09 10.75 -56.01
CA ASN C 52 60.29 11.54 -54.81
C ASN C 52 60.82 10.65 -53.70
N SER C 53 61.96 11.04 -53.12
CA SER C 53 62.56 10.26 -52.04
C SER C 53 61.86 10.47 -50.71
N GLY C 54 61.04 11.52 -50.58
CA GLY C 54 60.33 11.79 -49.35
C GLY C 54 58.88 11.37 -49.41
N ALA C 55 57.99 12.34 -49.63
CA ALA C 55 56.56 12.09 -49.77
C ALA C 55 55.99 11.41 -48.53
N GLN C 56 55.94 12.17 -47.43
CA GLN C 56 55.48 11.64 -46.16
C GLN C 56 53.96 11.47 -46.17
N LEU C 57 53.47 10.51 -46.96
CA LEU C 57 52.04 10.25 -47.06
C LEU C 57 51.61 9.29 -45.96
N HIS C 58 50.30 9.24 -45.74
CA HIS C 58 49.69 8.31 -44.79
C HIS C 58 48.46 7.67 -45.42
N VAL C 59 48.64 7.18 -46.66
CA VAL C 59 47.52 6.62 -47.42
C VAL C 59 46.80 5.57 -46.60
N THR C 60 45.48 5.68 -46.53
CA THR C 60 44.65 4.73 -45.82
C THR C 60 43.73 4.03 -46.81
N TYR C 61 43.77 2.69 -46.78
CA TYR C 61 43.03 1.84 -47.69
C TYR C 61 41.70 1.40 -47.07
N LEU C 62 40.85 0.81 -47.91
CA LEU C 62 39.61 0.18 -47.50
C LEU C 62 39.68 -1.30 -47.88
N VAL C 63 39.32 -2.18 -46.95
CA VAL C 63 39.36 -3.62 -47.17
C VAL C 63 37.99 -4.19 -46.82
N SER C 64 37.46 -5.00 -47.73
CA SER C 64 36.17 -5.65 -47.55
C SER C 64 36.24 -7.10 -48.00
N GLY C 65 35.39 -7.93 -47.40
CA GLY C 65 35.37 -9.34 -47.76
C GLY C 65 34.47 -10.13 -46.84
N SER C 66 34.72 -11.43 -46.79
CA SER C 66 33.97 -12.36 -45.95
C SER C 66 34.83 -12.80 -44.77
N LEU C 67 34.17 -13.22 -43.70
CA LEU C 67 34.86 -13.63 -42.48
C LEU C 67 33.95 -14.56 -41.70
N ILE C 68 34.54 -15.30 -40.77
CA ILE C 68 33.80 -16.25 -39.94
C ILE C 68 33.76 -15.69 -38.52
N GLN C 69 32.56 -15.40 -38.03
CA GLN C 69 32.39 -14.84 -36.70
C GLN C 69 31.19 -15.51 -36.02
N ASN C 70 31.45 -16.16 -34.88
CA ASN C 70 30.41 -16.83 -34.10
C ASN C 70 29.63 -17.83 -34.96
N GLY C 71 30.35 -18.56 -35.81
CA GLY C 71 29.69 -19.53 -36.67
C GLY C 71 28.89 -18.93 -37.80
N HIS C 72 29.06 -17.64 -38.08
CA HIS C 72 28.33 -16.97 -39.14
C HIS C 72 29.28 -16.45 -40.21
N SER C 73 28.80 -16.48 -41.45
CA SER C 73 29.55 -15.96 -42.60
C SER C 73 29.35 -14.44 -42.67
N CYS C 74 29.98 -13.75 -41.74
CA CYS C 74 29.85 -12.31 -41.66
C CYS C 74 30.55 -11.63 -42.83
N HIS C 75 30.08 -10.43 -43.16
CA HIS C 75 30.69 -9.60 -44.18
C HIS C 75 31.35 -8.40 -43.52
N LYS C 76 32.61 -8.15 -43.87
CA LYS C 76 33.41 -7.14 -43.21
C LYS C 76 33.76 -6.04 -44.20
N VAL C 77 33.54 -4.79 -43.79
CA VAL C 77 34.04 -3.61 -44.49
C VAL C 77 34.75 -2.74 -43.46
N ALA C 78 36.00 -2.37 -43.74
CA ALA C 78 36.77 -1.62 -42.76
C ALA C 78 37.76 -0.72 -43.47
N VAL C 79 38.20 0.31 -42.74
CA VAL C 79 39.22 1.24 -43.22
C VAL C 79 40.47 1.02 -42.39
N VAL C 80 41.59 0.72 -43.06
CA VAL C 80 42.82 0.37 -42.36
C VAL C 80 43.99 1.11 -42.99
N ARG C 81 45.03 1.32 -42.19
CA ARG C 81 46.20 2.05 -42.63
C ARG C 81 47.10 1.17 -43.49
N GLU C 82 48.25 1.73 -43.89
CA GLU C 82 49.11 1.10 -44.87
C GLU C 82 50.04 0.04 -44.27
N ASP C 83 50.04 -0.12 -42.95
CA ASP C 83 50.91 -1.10 -42.31
C ASP C 83 50.18 -2.35 -41.85
N LYS C 84 48.89 -2.25 -41.57
CA LYS C 84 48.09 -3.39 -41.13
C LYS C 84 47.42 -4.12 -42.29
N LEU C 85 47.72 -3.73 -43.53
CA LEU C 85 47.03 -4.28 -44.68
C LEU C 85 47.26 -5.78 -44.82
N GLU C 86 48.50 -6.22 -44.63
CA GLU C 86 48.83 -7.63 -44.86
C GLU C 86 48.07 -8.55 -43.90
N ALA C 87 48.00 -8.17 -42.62
CA ALA C 87 47.29 -8.99 -41.66
C ALA C 87 45.81 -9.11 -41.99
N VAL C 88 45.18 -7.98 -42.37
CA VAL C 88 43.76 -8.01 -42.70
C VAL C 88 43.52 -8.80 -43.98
N LYS C 89 44.44 -8.72 -44.95
CA LYS C 89 44.34 -9.56 -46.13
C LYS C 89 44.40 -11.04 -45.76
N SER C 90 45.31 -11.39 -44.85
CA SER C 90 45.44 -12.78 -44.44
C SER C 90 44.18 -13.27 -43.72
N LYS C 91 43.62 -12.44 -42.82
CA LYS C 91 42.49 -12.88 -42.00
C LYS C 91 41.25 -13.13 -42.84
N LEU C 92 40.97 -12.26 -43.81
CA LEU C 92 39.78 -12.42 -44.63
C LEU C 92 39.96 -13.59 -45.59
N ALA C 93 38.96 -14.48 -45.63
CA ALA C 93 39.03 -15.64 -46.52
C ALA C 93 38.94 -15.22 -47.98
N VAL C 94 37.96 -14.37 -48.31
CA VAL C 94 37.73 -13.91 -49.67
C VAL C 94 37.80 -12.39 -49.68
N THR C 95 38.55 -11.83 -50.62
CA THR C 95 38.70 -10.39 -50.76
C THR C 95 37.86 -9.91 -51.94
N ALA C 96 36.95 -8.98 -51.67
CA ALA C 96 36.04 -8.46 -52.69
C ALA C 96 36.50 -7.11 -53.25
N SER C 97 36.68 -6.11 -52.38
CA SER C 97 37.01 -4.76 -52.80
C SER C 97 38.25 -4.27 -52.07
N ILE C 98 39.21 -3.74 -52.81
CA ILE C 98 40.40 -3.09 -52.27
C ILE C 98 40.72 -1.89 -53.15
N HIS C 99 40.74 -0.70 -52.56
CA HIS C 99 41.01 0.52 -53.32
C HIS C 99 41.49 1.60 -52.36
N VAL C 100 42.06 2.65 -52.96
CA VAL C 100 42.54 3.79 -52.16
C VAL C 100 41.36 4.53 -51.57
N TYR C 101 41.48 4.94 -50.31
CA TYR C 101 40.39 5.63 -49.63
C TYR C 101 40.74 7.06 -49.25
N SER C 102 41.84 7.28 -48.53
CA SER C 102 42.11 8.64 -48.07
C SER C 102 43.60 8.94 -48.08
N ILE C 103 43.93 10.18 -48.44
CA ILE C 103 45.30 10.68 -48.48
C ILE C 103 45.37 11.98 -47.71
N GLN C 104 46.23 12.05 -46.70
CA GLN C 104 46.48 13.30 -46.00
C GLN C 104 47.90 13.31 -45.47
N LYS C 105 48.53 14.48 -45.45
CA LYS C 105 49.93 14.57 -45.07
C LYS C 105 50.12 14.40 -43.57
N ALA C 106 49.24 14.98 -42.77
CA ALA C 106 49.37 14.91 -41.32
C ALA C 106 48.80 13.60 -40.82
N MET C 107 49.61 12.83 -40.09
CA MET C 107 49.18 11.53 -39.62
C MET C 107 48.03 11.67 -38.63
N LEU C 108 47.04 10.79 -38.76
CA LEU C 108 45.81 10.87 -38.00
C LEU C 108 45.81 9.84 -36.88
N LYS C 109 45.61 10.31 -35.65
CA LYS C 109 45.51 9.40 -34.52
C LYS C 109 44.22 8.57 -34.59
N ASP C 110 43.12 9.20 -34.99
CA ASP C 110 41.82 8.53 -35.06
C ASP C 110 41.16 8.93 -36.39
N SER C 111 39.89 8.58 -36.53
CA SER C 111 39.16 8.75 -37.77
C SER C 111 38.22 9.95 -37.78
N GLY C 112 38.26 10.79 -36.76
CA GLY C 112 37.37 11.92 -36.66
C GLY C 112 37.46 12.93 -37.80
N PRO C 113 38.67 13.35 -38.17
CA PRO C 113 38.80 14.34 -39.25
C PRO C 113 38.19 13.89 -40.57
N LEU C 114 38.30 12.61 -40.91
CA LEU C 114 37.70 12.11 -42.14
C LEU C 114 36.19 12.32 -42.12
N PHE C 115 35.55 11.94 -41.01
CA PHE C 115 34.11 12.11 -40.88
C PHE C 115 33.74 13.58 -40.96
N ASN C 116 34.49 14.44 -40.29
CA ASN C 116 34.17 15.86 -40.31
C ASN C 116 34.26 16.44 -41.72
N THR C 117 35.32 16.10 -42.46
CA THR C 117 35.49 16.61 -43.80
C THR C 117 34.38 16.13 -44.73
N ASP C 118 34.10 14.82 -44.70
CA ASP C 118 33.06 14.28 -45.56
C ASP C 118 31.69 14.86 -45.22
N TYR C 119 31.39 15.01 -43.92
CA TYR C 119 30.12 15.57 -43.53
C TYR C 119 29.99 17.02 -43.97
N ASP C 120 31.04 17.81 -43.83
CA ASP C 120 30.98 19.21 -44.25
C ASP C 120 30.74 19.32 -45.74
N ILE C 121 31.51 18.59 -46.55
CA ILE C 121 31.31 18.71 -47.99
C ILE C 121 29.96 18.14 -48.40
N LEU C 122 29.46 17.12 -47.70
CA LEU C 122 28.13 16.60 -47.99
C LEU C 122 27.07 17.64 -47.71
N LYS C 123 27.17 18.33 -46.57
CA LYS C 123 26.19 19.35 -46.24
C LYS C 123 26.26 20.52 -47.21
N SER C 124 27.42 20.79 -47.78
CA SER C 124 27.53 21.90 -48.72
C SER C 124 26.82 21.64 -50.05
N ASN C 125 26.52 20.38 -50.38
CA ASN C 125 26.00 20.01 -51.70
C ASN C 125 24.83 19.04 -51.57
N LEU C 126 23.85 19.40 -50.73
CA LEU C 126 22.73 18.49 -50.47
C LEU C 126 21.92 18.19 -51.72
N GLN C 127 21.70 19.19 -52.57
CA GLN C 127 20.80 19.03 -53.70
C GLN C 127 21.27 17.97 -54.70
N ASN C 128 22.56 17.62 -54.69
CA ASN C 128 23.12 16.65 -55.62
C ASN C 128 23.85 15.56 -54.85
N CYS C 129 23.19 15.01 -53.83
CA CYS C 129 23.84 14.06 -52.94
C CYS C 129 24.30 12.81 -53.67
N SER C 130 23.47 12.28 -54.57
CA SER C 130 23.74 11.02 -55.25
C SER C 130 23.77 11.20 -56.76
N LYS C 131 24.27 12.34 -57.23
CA LYS C 131 24.37 12.55 -58.67
C LYS C 131 25.55 11.80 -59.27
N PHE C 132 26.64 11.65 -58.52
CA PHE C 132 27.86 11.05 -59.04
C PHE C 132 28.07 9.61 -58.57
N SER C 133 27.07 9.01 -57.93
CA SER C 133 27.23 7.65 -57.44
C SER C 133 27.19 6.66 -58.60
N ALA C 134 27.52 5.41 -58.30
CA ALA C 134 27.54 4.35 -59.30
C ALA C 134 26.21 3.63 -59.42
N ILE C 135 25.22 3.96 -58.59
CA ILE C 135 23.88 3.41 -58.68
C ILE C 135 22.90 4.55 -58.79
N GLN C 136 22.12 4.57 -59.88
CA GLN C 136 21.14 5.61 -60.12
C GLN C 136 19.78 4.96 -60.34
N CYS C 137 18.77 5.47 -59.63
CA CYS C 137 17.42 4.94 -59.68
C CYS C 137 16.51 5.87 -60.47
N ALA C 138 15.49 5.29 -61.09
CA ALA C 138 14.54 6.05 -61.89
C ALA C 138 13.22 6.31 -61.17
N ALA C 139 12.93 5.57 -60.10
CA ALA C 139 11.68 5.78 -59.37
C ALA C 139 11.73 7.03 -58.48
N ALA C 140 12.90 7.34 -57.92
CA ALA C 140 13.05 8.47 -57.00
C ALA C 140 13.18 9.75 -57.82
N VAL C 141 12.04 10.37 -58.10
CA VAL C 141 11.97 11.65 -58.79
C VAL C 141 11.45 12.69 -57.81
N PRO C 142 12.15 13.80 -57.59
CA PRO C 142 11.70 14.78 -56.60
C PRO C 142 10.35 15.37 -56.98
N ARG C 143 9.53 15.63 -55.96
CA ARG C 143 8.22 16.23 -56.13
C ARG C 143 8.25 17.68 -55.66
N ALA C 144 7.81 18.58 -56.52
CA ALA C 144 7.79 20.01 -56.18
C ALA C 144 6.73 20.32 -55.13
N ARG D 39 -46.10 4.71 -18.73
CA ARG D 39 -44.96 4.58 -17.83
C ARG D 39 -44.54 3.13 -17.66
N ASP D 40 -45.52 2.22 -17.69
CA ASP D 40 -45.24 0.81 -17.48
C ASP D 40 -44.35 0.25 -18.58
N GLU D 41 -44.64 0.59 -19.83
CA GLU D 41 -43.80 0.13 -20.93
C GLU D 41 -42.39 0.71 -20.82
N GLU D 42 -42.28 1.99 -20.51
CA GLU D 42 -40.96 2.60 -20.38
C GLU D 42 -40.20 2.00 -19.21
N GLU D 43 -40.87 1.76 -18.09
CA GLU D 43 -40.21 1.16 -16.94
C GLU D 43 -39.73 -0.26 -17.26
N ALA D 44 -40.56 -1.05 -17.93
CA ALA D 44 -40.16 -2.40 -18.30
C ALA D 44 -38.98 -2.38 -19.27
N GLU D 45 -39.00 -1.46 -20.23
CA GLU D 45 -37.89 -1.34 -21.17
C GLU D 45 -36.60 -0.92 -20.48
N LEU D 46 -36.71 0.02 -19.53
CA LEU D 46 -35.52 0.41 -18.76
C LEU D 46 -34.98 -0.77 -17.97
N GLU D 47 -35.86 -1.56 -17.36
CA GLU D 47 -35.41 -2.72 -16.61
C GLU D 47 -34.72 -3.73 -17.53
N LEU D 48 -35.29 -3.95 -18.71
CA LEU D 48 -34.67 -4.87 -19.67
C LEU D 48 -33.28 -4.38 -20.09
N LEU D 49 -33.15 -3.09 -20.37
CA LEU D 49 -31.85 -2.55 -20.75
C LEU D 49 -30.86 -2.66 -19.60
N ARG D 50 -31.31 -2.43 -18.37
CA ARG D 50 -30.41 -2.56 -17.23
C ARG D 50 -29.94 -4.00 -17.06
N GLN D 51 -30.85 -4.96 -17.24
CA GLN D 51 -30.46 -6.37 -17.20
C GLN D 51 -29.46 -6.69 -18.29
N PHE D 52 -29.65 -6.14 -19.48
CA PHE D 52 -28.68 -6.33 -20.55
C PHE D 52 -27.33 -5.75 -20.19
N ASP D 53 -27.31 -4.59 -19.53
CA ASP D 53 -26.05 -4.00 -19.10
C ASP D 53 -25.35 -4.86 -18.06
N LEU D 54 -26.12 -5.44 -17.14
CA LEU D 54 -25.53 -6.21 -16.05
C LEU D 54 -25.22 -7.66 -16.42
N ALA D 55 -25.53 -8.09 -17.64
CA ALA D 55 -25.19 -9.45 -18.05
C ALA D 55 -23.68 -9.62 -18.09
N TRP D 56 -23.21 -10.78 -17.60
CA TRP D 56 -21.77 -11.00 -17.43
C TRP D 56 -21.12 -11.68 -18.62
N GLN D 57 -21.89 -12.25 -19.54
CA GLN D 57 -21.32 -13.05 -20.62
C GLN D 57 -20.98 -12.22 -21.86
N TYR D 58 -21.16 -10.90 -21.83
CA TYR D 58 -20.78 -10.05 -22.94
C TYR D 58 -19.54 -9.21 -22.66
N GLY D 59 -19.07 -9.17 -21.42
CA GLY D 59 -17.92 -8.37 -21.07
C GLY D 59 -18.30 -7.15 -20.27
N PRO D 60 -17.31 -6.30 -19.96
CA PRO D 60 -17.59 -5.08 -19.18
C PRO D 60 -18.54 -4.15 -19.92
N CYS D 61 -19.07 -3.19 -19.18
CA CYS D 61 -20.05 -2.25 -19.70
C CYS D 61 -19.77 -0.84 -19.23
N THR D 62 -18.49 -0.44 -19.24
CA THR D 62 -18.09 0.90 -18.81
C THR D 62 -17.41 1.62 -19.98
N GLY D 63 -17.89 2.82 -20.27
CA GLY D 63 -17.27 3.67 -21.28
C GLY D 63 -17.70 3.45 -22.70
N ILE D 64 -18.64 2.53 -22.95
CA ILE D 64 -19.12 2.26 -24.30
C ILE D 64 -20.64 2.30 -24.30
N THR D 65 -21.21 2.85 -25.37
CA THR D 65 -22.66 2.91 -25.50
C THR D 65 -23.23 1.52 -25.70
N ARG D 66 -24.53 1.37 -25.40
CA ARG D 66 -25.14 0.05 -25.46
C ARG D 66 -25.21 -0.49 -26.88
N LEU D 67 -25.42 0.38 -27.87
CA LEU D 67 -25.46 -0.09 -29.25
C LEU D 67 -24.11 -0.66 -29.68
N GLN D 68 -23.01 0.01 -29.30
CA GLN D 68 -21.70 -0.51 -29.61
C GLN D 68 -21.46 -1.86 -28.93
N ARG D 69 -21.88 -1.98 -27.67
CA ARG D 69 -21.70 -3.24 -26.96
C ARG D 69 -22.50 -4.36 -27.60
N TRP D 70 -23.73 -4.06 -28.02
CA TRP D 70 -24.56 -5.08 -28.67
C TRP D 70 -23.96 -5.49 -30.02
N CYS D 71 -23.47 -4.51 -30.80
CA CYS D 71 -22.85 -4.85 -32.08
C CYS D 71 -21.58 -5.68 -31.88
N ARG D 72 -20.78 -5.33 -30.89
CA ARG D 72 -19.59 -6.14 -30.58
C ARG D 72 -19.97 -7.55 -30.17
N ALA D 73 -21.02 -7.68 -29.36
CA ALA D 73 -21.48 -9.00 -28.96
C ALA D 73 -21.95 -9.81 -30.16
N LYS D 74 -22.64 -9.17 -31.10
CA LYS D 74 -23.09 -9.88 -32.29
C LYS D 74 -21.92 -10.27 -33.19
N GLN D 75 -20.87 -9.43 -33.25
CA GLN D 75 -19.75 -9.71 -34.14
C GLN D 75 -19.03 -11.00 -33.75
N MET D 76 -19.06 -11.37 -32.47
CA MET D 76 -18.39 -12.57 -32.00
C MET D 76 -19.31 -13.79 -31.99
N GLY D 77 -20.54 -13.68 -32.47
CA GLY D 77 -21.43 -14.80 -32.57
C GLY D 77 -22.15 -15.19 -31.28
N LEU D 78 -22.07 -14.35 -30.25
CA LEU D 78 -22.73 -14.65 -28.99
C LEU D 78 -24.26 -14.55 -29.07
N GLU D 79 -24.79 -14.03 -30.17
CA GLU D 79 -26.22 -13.87 -30.42
C GLU D 79 -26.90 -13.11 -29.28
N PRO D 80 -26.66 -11.82 -29.15
CA PRO D 80 -27.36 -11.01 -28.14
C PRO D 80 -28.83 -10.87 -28.47
N PRO D 81 -29.68 -10.60 -27.49
CA PRO D 81 -31.12 -10.56 -27.72
C PRO D 81 -31.49 -9.49 -28.72
N PRO D 82 -32.47 -9.75 -29.59
CA PRO D 82 -32.92 -8.71 -30.52
C PRO D 82 -33.82 -7.66 -29.89
N GLU D 83 -34.51 -7.98 -28.79
CA GLU D 83 -35.39 -7.01 -28.16
C GLU D 83 -34.61 -5.80 -27.67
N VAL D 84 -33.41 -6.02 -27.14
CA VAL D 84 -32.59 -4.90 -26.68
C VAL D 84 -32.22 -4.00 -27.84
N TRP D 85 -31.86 -4.58 -28.98
CA TRP D 85 -31.53 -3.77 -30.15
C TRP D 85 -32.74 -2.98 -30.63
N GLN D 86 -33.91 -3.61 -30.65
CA GLN D 86 -35.11 -2.90 -31.06
C GLN D 86 -35.43 -1.73 -30.12
N VAL D 87 -35.30 -1.96 -28.82
CA VAL D 87 -35.55 -0.90 -27.85
C VAL D 87 -34.56 0.24 -28.04
N LEU D 88 -33.28 -0.09 -28.25
CA LEU D 88 -32.28 0.95 -28.48
C LEU D 88 -32.60 1.75 -29.73
N LYS D 89 -33.06 1.07 -30.79
CA LYS D 89 -33.34 1.74 -32.05
C LYS D 89 -34.64 2.54 -32.02
N THR D 90 -35.55 2.24 -31.08
CA THR D 90 -36.81 2.97 -31.01
C THR D 90 -36.78 4.17 -30.09
N HIS D 91 -35.68 4.39 -29.36
CA HIS D 91 -35.53 5.54 -28.46
C HIS D 91 -34.18 6.20 -28.72
N PRO D 92 -34.05 6.95 -29.82
CA PRO D 92 -32.75 7.52 -30.18
C PRO D 92 -32.48 8.86 -29.52
N GLY D 93 -31.24 9.02 -29.04
CA GLY D 93 -30.76 10.28 -28.54
C GLY D 93 -30.99 10.54 -27.07
N ASP D 94 -31.89 9.80 -26.44
CA ASP D 94 -32.17 10.02 -25.02
C ASP D 94 -31.04 9.43 -24.19
N PRO D 95 -30.34 10.22 -23.38
CA PRO D 95 -29.22 9.67 -22.60
C PRO D 95 -29.63 8.63 -21.58
N ARG D 96 -30.90 8.56 -21.20
CA ARG D 96 -31.32 7.52 -20.27
C ARG D 96 -31.21 6.12 -20.86
N PHE D 97 -31.17 6.00 -22.19
CA PHE D 97 -31.06 4.72 -22.85
C PHE D 97 -29.66 4.44 -23.38
N GLN D 98 -29.10 5.36 -24.16
CA GLN D 98 -27.81 5.12 -24.80
C GLN D 98 -26.69 5.01 -23.79
N CYS D 99 -26.71 5.84 -22.75
CA CYS D 99 -25.64 5.81 -21.76
C CYS D 99 -25.64 4.52 -20.98
N SER D 100 -24.45 4.07 -20.58
CA SER D 100 -24.31 2.85 -19.81
C SER D 100 -24.81 3.06 -18.38
N LEU D 101 -24.83 1.98 -17.61
CA LEU D 101 -25.37 2.04 -16.25
C LEU D 101 -24.51 2.94 -15.36
N TRP D 102 -23.19 2.77 -15.41
CA TRP D 102 -22.28 3.55 -14.58
C TRP D 102 -21.84 4.85 -15.24
N HIS D 103 -22.65 5.39 -16.16
CA HIS D 103 -22.25 6.59 -16.88
C HIS D 103 -22.16 7.80 -15.97
N LEU D 104 -23.20 8.03 -15.16
CA LEU D 104 -23.24 9.23 -14.33
C LEU D 104 -22.15 9.22 -13.27
N TYR D 105 -21.90 8.08 -12.65
CA TYR D 105 -20.93 8.02 -11.57
C TYR D 105 -19.52 8.24 -12.09
N PRO D 106 -18.66 8.91 -11.33
CA PRO D 106 -17.28 9.19 -11.76
C PRO D 106 -16.30 8.07 -11.40
N LEU D 107 -16.39 6.97 -12.14
CA LEU D 107 -15.52 5.82 -11.93
C LEU D 107 -14.06 6.20 -12.15
ZN ZN E . 2.75 32.83 -34.92
FE1 SF4 F . -9.32 2.86 -5.66
FE2 SF4 F . -7.07 2.85 -4.11
FE3 SF4 F . -6.87 2.62 -6.83
FE4 SF4 F . -7.88 0.55 -5.37
S1 SF4 F . -5.76 1.39 -5.28
S2 SF4 F . -8.73 1.40 -7.30
S3 SF4 F . -8.99 1.69 -3.73
S4 SF4 F . -7.65 4.41 -5.66
#